data_1D4O
# 
_entry.id   1D4O 
# 
_audit_conform.dict_name       mmcif_pdbx.dic 
_audit_conform.dict_version    5.385 
_audit_conform.dict_location   http://mmcif.pdb.org/dictionaries/ascii/mmcif_pdbx.dic 
# 
loop_
_database_2.database_id 
_database_2.database_code 
_database_2.pdbx_database_accession 
_database_2.pdbx_DOI 
PDB   1D4O         pdb_00001d4o 10.2210/pdb1d4o/pdb 
RCSB  RCSB009788   ?            ?                   
WWPDB D_1000009788 ?            ?                   
# 
loop_
_pdbx_audit_revision_history.ordinal 
_pdbx_audit_revision_history.data_content_type 
_pdbx_audit_revision_history.major_revision 
_pdbx_audit_revision_history.minor_revision 
_pdbx_audit_revision_history.revision_date 
1 'Structure model' 1 0 2000-01-20 
2 'Structure model' 1 1 2008-04-27 
3 'Structure model' 1 2 2011-07-13 
4 'Structure model' 1 3 2018-01-31 
5 'Structure model' 1 4 2024-02-07 
# 
_pdbx_audit_revision_details.ordinal             1 
_pdbx_audit_revision_details.revision_ordinal    1 
_pdbx_audit_revision_details.data_content_type   'Structure model' 
_pdbx_audit_revision_details.provider            repository 
_pdbx_audit_revision_details.type                'Initial release' 
_pdbx_audit_revision_details.description         ? 
_pdbx_audit_revision_details.details             ? 
# 
loop_
_pdbx_audit_revision_group.ordinal 
_pdbx_audit_revision_group.revision_ordinal 
_pdbx_audit_revision_group.data_content_type 
_pdbx_audit_revision_group.group 
1 2 'Structure model' 'Version format compliance' 
2 3 'Structure model' 'Version format compliance' 
3 4 'Structure model' Advisory                    
4 4 'Structure model' 'Experimental preparation'  
5 5 'Structure model' Advisory                    
6 5 'Structure model' 'Data collection'           
7 5 'Structure model' 'Database references'       
8 5 'Structure model' 'Derived calculations'      
# 
loop_
_pdbx_audit_revision_category.ordinal 
_pdbx_audit_revision_category.revision_ordinal 
_pdbx_audit_revision_category.data_content_type 
_pdbx_audit_revision_category.category 
1 4 'Structure model' exptl_crystal_grow           
2 4 'Structure model' pdbx_unobs_or_zero_occ_atoms 
3 5 'Structure model' chem_comp_atom               
4 5 'Structure model' chem_comp_bond               
5 5 'Structure model' database_2                   
6 5 'Structure model' pdbx_unobs_or_zero_occ_atoms 
7 5 'Structure model' struct_site                  
# 
loop_
_pdbx_audit_revision_item.ordinal 
_pdbx_audit_revision_item.revision_ordinal 
_pdbx_audit_revision_item.data_content_type 
_pdbx_audit_revision_item.item 
1 4 'Structure model' '_exptl_crystal_grow.temp'            
2 5 'Structure model' '_database_2.pdbx_DOI'                
3 5 'Structure model' '_database_2.pdbx_database_accession' 
4 5 'Structure model' '_struct_site.pdbx_auth_asym_id'      
5 5 'Structure model' '_struct_site.pdbx_auth_comp_id'      
6 5 'Structure model' '_struct_site.pdbx_auth_seq_id'       
# 
_pdbx_database_status.status_code                     REL 
_pdbx_database_status.entry_id                        1D4O 
_pdbx_database_status.recvd_initial_deposition_date   1999-10-04 
_pdbx_database_status.deposit_site                    RCSB 
_pdbx_database_status.process_site                    RCSB 
_pdbx_database_status.status_code_sf                  REL 
_pdbx_database_status.SG_entry                        . 
_pdbx_database_status.pdb_format_compatible           Y 
_pdbx_database_status.status_code_mr                  ? 
_pdbx_database_status.status_code_cs                  ? 
_pdbx_database_status.methods_development_category    ? 
_pdbx_database_status.status_code_nmr_data            ? 
# 
loop_
_audit_author.name 
_audit_author.pdbx_ordinal 
'Prasad, G.S.'  1 
'Sridhar, V.'   2 
'Yamaguchi, M.' 3 
'Hatefi, Y.'    4 
'Stout, C.D.'   5 
# 
_citation.id                        primary 
_citation.title                     'Crystal structure of transhydrogenase domain III at 1.2 A resolution.' 
_citation.journal_abbrev            Nat.Struct.Biol. 
_citation.journal_volume            6 
_citation.page_first                1126 
_citation.page_last                 1131 
_citation.year                      1999 
_citation.journal_id_ASTM           NSBIEW 
_citation.country                   US 
_citation.journal_id_ISSN           1072-8368 
_citation.journal_id_CSD            2024 
_citation.book_publisher            ? 
_citation.pdbx_database_id_PubMed   10581554 
_citation.pdbx_database_id_DOI      10.1038/70067 
# 
loop_
_citation_author.citation_id 
_citation_author.name 
_citation_author.ordinal 
_citation_author.identifier_ORCID 
primary 'Prasad, G.S.'  1 ? 
primary 'Sridhar, V.'   2 ? 
primary 'Yamaguchi, M.' 3 ? 
primary 'Hatefi, Y.'    4 ? 
primary 'Stout, C.D.'   5 ? 
# 
loop_
_entity.id 
_entity.type 
_entity.src_method 
_entity.pdbx_description 
_entity.formula_weight 
_entity.pdbx_number_of_molecules 
_entity.pdbx_ec 
_entity.pdbx_mutation 
_entity.pdbx_fragment 
_entity.details 
1 polymer     man 'NADP(H) TRANSHYDROGENASE'                         20018.066 1   1.6.1.1 ? 'NADP(H) BINDING DOMAIN' ? 
2 non-polymer syn 'NADP NICOTINAMIDE-ADENINE-DINUCLEOTIDE PHOSPHATE' 743.405   1   ?       ? ?                        ? 
3 water       nat water                                              18.015    185 ?       ? ?                        ? 
# 
_entity_poly.entity_id                      1 
_entity_poly.type                           'polypeptide(L)' 
_entity_poly.nstd_linkage                   no 
_entity_poly.nstd_monomer                   no 
_entity_poly.pdbx_seq_one_letter_code       
;MEISGTHTEINLDNAIDMIREANSIIITPGYGLCAAKAQYPIADLVKMLSEQGKKVRFGIHPVAGRMPGQLNVLLAEAGV
PYDIVLEMDEINHDFPDTDLVLVIGANDTVNSAAQEDPNSIIAGMPVLEVWKSKQVIVMKRSLGVGYAAVDNPIFYKPNT
AMLLGDAKKTCDALQAKVRESYQK
;
_entity_poly.pdbx_seq_one_letter_code_can   
;MEISGTHTEINLDNAIDMIREANSIIITPGYGLCAAKAQYPIADLVKMLSEQGKKVRFGIHPVAGRMPGQLNVLLAEAGV
PYDIVLEMDEINHDFPDTDLVLVIGANDTVNSAAQEDPNSIIAGMPVLEVWKSKQVIVMKRSLGVGYAAVDNPIFYKPNT
AMLLGDAKKTCDALQAKVRESYQK
;
_entity_poly.pdbx_strand_id                 A 
_entity_poly.pdbx_target_identifier         ? 
# 
loop_
_pdbx_entity_nonpoly.entity_id 
_pdbx_entity_nonpoly.name 
_pdbx_entity_nonpoly.comp_id 
2 'NADP NICOTINAMIDE-ADENINE-DINUCLEOTIDE PHOSPHATE' NAP 
3 water                                              HOH 
# 
loop_
_entity_poly_seq.entity_id 
_entity_poly_seq.num 
_entity_poly_seq.mon_id 
_entity_poly_seq.hetero 
1 1   MET n 
1 2   GLU n 
1 3   ILE n 
1 4   SER n 
1 5   GLY n 
1 6   THR n 
1 7   HIS n 
1 8   THR n 
1 9   GLU n 
1 10  ILE n 
1 11  ASN n 
1 12  LEU n 
1 13  ASP n 
1 14  ASN n 
1 15  ALA n 
1 16  ILE n 
1 17  ASP n 
1 18  MET n 
1 19  ILE n 
1 20  ARG n 
1 21  GLU n 
1 22  ALA n 
1 23  ASN n 
1 24  SER n 
1 25  ILE n 
1 26  ILE n 
1 27  ILE n 
1 28  THR n 
1 29  PRO n 
1 30  GLY n 
1 31  TYR n 
1 32  GLY n 
1 33  LEU n 
1 34  CYS n 
1 35  ALA n 
1 36  ALA n 
1 37  LYS n 
1 38  ALA n 
1 39  GLN n 
1 40  TYR n 
1 41  PRO n 
1 42  ILE n 
1 43  ALA n 
1 44  ASP n 
1 45  LEU n 
1 46  VAL n 
1 47  LYS n 
1 48  MET n 
1 49  LEU n 
1 50  SER n 
1 51  GLU n 
1 52  GLN n 
1 53  GLY n 
1 54  LYS n 
1 55  LYS n 
1 56  VAL n 
1 57  ARG n 
1 58  PHE n 
1 59  GLY n 
1 60  ILE n 
1 61  HIS n 
1 62  PRO n 
1 63  VAL n 
1 64  ALA n 
1 65  GLY n 
1 66  ARG n 
1 67  MET n 
1 68  PRO n 
1 69  GLY n 
1 70  GLN n 
1 71  LEU n 
1 72  ASN n 
1 73  VAL n 
1 74  LEU n 
1 75  LEU n 
1 76  ALA n 
1 77  GLU n 
1 78  ALA n 
1 79  GLY n 
1 80  VAL n 
1 81  PRO n 
1 82  TYR n 
1 83  ASP n 
1 84  ILE n 
1 85  VAL n 
1 86  LEU n 
1 87  GLU n 
1 88  MET n 
1 89  ASP n 
1 90  GLU n 
1 91  ILE n 
1 92  ASN n 
1 93  HIS n 
1 94  ASP n 
1 95  PHE n 
1 96  PRO n 
1 97  ASP n 
1 98  THR n 
1 99  ASP n 
1 100 LEU n 
1 101 VAL n 
1 102 LEU n 
1 103 VAL n 
1 104 ILE n 
1 105 GLY n 
1 106 ALA n 
1 107 ASN n 
1 108 ASP n 
1 109 THR n 
1 110 VAL n 
1 111 ASN n 
1 112 SER n 
1 113 ALA n 
1 114 ALA n 
1 115 GLN n 
1 116 GLU n 
1 117 ASP n 
1 118 PRO n 
1 119 ASN n 
1 120 SER n 
1 121 ILE n 
1 122 ILE n 
1 123 ALA n 
1 124 GLY n 
1 125 MET n 
1 126 PRO n 
1 127 VAL n 
1 128 LEU n 
1 129 GLU n 
1 130 VAL n 
1 131 TRP n 
1 132 LYS n 
1 133 SER n 
1 134 LYS n 
1 135 GLN n 
1 136 VAL n 
1 137 ILE n 
1 138 VAL n 
1 139 MET n 
1 140 LYS n 
1 141 ARG n 
1 142 SER n 
1 143 LEU n 
1 144 GLY n 
1 145 VAL n 
1 146 GLY n 
1 147 TYR n 
1 148 ALA n 
1 149 ALA n 
1 150 VAL n 
1 151 ASP n 
1 152 ASN n 
1 153 PRO n 
1 154 ILE n 
1 155 PHE n 
1 156 TYR n 
1 157 LYS n 
1 158 PRO n 
1 159 ASN n 
1 160 THR n 
1 161 ALA n 
1 162 MET n 
1 163 LEU n 
1 164 LEU n 
1 165 GLY n 
1 166 ASP n 
1 167 ALA n 
1 168 LYS n 
1 169 LYS n 
1 170 THR n 
1 171 CYS n 
1 172 ASP n 
1 173 ALA n 
1 174 LEU n 
1 175 GLN n 
1 176 ALA n 
1 177 LYS n 
1 178 VAL n 
1 179 ARG n 
1 180 GLU n 
1 181 SER n 
1 182 TYR n 
1 183 GLN n 
1 184 LYS n 
# 
_entity_src_gen.entity_id                          1 
_entity_src_gen.pdbx_src_id                        1 
_entity_src_gen.pdbx_alt_source_flag               sample 
_entity_src_gen.pdbx_seq_type                      ? 
_entity_src_gen.pdbx_beg_seq_num                   ? 
_entity_src_gen.pdbx_end_seq_num                   ? 
_entity_src_gen.gene_src_common_name               cattle 
_entity_src_gen.gene_src_genus                     Bos 
_entity_src_gen.pdbx_gene_src_gene                 ? 
_entity_src_gen.gene_src_species                   ? 
_entity_src_gen.gene_src_strain                    ? 
_entity_src_gen.gene_src_tissue                    ? 
_entity_src_gen.gene_src_tissue_fraction           ? 
_entity_src_gen.gene_src_details                   ? 
_entity_src_gen.pdbx_gene_src_fragment             ? 
_entity_src_gen.pdbx_gene_src_scientific_name      'Bos taurus' 
_entity_src_gen.pdbx_gene_src_ncbi_taxonomy_id     9913 
_entity_src_gen.pdbx_gene_src_variant              ? 
_entity_src_gen.pdbx_gene_src_cell_line            ? 
_entity_src_gen.pdbx_gene_src_atcc                 ? 
_entity_src_gen.pdbx_gene_src_organ                ? 
_entity_src_gen.pdbx_gene_src_organelle            ? 
_entity_src_gen.pdbx_gene_src_cell                 ? 
_entity_src_gen.pdbx_gene_src_cellular_location    MITOCHONDRIA 
_entity_src_gen.host_org_common_name               ? 
_entity_src_gen.pdbx_host_org_scientific_name      'Escherichia coli' 
_entity_src_gen.pdbx_host_org_ncbi_taxonomy_id     562 
_entity_src_gen.host_org_genus                     Escherichia 
_entity_src_gen.pdbx_host_org_gene                 ? 
_entity_src_gen.pdbx_host_org_organ                ? 
_entity_src_gen.host_org_species                   ? 
_entity_src_gen.pdbx_host_org_tissue               ? 
_entity_src_gen.pdbx_host_org_tissue_fraction      ? 
_entity_src_gen.pdbx_host_org_strain               ? 
_entity_src_gen.pdbx_host_org_variant              ? 
_entity_src_gen.pdbx_host_org_cell_line            ? 
_entity_src_gen.pdbx_host_org_atcc                 ? 
_entity_src_gen.pdbx_host_org_culture_collection   ? 
_entity_src_gen.pdbx_host_org_cell                 ? 
_entity_src_gen.pdbx_host_org_organelle            ? 
_entity_src_gen.pdbx_host_org_cellular_location    ? 
_entity_src_gen.pdbx_host_org_vector_type          ? 
_entity_src_gen.pdbx_host_org_vector               ? 
_entity_src_gen.host_org_details                   ? 
_entity_src_gen.expression_system_id               ? 
_entity_src_gen.plasmid_name                       ? 
_entity_src_gen.plasmid_details                    ? 
_entity_src_gen.pdbx_description                   ? 
# 
loop_
_chem_comp.id 
_chem_comp.type 
_chem_comp.mon_nstd_flag 
_chem_comp.name 
_chem_comp.pdbx_synonyms 
_chem_comp.formula 
_chem_comp.formula_weight 
ALA 'L-peptide linking' y ALANINE                                            ?                                            
'C3 H7 N O2'        89.093  
ARG 'L-peptide linking' y ARGININE                                           ?                                            
'C6 H15 N4 O2 1'    175.209 
ASN 'L-peptide linking' y ASPARAGINE                                         ?                                            
'C4 H8 N2 O3'       132.118 
ASP 'L-peptide linking' y 'ASPARTIC ACID'                                    ?                                            
'C4 H7 N O4'        133.103 
CYS 'L-peptide linking' y CYSTEINE                                           ?                                            
'C3 H7 N O2 S'      121.158 
GLN 'L-peptide linking' y GLUTAMINE                                          ?                                            
'C5 H10 N2 O3'      146.144 
GLU 'L-peptide linking' y 'GLUTAMIC ACID'                                    ?                                            
'C5 H9 N O4'        147.129 
GLY 'peptide linking'   y GLYCINE                                            ?                                            
'C2 H5 N O2'        75.067  
HIS 'L-peptide linking' y HISTIDINE                                          ?                                            
'C6 H10 N3 O2 1'    156.162 
HOH non-polymer         . WATER                                              ?                                            'H2 O' 
18.015  
ILE 'L-peptide linking' y ISOLEUCINE                                         ?                                            
'C6 H13 N O2'       131.173 
LEU 'L-peptide linking' y LEUCINE                                            ?                                            
'C6 H13 N O2'       131.173 
LYS 'L-peptide linking' y LYSINE                                             ?                                            
'C6 H15 N2 O2 1'    147.195 
MET 'L-peptide linking' y METHIONINE                                         ?                                            
'C5 H11 N O2 S'     149.211 
NAP non-polymer         . 'NADP NICOTINAMIDE-ADENINE-DINUCLEOTIDE PHOSPHATE' 
;2'-MONOPHOSPHOADENOSINE 5'-DIPHOSPHORIBOSE
;
'C21 H28 N7 O17 P3' 743.405 
PHE 'L-peptide linking' y PHENYLALANINE                                      ?                                            
'C9 H11 N O2'       165.189 
PRO 'L-peptide linking' y PROLINE                                            ?                                            
'C5 H9 N O2'        115.130 
SER 'L-peptide linking' y SERINE                                             ?                                            
'C3 H7 N O3'        105.093 
THR 'L-peptide linking' y THREONINE                                          ?                                            
'C4 H9 N O3'        119.119 
TRP 'L-peptide linking' y TRYPTOPHAN                                         ?                                            
'C11 H12 N2 O2'     204.225 
TYR 'L-peptide linking' y TYROSINE                                           ?                                            
'C9 H11 N O3'       181.189 
VAL 'L-peptide linking' y VALINE                                             ?                                            
'C5 H11 N O2'       117.146 
# 
loop_
_pdbx_poly_seq_scheme.asym_id 
_pdbx_poly_seq_scheme.entity_id 
_pdbx_poly_seq_scheme.seq_id 
_pdbx_poly_seq_scheme.mon_id 
_pdbx_poly_seq_scheme.ndb_seq_num 
_pdbx_poly_seq_scheme.pdb_seq_num 
_pdbx_poly_seq_scheme.auth_seq_num 
_pdbx_poly_seq_scheme.pdb_mon_id 
_pdbx_poly_seq_scheme.auth_mon_id 
_pdbx_poly_seq_scheme.pdb_strand_id 
_pdbx_poly_seq_scheme.pdb_ins_code 
_pdbx_poly_seq_scheme.hetero 
A 1 1   MET 1   1   ?   ?   ?   A . n 
A 1 2   GLU 2   2   ?   ?   ?   A . n 
A 1 3   ILE 3   3   ?   ?   ?   A . n 
A 1 4   SER 4   4   ?   ?   ?   A . n 
A 1 5   GLY 5   5   5   GLY GLY A . n 
A 1 6   THR 6   6   6   THR THR A . n 
A 1 7   HIS 7   7   7   HIS HIS A . n 
A 1 8   THR 8   8   8   THR THR A . n 
A 1 9   GLU 9   9   9   GLU GLU A . n 
A 1 10  ILE 10  10  10  ILE ILE A . n 
A 1 11  ASN 11  11  11  ASN ASN A . n 
A 1 12  LEU 12  12  12  LEU LEU A . n 
A 1 13  ASP 13  13  13  ASP ASP A . n 
A 1 14  ASN 14  14  14  ASN ASN A . n 
A 1 15  ALA 15  15  15  ALA ALA A . n 
A 1 16  ILE 16  16  16  ILE ILE A . n 
A 1 17  ASP 17  17  17  ASP ASP A . n 
A 1 18  MET 18  18  18  MET MET A . n 
A 1 19  ILE 19  19  19  ILE ILE A . n 
A 1 20  ARG 20  20  20  ARG ARG A . n 
A 1 21  GLU 21  21  21  GLU GLU A . n 
A 1 22  ALA 22  22  22  ALA ALA A . n 
A 1 23  ASN 23  23  23  ASN ASN A . n 
A 1 24  SER 24  24  24  SER SER A . n 
A 1 25  ILE 25  25  25  ILE ILE A . n 
A 1 26  ILE 26  26  26  ILE ILE A . n 
A 1 27  ILE 27  27  27  ILE ILE A . n 
A 1 28  THR 28  28  28  THR THR A . n 
A 1 29  PRO 29  29  29  PRO PRO A . n 
A 1 30  GLY 30  30  30  GLY GLY A . n 
A 1 31  TYR 31  31  31  TYR TYR A . n 
A 1 32  GLY 32  32  32  GLY GLY A . n 
A 1 33  LEU 33  33  33  LEU LEU A . n 
A 1 34  CYS 34  34  34  CYS CYS A . n 
A 1 35  ALA 35  35  35  ALA ALA A . n 
A 1 36  ALA 36  36  36  ALA ALA A . n 
A 1 37  LYS 37  37  37  LYS LYS A . n 
A 1 38  ALA 38  38  38  ALA ALA A . n 
A 1 39  GLN 39  39  39  GLN GLN A . n 
A 1 40  TYR 40  40  40  TYR TYR A . n 
A 1 41  PRO 41  41  41  PRO PRO A . n 
A 1 42  ILE 42  42  42  ILE ILE A . n 
A 1 43  ALA 43  43  43  ALA ALA A . n 
A 1 44  ASP 44  44  44  ASP ASP A . n 
A 1 45  LEU 45  45  45  LEU LEU A . n 
A 1 46  VAL 46  46  46  VAL VAL A . n 
A 1 47  LYS 47  47  47  LYS LYS A . n 
A 1 48  MET 48  48  48  MET MET A . n 
A 1 49  LEU 49  49  49  LEU LEU A . n 
A 1 50  SER 50  50  50  SER SER A . n 
A 1 51  GLU 51  51  51  GLU GLU A . n 
A 1 52  GLN 52  52  52  GLN GLN A . n 
A 1 53  GLY 53  53  53  GLY GLY A . n 
A 1 54  LYS 54  54  54  LYS LYS A . n 
A 1 55  LYS 55  55  55  LYS LYS A . n 
A 1 56  VAL 56  56  56  VAL VAL A . n 
A 1 57  ARG 57  57  57  ARG ARG A . n 
A 1 58  PHE 58  58  58  PHE PHE A . n 
A 1 59  GLY 59  59  59  GLY GLY A . n 
A 1 60  ILE 60  60  60  ILE ILE A . n 
A 1 61  HIS 61  61  61  HIS HIS A . n 
A 1 62  PRO 62  62  62  PRO PRO A . n 
A 1 63  VAL 63  63  63  VAL VAL A . n 
A 1 64  ALA 64  64  64  ALA ALA A . n 
A 1 65  GLY 65  65  65  GLY GLY A . n 
A 1 66  ARG 66  66  66  ARG ARG A . n 
A 1 67  MET 67  67  67  MET MET A . n 
A 1 68  PRO 68  68  68  PRO PRO A . n 
A 1 69  GLY 69  69  69  GLY GLY A . n 
A 1 70  GLN 70  70  70  GLN GLN A . n 
A 1 71  LEU 71  71  71  LEU LEU A . n 
A 1 72  ASN 72  72  72  ASN ASN A . n 
A 1 73  VAL 73  73  73  VAL VAL A . n 
A 1 74  LEU 74  74  74  LEU LEU A . n 
A 1 75  LEU 75  75  75  LEU LEU A . n 
A 1 76  ALA 76  76  76  ALA ALA A . n 
A 1 77  GLU 77  77  77  GLU GLU A . n 
A 1 78  ALA 78  78  78  ALA ALA A . n 
A 1 79  GLY 79  79  79  GLY GLY A . n 
A 1 80  VAL 80  80  80  VAL VAL A . n 
A 1 81  PRO 81  81  81  PRO PRO A . n 
A 1 82  TYR 82  82  82  TYR TYR A . n 
A 1 83  ASP 83  83  83  ASP ASP A . n 
A 1 84  ILE 84  84  84  ILE ILE A . n 
A 1 85  VAL 85  85  85  VAL VAL A . n 
A 1 86  LEU 86  86  86  LEU LEU A . n 
A 1 87  GLU 87  87  87  GLU GLU A . n 
A 1 88  MET 88  88  88  MET MET A . n 
A 1 89  ASP 89  89  89  ASP ASP A . n 
A 1 90  GLU 90  90  90  GLU GLU A . n 
A 1 91  ILE 91  91  91  ILE ILE A . n 
A 1 92  ASN 92  92  92  ASN ASN A . n 
A 1 93  HIS 93  93  93  HIS HIS A . n 
A 1 94  ASP 94  94  94  ASP ASP A . n 
A 1 95  PHE 95  95  95  PHE PHE A . n 
A 1 96  PRO 96  96  96  PRO PRO A . n 
A 1 97  ASP 97  97  97  ASP ASP A . n 
A 1 98  THR 98  98  98  THR THR A . n 
A 1 99  ASP 99  99  99  ASP ASP A . n 
A 1 100 LEU 100 100 100 LEU LEU A . n 
A 1 101 VAL 101 101 101 VAL VAL A . n 
A 1 102 LEU 102 102 102 LEU LEU A . n 
A 1 103 VAL 103 103 103 VAL VAL A . n 
A 1 104 ILE 104 104 104 ILE ILE A . n 
A 1 105 GLY 105 105 105 GLY GLY A . n 
A 1 106 ALA 106 106 106 ALA ALA A . n 
A 1 107 ASN 107 107 107 ASN ASN A . n 
A 1 108 ASP 108 108 108 ASP ASP A . n 
A 1 109 THR 109 109 109 THR THR A . n 
A 1 110 VAL 110 110 110 VAL VAL A . n 
A 1 111 ASN 111 111 111 ASN ASN A . n 
A 1 112 SER 112 112 112 SER SER A . n 
A 1 113 ALA 113 113 113 ALA ALA A . n 
A 1 114 ALA 114 114 114 ALA ALA A . n 
A 1 115 GLN 115 115 115 GLN GLN A . n 
A 1 116 GLU 116 116 116 GLU GLU A . n 
A 1 117 ASP 117 117 117 ASP ASP A . n 
A 1 118 PRO 118 118 118 PRO PRO A . n 
A 1 119 ASN 119 119 119 ASN ASN A . n 
A 1 120 SER 120 120 120 SER SER A . n 
A 1 121 ILE 121 121 121 ILE ILE A . n 
A 1 122 ILE 122 122 122 ILE ILE A . n 
A 1 123 ALA 123 123 123 ALA ALA A . n 
A 1 124 GLY 124 124 124 GLY GLY A . n 
A 1 125 MET 125 125 125 MET MET A . n 
A 1 126 PRO 126 126 126 PRO PRO A . n 
A 1 127 VAL 127 127 127 VAL VAL A . n 
A 1 128 LEU 128 128 128 LEU LEU A . n 
A 1 129 GLU 129 129 129 GLU GLU A . n 
A 1 130 VAL 130 130 130 VAL VAL A . n 
A 1 131 TRP 131 131 131 TRP TRP A . n 
A 1 132 LYS 132 132 132 LYS LYS A . n 
A 1 133 SER 133 133 133 SER SER A . n 
A 1 134 LYS 134 134 134 LYS LYS A . n 
A 1 135 GLN 135 135 135 GLN GLN A . n 
A 1 136 VAL 136 136 136 VAL VAL A . n 
A 1 137 ILE 137 137 137 ILE ILE A . n 
A 1 138 VAL 138 138 138 VAL VAL A . n 
A 1 139 MET 139 139 139 MET MET A . n 
A 1 140 LYS 140 140 140 LYS LYS A . n 
A 1 141 ARG 141 141 141 ARG ARG A . n 
A 1 142 SER 142 142 142 SER SER A . n 
A 1 143 LEU 143 143 143 LEU LEU A . n 
A 1 144 GLY 144 144 144 GLY GLY A . n 
A 1 145 VAL 145 145 145 VAL VAL A . n 
A 1 146 GLY 146 146 146 GLY GLY A . n 
A 1 147 TYR 147 147 147 TYR TYR A . n 
A 1 148 ALA 148 148 148 ALA ALA A . n 
A 1 149 ALA 149 149 149 ALA ALA A . n 
A 1 150 VAL 150 150 150 VAL VAL A . n 
A 1 151 ASP 151 151 151 ASP ASP A . n 
A 1 152 ASN 152 152 152 ASN ASN A . n 
A 1 153 PRO 153 153 153 PRO PRO A . n 
A 1 154 ILE 154 154 154 ILE ILE A . n 
A 1 155 PHE 155 155 155 PHE PHE A . n 
A 1 156 TYR 156 156 156 TYR TYR A . n 
A 1 157 LYS 157 157 157 LYS LYS A . n 
A 1 158 PRO 158 158 158 PRO PRO A . n 
A 1 159 ASN 159 159 159 ASN ASN A . n 
A 1 160 THR 160 160 160 THR THR A . n 
A 1 161 ALA 161 161 161 ALA ALA A . n 
A 1 162 MET 162 162 162 MET MET A . n 
A 1 163 LEU 163 163 163 LEU LEU A . n 
A 1 164 LEU 164 164 164 LEU LEU A . n 
A 1 165 GLY 165 165 165 GLY GLY A . n 
A 1 166 ASP 166 166 166 ASP ASP A . n 
A 1 167 ALA 167 167 167 ALA ALA A . n 
A 1 168 LYS 168 168 168 LYS LYS A . n 
A 1 169 LYS 169 169 169 LYS LYS A . n 
A 1 170 THR 170 170 170 THR THR A . n 
A 1 171 CYS 171 171 171 CYS CYS A . n 
A 1 172 ASP 172 172 172 ASP ASP A . n 
A 1 173 ALA 173 173 173 ALA ALA A . n 
A 1 174 LEU 174 174 174 LEU LEU A . n 
A 1 175 GLN 175 175 175 GLN GLN A . n 
A 1 176 ALA 176 176 176 ALA ALA A . n 
A 1 177 LYS 177 177 177 LYS LYS A . n 
A 1 178 VAL 178 178 178 VAL VAL A . n 
A 1 179 ARG 179 179 179 ARG ARG A . n 
A 1 180 GLU 180 180 180 GLU GLU A . n 
A 1 181 SER 181 181 181 SER SER A . n 
A 1 182 TYR 182 182 ?   ?   ?   A . n 
A 1 183 GLN 183 183 ?   ?   ?   A . n 
A 1 184 LYS 184 184 ?   ?   ?   A . n 
# 
loop_
_pdbx_nonpoly_scheme.asym_id 
_pdbx_nonpoly_scheme.entity_id 
_pdbx_nonpoly_scheme.mon_id 
_pdbx_nonpoly_scheme.ndb_seq_num 
_pdbx_nonpoly_scheme.pdb_seq_num 
_pdbx_nonpoly_scheme.auth_seq_num 
_pdbx_nonpoly_scheme.pdb_mon_id 
_pdbx_nonpoly_scheme.auth_mon_id 
_pdbx_nonpoly_scheme.pdb_strand_id 
_pdbx_nonpoly_scheme.pdb_ins_code 
B 2 NAP 1   201 201 NAP NAP A . 
C 3 HOH 1   301 301 HOH HOH A . 
C 3 HOH 2   302 302 HOH HOH A . 
C 3 HOH 3   303 303 HOH HOH A . 
C 3 HOH 4   304 304 HOH HOH A . 
C 3 HOH 5   305 305 HOH HOH A . 
C 3 HOH 6   306 306 HOH HOH A . 
C 3 HOH 7   307 307 HOH HOH A . 
C 3 HOH 8   308 308 HOH HOH A . 
C 3 HOH 9   309 309 HOH HOH A . 
C 3 HOH 10  310 310 HOH HOH A . 
C 3 HOH 11  311 311 HOH HOH A . 
C 3 HOH 12  312 312 HOH HOH A . 
C 3 HOH 13  313 313 HOH HOH A . 
C 3 HOH 14  314 314 HOH HOH A . 
C 3 HOH 15  315 315 HOH HOH A . 
C 3 HOH 16  316 316 HOH HOH A . 
C 3 HOH 17  317 317 HOH HOH A . 
C 3 HOH 18  318 318 HOH HOH A . 
C 3 HOH 19  319 319 HOH HOH A . 
C 3 HOH 20  320 320 HOH HOH A . 
C 3 HOH 21  321 321 HOH HOH A . 
C 3 HOH 22  322 322 HOH HOH A . 
C 3 HOH 23  323 323 HOH HOH A . 
C 3 HOH 24  324 324 HOH HOH A . 
C 3 HOH 25  325 325 HOH HOH A . 
C 3 HOH 26  326 326 HOH HOH A . 
C 3 HOH 27  327 327 HOH HOH A . 
C 3 HOH 28  328 328 HOH HOH A . 
C 3 HOH 29  329 329 HOH HOH A . 
C 3 HOH 30  330 330 HOH HOH A . 
C 3 HOH 31  331 331 HOH HOH A . 
C 3 HOH 32  332 332 HOH HOH A . 
C 3 HOH 33  333 333 HOH HOH A . 
C 3 HOH 34  334 334 HOH HOH A . 
C 3 HOH 35  335 335 HOH HOH A . 
C 3 HOH 36  336 336 HOH HOH A . 
C 3 HOH 37  337 337 HOH HOH A . 
C 3 HOH 38  338 338 HOH HOH A . 
C 3 HOH 39  339 339 HOH HOH A . 
C 3 HOH 40  340 340 HOH HOH A . 
C 3 HOH 41  341 341 HOH HOH A . 
C 3 HOH 42  342 342 HOH HOH A . 
C 3 HOH 43  343 343 HOH HOH A . 
C 3 HOH 44  344 344 HOH HOH A . 
C 3 HOH 45  345 345 HOH HOH A . 
C 3 HOH 46  346 346 HOH HOH A . 
C 3 HOH 47  347 347 HOH HOH A . 
C 3 HOH 48  348 348 HOH HOH A . 
C 3 HOH 49  349 349 HOH HOH A . 
C 3 HOH 50  350 350 HOH HOH A . 
C 3 HOH 51  351 351 HOH HOH A . 
C 3 HOH 52  352 352 HOH HOH A . 
C 3 HOH 53  353 353 HOH HOH A . 
C 3 HOH 54  354 354 HOH HOH A . 
C 3 HOH 55  355 355 HOH HOH A . 
C 3 HOH 56  356 356 HOH HOH A . 
C 3 HOH 57  357 357 HOH HOH A . 
C 3 HOH 58  358 358 HOH HOH A . 
C 3 HOH 59  359 359 HOH HOH A . 
C 3 HOH 60  360 360 HOH HOH A . 
C 3 HOH 61  361 361 HOH HOH A . 
C 3 HOH 62  362 362 HOH HOH A . 
C 3 HOH 63  363 363 HOH HOH A . 
C 3 HOH 64  364 364 HOH HOH A . 
C 3 HOH 65  365 365 HOH HOH A . 
C 3 HOH 66  366 366 HOH HOH A . 
C 3 HOH 67  367 367 HOH HOH A . 
C 3 HOH 68  368 368 HOH HOH A . 
C 3 HOH 69  369 369 HOH HOH A . 
C 3 HOH 70  370 370 HOH HOH A . 
C 3 HOH 71  371 371 HOH HOH A . 
C 3 HOH 72  372 372 HOH HOH A . 
C 3 HOH 73  373 373 HOH HOH A . 
C 3 HOH 74  374 374 HOH HOH A . 
C 3 HOH 75  375 375 HOH HOH A . 
C 3 HOH 76  376 376 HOH HOH A . 
C 3 HOH 77  377 377 HOH HOH A . 
C 3 HOH 78  378 378 HOH HOH A . 
C 3 HOH 79  379 379 HOH HOH A . 
C 3 HOH 80  380 380 HOH HOH A . 
C 3 HOH 81  381 381 HOH HOH A . 
C 3 HOH 82  382 382 HOH HOH A . 
C 3 HOH 83  383 383 HOH HOH A . 
C 3 HOH 84  384 384 HOH HOH A . 
C 3 HOH 85  385 385 HOH HOH A . 
C 3 HOH 86  386 386 HOH HOH A . 
C 3 HOH 87  387 387 HOH HOH A . 
C 3 HOH 88  388 388 HOH HOH A . 
C 3 HOH 89  389 389 HOH HOH A . 
C 3 HOH 90  390 390 HOH HOH A . 
C 3 HOH 91  391 391 HOH HOH A . 
C 3 HOH 92  392 392 HOH HOH A . 
C 3 HOH 93  393 393 HOH HOH A . 
C 3 HOH 94  394 394 HOH HOH A . 
C 3 HOH 95  395 395 HOH HOH A . 
C 3 HOH 96  396 396 HOH HOH A . 
C 3 HOH 97  397 397 HOH HOH A . 
C 3 HOH 98  398 398 HOH HOH A . 
C 3 HOH 99  399 399 HOH HOH A . 
C 3 HOH 100 400 400 HOH HOH A . 
C 3 HOH 101 401 401 HOH HOH A . 
C 3 HOH 102 402 402 HOH HOH A . 
C 3 HOH 103 403 403 HOH HOH A . 
C 3 HOH 104 404 404 HOH HOH A . 
C 3 HOH 105 405 405 HOH HOH A . 
C 3 HOH 106 406 406 HOH HOH A . 
C 3 HOH 107 407 407 HOH HOH A . 
C 3 HOH 108 408 408 HOH HOH A . 
C 3 HOH 109 409 409 HOH HOH A . 
C 3 HOH 110 410 410 HOH HOH A . 
C 3 HOH 111 411 411 HOH HOH A . 
C 3 HOH 112 412 412 HOH HOH A . 
C 3 HOH 113 413 413 HOH HOH A . 
C 3 HOH 114 414 414 HOH HOH A . 
C 3 HOH 115 415 415 HOH HOH A . 
C 3 HOH 116 416 416 HOH HOH A . 
C 3 HOH 117 417 417 HOH HOH A . 
C 3 HOH 118 418 418 HOH HOH A . 
C 3 HOH 119 419 419 HOH HOH A . 
C 3 HOH 120 420 420 HOH HOH A . 
C 3 HOH 121 421 421 HOH HOH A . 
C 3 HOH 122 422 422 HOH HOH A . 
C 3 HOH 123 423 423 HOH HOH A . 
C 3 HOH 124 424 424 HOH HOH A . 
C 3 HOH 125 425 425 HOH HOH A . 
C 3 HOH 126 426 426 HOH HOH A . 
C 3 HOH 127 427 427 HOH HOH A . 
C 3 HOH 128 428 428 HOH HOH A . 
C 3 HOH 129 429 429 HOH HOH A . 
C 3 HOH 130 430 430 HOH HOH A . 
C 3 HOH 131 431 431 HOH HOH A . 
C 3 HOH 132 432 432 HOH HOH A . 
C 3 HOH 133 433 433 HOH HOH A . 
C 3 HOH 134 434 434 HOH HOH A . 
C 3 HOH 135 435 435 HOH HOH A . 
C 3 HOH 136 436 436 HOH HOH A . 
C 3 HOH 137 437 437 HOH HOH A . 
C 3 HOH 138 438 438 HOH HOH A . 
C 3 HOH 139 439 439 HOH HOH A . 
C 3 HOH 140 440 440 HOH HOH A . 
C 3 HOH 141 441 441 HOH HOH A . 
C 3 HOH 142 442 442 HOH HOH A . 
C 3 HOH 143 443 443 HOH HOH A . 
C 3 HOH 144 444 444 HOH HOH A . 
C 3 HOH 145 445 445 HOH HOH A . 
C 3 HOH 146 446 446 HOH HOH A . 
C 3 HOH 147 447 447 HOH HOH A . 
C 3 HOH 148 448 448 HOH HOH A . 
C 3 HOH 149 449 449 HOH HOH A . 
C 3 HOH 150 450 450 HOH HOH A . 
C 3 HOH 151 451 451 HOH HOH A . 
C 3 HOH 152 452 452 HOH HOH A . 
C 3 HOH 153 453 453 HOH HOH A . 
C 3 HOH 154 454 454 HOH HOH A . 
C 3 HOH 155 455 455 HOH HOH A . 
C 3 HOH 156 456 456 HOH HOH A . 
C 3 HOH 157 457 457 HOH HOH A . 
C 3 HOH 158 458 458 HOH HOH A . 
C 3 HOH 159 459 459 HOH HOH A . 
C 3 HOH 160 460 460 HOH HOH A . 
C 3 HOH 161 461 461 HOH HOH A . 
C 3 HOH 162 462 462 HOH HOH A . 
C 3 HOH 163 463 463 HOH HOH A . 
C 3 HOH 164 464 464 HOH HOH A . 
C 3 HOH 165 465 465 HOH HOH A . 
C 3 HOH 166 466 466 HOH HOH A . 
C 3 HOH 167 467 467 HOH HOH A . 
C 3 HOH 168 468 468 HOH HOH A . 
C 3 HOH 169 469 469 HOH HOH A . 
C 3 HOH 170 470 470 HOH HOH A . 
C 3 HOH 171 471 471 HOH HOH A . 
C 3 HOH 172 472 472 HOH HOH A . 
C 3 HOH 173 473 473 HOH HOH A . 
C 3 HOH 174 474 474 HOH HOH A . 
C 3 HOH 175 475 475 HOH HOH A . 
C 3 HOH 176 476 476 HOH HOH A . 
C 3 HOH 177 477 477 HOH HOH A . 
C 3 HOH 178 478 478 HOH HOH A . 
C 3 HOH 179 479 479 HOH HOH A . 
C 3 HOH 180 480 480 HOH HOH A . 
C 3 HOH 181 481 481 HOH HOH A . 
C 3 HOH 182 482 482 HOH HOH A . 
C 3 HOH 183 483 483 HOH HOH A . 
C 3 HOH 184 484 484 HOH HOH A . 
C 3 HOH 185 485 485 HOH HOH A . 
# 
loop_
_pdbx_unobs_or_zero_occ_atoms.id 
_pdbx_unobs_or_zero_occ_atoms.PDB_model_num 
_pdbx_unobs_or_zero_occ_atoms.polymer_flag 
_pdbx_unobs_or_zero_occ_atoms.occupancy_flag 
_pdbx_unobs_or_zero_occ_atoms.auth_asym_id 
_pdbx_unobs_or_zero_occ_atoms.auth_comp_id 
_pdbx_unobs_or_zero_occ_atoms.auth_seq_id 
_pdbx_unobs_or_zero_occ_atoms.PDB_ins_code 
_pdbx_unobs_or_zero_occ_atoms.auth_atom_id 
_pdbx_unobs_or_zero_occ_atoms.label_alt_id 
_pdbx_unobs_or_zero_occ_atoms.label_asym_id 
_pdbx_unobs_or_zero_occ_atoms.label_comp_id 
_pdbx_unobs_or_zero_occ_atoms.label_seq_id 
_pdbx_unobs_or_zero_occ_atoms.label_atom_id 
1 1 Y 0 A ARG 20 ? CD  B A ARG 20 CD  
2 1 Y 0 A ARG 20 ? NE  A A ARG 20 NE  
3 1 Y 0 A ARG 20 ? NH1 A A ARG 20 NH1 
# 
loop_
_software.name 
_software.classification 
_software.version 
_software.citation_id 
_software.pdbx_ordinal 
MLPHARE   phasing          .         ? 1 
SHELXL-97 refinement       .         ? 2 
MOSFLM    'data reduction' .         ? 3 
CCP4      'data scaling'   '(SCALA)' ? 4 
# 
_cell.entry_id           1D4O 
_cell.length_a           33.66 
_cell.length_b           36.73 
_cell.length_c           38.49 
_cell.angle_alpha        68.36 
_cell.angle_beta         87.99 
_cell.angle_gamma        74.80 
_cell.Z_PDB              1 
_cell.pdbx_unique_axis   ? 
# 
_symmetry.entry_id                         1D4O 
_symmetry.space_group_name_H-M             'P 1' 
_symmetry.pdbx_full_space_group_name_H-M   ? 
_symmetry.cell_setting                     ? 
_symmetry.Int_Tables_number                1 
# 
_exptl.entry_id          1D4O 
_exptl.method            'X-RAY DIFFRACTION' 
_exptl.crystals_number   1 
# 
_exptl_crystal.id                    1 
_exptl_crystal.density_meas          ? 
_exptl_crystal.density_Matthews      2.13 
_exptl_crystal.density_percent_sol   42.15 
_exptl_crystal.description           ? 
# 
_exptl_crystal_grow.crystal_id      1 
_exptl_crystal_grow.method          'VAPOR DIFFUSION, SITTING DROP' 
_exptl_crystal_grow.temp            277.0 
_exptl_crystal_grow.temp_details    ? 
_exptl_crystal_grow.pH              7.4 
_exptl_crystal_grow.pdbx_details    
'24% w/v MPEG 5000, 100mM sodium cacodylate and 200mM magnesium acetate., pH 7.4, VAPOR DIFFUSION, SITTING DROP' 
_exptl_crystal_grow.pdbx_pH_range   . 
# 
_diffrn.id                     1 
_diffrn.ambient_temp           100 
_diffrn.ambient_temp_details   ? 
_diffrn.crystal_id             1 
# 
_diffrn_detector.diffrn_id              1 
_diffrn_detector.detector               'IMAGE PLATE' 
_diffrn_detector.type                   MARRESEARCH 
_diffrn_detector.pdbx_collection_date   1999-03-21 
_diffrn_detector.details                ? 
# 
_diffrn_radiation.diffrn_id                        1 
_diffrn_radiation.wavelength_id                    1 
_diffrn_radiation.pdbx_monochromatic_or_laue_m_l   M 
_diffrn_radiation.monochromator                    ? 
_diffrn_radiation.pdbx_diffrn_protocol             'SINGLE WAVELENGTH' 
_diffrn_radiation.pdbx_scattering_type             x-ray 
# 
_diffrn_radiation_wavelength.id           1 
_diffrn_radiation_wavelength.wavelength   1.08 
_diffrn_radiation_wavelength.wt           1.0 
# 
_diffrn_source.diffrn_id                   1 
_diffrn_source.source                      SYNCHROTRON 
_diffrn_source.type                        'SSRL BEAMLINE BL7-1' 
_diffrn_source.pdbx_synchrotron_site       SSRL 
_diffrn_source.pdbx_synchrotron_beamline   BL7-1 
_diffrn_source.pdbx_wavelength             1.08 
_diffrn_source.pdbx_wavelength_list        ? 
# 
_reflns.entry_id                     1D4O 
_reflns.observed_criterion_sigma_I   2.3 
_reflns.observed_criterion_sigma_F   ? 
_reflns.d_resolution_low             54.1 
_reflns.d_resolution_high            1.21 
_reflns.number_obs                   45717 
_reflns.number_all                   89452 
_reflns.percent_possible_obs         91.2 
_reflns.pdbx_Rmerge_I_obs            0.0680000 
_reflns.pdbx_Rsym_value              ? 
_reflns.pdbx_netI_over_sigmaI        4.0 
_reflns.B_iso_Wilson_estimate        21.4 
_reflns.pdbx_redundancy              2.0 
_reflns.R_free_details               ? 
_reflns.limit_h_max                  ? 
_reflns.limit_h_min                  ? 
_reflns.limit_k_max                  ? 
_reflns.limit_k_min                  ? 
_reflns.limit_l_max                  ? 
_reflns.limit_l_min                  ? 
_reflns.observed_criterion_F_max     ? 
_reflns.observed_criterion_F_min     ? 
_reflns.pdbx_diffrn_id               1 
_reflns.pdbx_ordinal                 1 
# 
_reflns_shell.d_res_high             1.21 
_reflns_shell.d_res_low              1.24 
_reflns_shell.percent_possible_all   72.3 
_reflns_shell.Rmerge_I_obs           0.3010000 
_reflns_shell.pdbx_Rsym_value        ? 
_reflns_shell.meanI_over_sigI_obs    ? 
_reflns_shell.pdbx_redundancy        91.2 
_reflns_shell.percent_possible_obs   ? 
_reflns_shell.number_unique_all      2682 
_reflns_shell.pdbx_diffrn_id         ? 
_reflns_shell.pdbx_ordinal           1 
# 
_refine.entry_id                                 1D4O 
_refine.ls_number_reflns_obs                     44334 
_refine.ls_number_reflns_all                     45717 
_refine.pdbx_ls_sigma_I                          0.0 
_refine.pdbx_ls_sigma_F                          0.0 
_refine.pdbx_data_cutoff_high_absF               ? 
_refine.pdbx_data_cutoff_low_absF                ? 
_refine.ls_d_res_low                             50.0 
_refine.ls_d_res_high                            1.21 
_refine.ls_percent_reflns_obs                    91.2 
_refine.ls_R_factor_obs                          0.1670000 
_refine.ls_R_factor_all                          0.1670000 
_refine.ls_R_factor_R_work                       0.1680000 
_refine.ls_R_factor_R_free                       0.2230000 
_refine.ls_R_factor_R_free_error                 ? 
_refine.ls_R_factor_R_free_error_details         ? 
_refine.ls_percent_reflns_R_free                 ? 
_refine.ls_number_reflns_R_free                  1383 
_refine.ls_number_parameters                     ? 
_refine.ls_number_restraints                     ? 
_refine.occupancy_min                            ? 
_refine.occupancy_max                            ? 
_refine.B_iso_mean                               ? 
_refine.aniso_B[1][1]                            ? 
_refine.aniso_B[2][2]                            ? 
_refine.aniso_B[3][3]                            ? 
_refine.aniso_B[1][2]                            ? 
_refine.aniso_B[1][3]                            ? 
_refine.aniso_B[2][3]                            ? 
_refine.solvent_model_details                    ? 
_refine.solvent_model_param_ksol                 ? 
_refine.solvent_model_param_bsol                 ? 
_refine.pdbx_ls_cross_valid_method               ? 
_refine.details                                  'Used Shelx least squares procedure.' 
_refine.pdbx_starting_model                      ? 
_refine.pdbx_method_to_determine_struct          ? 
_refine.pdbx_isotropic_thermal_model             ? 
_refine.pdbx_stereochemistry_target_values       'Engh & Huber' 
_refine.pdbx_stereochem_target_val_spec_case     ? 
_refine.pdbx_R_Free_selection_details            Random 
_refine.pdbx_overall_ESU_R_Free                  ? 
_refine.overall_SU_B                             ? 
_refine.ls_redundancy_reflns_obs                 ? 
_refine.overall_SU_ML                            ? 
_refine.pdbx_overall_ESU_R                       ? 
_refine.pdbx_data_cutoff_high_rms_absF           ? 
_refine.B_iso_min                                ? 
_refine.B_iso_max                                ? 
_refine.pdbx_refine_id                           'X-RAY DIFFRACTION' 
_refine.pdbx_diffrn_id                           1 
_refine.pdbx_TLS_residual_ADP_flag               ? 
_refine.correlation_coeff_Fo_to_Fc               ? 
_refine.correlation_coeff_Fo_to_Fc_free          ? 
_refine.pdbx_solvent_vdw_probe_radii             ? 
_refine.pdbx_solvent_ion_probe_radii             ? 
_refine.pdbx_solvent_shrinkage_radii             ? 
_refine.pdbx_overall_phase_error                 ? 
_refine.overall_SU_R_Cruickshank_DPI             ? 
_refine.pdbx_overall_SU_R_free_Cruickshank_DPI   ? 
_refine.pdbx_overall_SU_R_Blow_DPI               ? 
_refine.pdbx_overall_SU_R_free_Blow_DPI          ? 
# 
_refine_hist.pdbx_refine_id                   'X-RAY DIFFRACTION' 
_refine_hist.cycle_id                         LAST 
_refine_hist.pdbx_number_atoms_protein        1343 
_refine_hist.pdbx_number_atoms_nucleic_acid   0 
_refine_hist.pdbx_number_atoms_ligand         48 
_refine_hist.number_atoms_solvent             185 
_refine_hist.number_atoms_total               1576 
_refine_hist.d_res_high                       1.21 
_refine_hist.d_res_low                        50.0 
# 
loop_
_refine_ls_restr.type 
_refine_ls_restr.dev_ideal 
_refine_ls_restr.dev_ideal_target 
_refine_ls_restr.weight 
_refine_ls_restr.number 
_refine_ls_restr.pdbx_refine_id 
_refine_ls_restr.pdbx_restraint_function 
s_bond_d  0.009 ? ? ? 'X-RAY DIFFRACTION' ? 
s_angle_d 1.7   ? ? ? 'X-RAY DIFFRACTION' ? 
# 
_struct.entry_id                  1D4O 
_struct.title                     'CRYSTAL STRUCTURE OF TRANSHYDROGENASE DOMAIN III AT 1.2 ANGSTROMS RESOLUTION' 
_struct.pdbx_model_details        ? 
_struct.pdbx_CASP_flag            ? 
_struct.pdbx_model_type_details   ? 
# 
_struct_keywords.entry_id        1D4O 
_struct_keywords.pdbx_keywords   OXIDOREDUCTASE 
_struct_keywords.text            'NUCLEOTIDE-BINDING FOLD, PROTEIN-NADP(H) COMPLEX, INVERTED BINDING OF NADP(H), OXIDOREDUCTASE' 
# 
loop_
_struct_asym.id 
_struct_asym.pdbx_blank_PDB_chainid_flag 
_struct_asym.pdbx_modified 
_struct_asym.entity_id 
_struct_asym.details 
A N N 1 ? 
B N N 2 ? 
C N N 3 ? 
# 
_struct_ref.id                         1 
_struct_ref.db_name                    UNP 
_struct_ref.db_code                    NNTM_BOVIN 
_struct_ref.entity_id                  1 
_struct_ref.pdbx_db_accession          P11024 
_struct_ref.pdbx_align_begin           ? 
_struct_ref.pdbx_seq_one_letter_code   ? 
_struct_ref.pdbx_db_isoform            ? 
# 
_struct_ref_seq.align_id                      1 
_struct_ref_seq.ref_id                        1 
_struct_ref_seq.pdbx_PDB_id_code              1D4O 
_struct_ref_seq.pdbx_strand_id                A 
_struct_ref_seq.seq_align_beg                 1 
_struct_ref_seq.pdbx_seq_align_beg_ins_code   ? 
_struct_ref_seq.seq_align_end                 184 
_struct_ref_seq.pdbx_seq_align_end_ins_code   ? 
_struct_ref_seq.pdbx_db_accession             P11024 
_struct_ref_seq.db_align_beg                  903 
_struct_ref_seq.pdbx_db_align_beg_ins_code    ? 
_struct_ref_seq.db_align_end                  1086 
_struct_ref_seq.pdbx_db_align_end_ins_code    ? 
_struct_ref_seq.pdbx_auth_seq_align_beg       1 
_struct_ref_seq.pdbx_auth_seq_align_end       184 
# 
_pdbx_struct_assembly.id                   1 
_pdbx_struct_assembly.details              author_and_software_defined_assembly 
_pdbx_struct_assembly.method_details       PISA 
_pdbx_struct_assembly.oligomeric_details   monomeric 
_pdbx_struct_assembly.oligomeric_count     1 
# 
_pdbx_struct_assembly_gen.assembly_id       1 
_pdbx_struct_assembly_gen.oper_expression   1 
_pdbx_struct_assembly_gen.asym_id_list      A,B,C 
# 
_pdbx_struct_oper_list.id                   1 
_pdbx_struct_oper_list.type                 'identity operation' 
_pdbx_struct_oper_list.name                 1_555 
_pdbx_struct_oper_list.symmetry_operation   x,y,z 
_pdbx_struct_oper_list.matrix[1][1]         1.0000000000 
_pdbx_struct_oper_list.matrix[1][2]         0.0000000000 
_pdbx_struct_oper_list.matrix[1][3]         0.0000000000 
_pdbx_struct_oper_list.vector[1]            0.0000000000 
_pdbx_struct_oper_list.matrix[2][1]         0.0000000000 
_pdbx_struct_oper_list.matrix[2][2]         1.0000000000 
_pdbx_struct_oper_list.matrix[2][3]         0.0000000000 
_pdbx_struct_oper_list.vector[2]            0.0000000000 
_pdbx_struct_oper_list.matrix[3][1]         0.0000000000 
_pdbx_struct_oper_list.matrix[3][2]         0.0000000000 
_pdbx_struct_oper_list.matrix[3][3]         1.0000000000 
_pdbx_struct_oper_list.vector[3]            0.0000000000 
# 
_struct_biol.id   1 
# 
loop_
_struct_conf.conf_type_id 
_struct_conf.id 
_struct_conf.pdbx_PDB_helix_id 
_struct_conf.beg_label_comp_id 
_struct_conf.beg_label_asym_id 
_struct_conf.beg_label_seq_id 
_struct_conf.pdbx_beg_PDB_ins_code 
_struct_conf.end_label_comp_id 
_struct_conf.end_label_asym_id 
_struct_conf.end_label_seq_id 
_struct_conf.pdbx_end_PDB_ins_code 
_struct_conf.beg_auth_comp_id 
_struct_conf.beg_auth_asym_id 
_struct_conf.beg_auth_seq_id 
_struct_conf.end_auth_comp_id 
_struct_conf.end_auth_asym_id 
_struct_conf.end_auth_seq_id 
_struct_conf.pdbx_PDB_helix_class 
_struct_conf.details 
_struct_conf.pdbx_PDB_helix_length 
HELX_P HELX_P1  1  ASN A 11  ? ALA A 22  ? ASN A 11  ALA A 22  1 ? 12 
HELX_P HELX_P2  2  GLY A 30  ? ALA A 36  ? GLY A 30  ALA A 36  1 ? 7  
HELX_P HELX_P3  3  ALA A 38  ? GLN A 52  ? ALA A 38  GLN A 52  1 ? 15 
HELX_P HELX_P4  4  GLY A 69  ? GLY A 79  ? GLY A 69  GLY A 79  1 ? 11 
HELX_P HELX_P5  5  PRO A 81  ? ASP A 83  ? PRO A 81  ASP A 83  5 ? 3  
HELX_P HELX_P6  6  MET A 88  ? ASN A 92  ? MET A 88  ASN A 92  1 ? 5  
HELX_P HELX_P7  7  HIS A 93  ? THR A 98  ? HIS A 93  THR A 98  5 ? 6  
HELX_P HELX_P8  8  ASN A 107 ? ASN A 111 ? ASN A 107 ASN A 111 5 ? 5  
HELX_P HELX_P9  9  SER A 112 ? ASP A 117 ? SER A 112 ASP A 117 1 ? 6  
HELX_P HELX_P10 10 GLU A 129 ? SER A 133 ? GLU A 129 SER A 133 5 ? 5  
HELX_P HELX_P11 11 ASN A 152 ? LYS A 157 ? ASN A 152 LYS A 157 5 ? 6  
HELX_P HELX_P12 12 ASP A 166 ? GLU A 180 ? ASP A 166 GLU A 180 1 ? 15 
# 
_struct_conf_type.id          HELX_P 
_struct_conf_type.criteria    ? 
_struct_conf_type.reference   ? 
# 
_struct_sheet.id               A 
_struct_sheet.type             ? 
_struct_sheet.number_strands   6 
_struct_sheet.details          ? 
# 
loop_
_struct_sheet_order.sheet_id 
_struct_sheet_order.range_id_1 
_struct_sheet_order.range_id_2 
_struct_sheet_order.offset 
_struct_sheet_order.sense 
A 1 2 ? parallel 
A 2 3 ? parallel 
A 3 4 ? parallel 
A 4 5 ? parallel 
A 5 6 ? parallel 
# 
loop_
_struct_sheet_range.sheet_id 
_struct_sheet_range.id 
_struct_sheet_range.beg_label_comp_id 
_struct_sheet_range.beg_label_asym_id 
_struct_sheet_range.beg_label_seq_id 
_struct_sheet_range.pdbx_beg_PDB_ins_code 
_struct_sheet_range.end_label_comp_id 
_struct_sheet_range.end_label_asym_id 
_struct_sheet_range.end_label_seq_id 
_struct_sheet_range.pdbx_end_PDB_ins_code 
_struct_sheet_range.beg_auth_comp_id 
_struct_sheet_range.beg_auth_asym_id 
_struct_sheet_range.beg_auth_seq_id 
_struct_sheet_range.end_auth_comp_id 
_struct_sheet_range.end_auth_asym_id 
_struct_sheet_range.end_auth_seq_id 
A 1 VAL A 85  ? GLU A 87  ? VAL A 85  GLU A 87  
A 2 LYS A 55  ? ILE A 60  ? LYS A 55  ILE A 60  
A 3 SER A 24  ? PRO A 29  ? SER A 24  PRO A 29  
A 4 LEU A 100 ? ILE A 104 ? LEU A 100 ILE A 104 
A 5 VAL A 136 ? LYS A 140 ? VAL A 136 LYS A 140 
A 6 THR A 160 ? LEU A 164 ? THR A 160 LEU A 164 
# 
loop_
_pdbx_struct_sheet_hbond.sheet_id 
_pdbx_struct_sheet_hbond.range_id_1 
_pdbx_struct_sheet_hbond.range_id_2 
_pdbx_struct_sheet_hbond.range_1_label_atom_id 
_pdbx_struct_sheet_hbond.range_1_label_comp_id 
_pdbx_struct_sheet_hbond.range_1_label_asym_id 
_pdbx_struct_sheet_hbond.range_1_label_seq_id 
_pdbx_struct_sheet_hbond.range_1_PDB_ins_code 
_pdbx_struct_sheet_hbond.range_1_auth_atom_id 
_pdbx_struct_sheet_hbond.range_1_auth_comp_id 
_pdbx_struct_sheet_hbond.range_1_auth_asym_id 
_pdbx_struct_sheet_hbond.range_1_auth_seq_id 
_pdbx_struct_sheet_hbond.range_2_label_atom_id 
_pdbx_struct_sheet_hbond.range_2_label_comp_id 
_pdbx_struct_sheet_hbond.range_2_label_asym_id 
_pdbx_struct_sheet_hbond.range_2_label_seq_id 
_pdbx_struct_sheet_hbond.range_2_PDB_ins_code 
_pdbx_struct_sheet_hbond.range_2_auth_atom_id 
_pdbx_struct_sheet_hbond.range_2_auth_comp_id 
_pdbx_struct_sheet_hbond.range_2_auth_asym_id 
_pdbx_struct_sheet_hbond.range_2_auth_seq_id 
A 1 2 N LEU A 86  ? N LEU A 86  O PHE A 58  ? O PHE A 58  
A 2 3 O LYS A 55  ? O LYS A 55  N ILE A 25  ? N ILE A 25  
A 3 4 N ILE A 26  ? N ILE A 26  O LEU A 100 ? O LEU A 100 
A 4 5 N VAL A 103 ? N VAL A 103 O ILE A 137 ? O ILE A 137 
A 5 6 N VAL A 138 ? N VAL A 138 O ALA A 161 ? O ALA A 161 
# 
_struct_site.id                   AC1 
_struct_site.pdbx_evidence_code   Software 
_struct_site.pdbx_auth_asym_id    A 
_struct_site.pdbx_auth_comp_id    NAP 
_struct_site.pdbx_auth_seq_id     201 
_struct_site.pdbx_auth_ins_code   ? 
_struct_site.pdbx_num_residues    31 
_struct_site.details              'BINDING SITE FOR RESIDUE NAP A 201' 
# 
loop_
_struct_site_gen.id 
_struct_site_gen.site_id 
_struct_site_gen.pdbx_num_res 
_struct_site_gen.label_comp_id 
_struct_site_gen.label_asym_id 
_struct_site_gen.label_seq_id 
_struct_site_gen.pdbx_auth_ins_code 
_struct_site_gen.auth_comp_id 
_struct_site_gen.auth_asym_id 
_struct_site_gen.auth_seq_id 
_struct_site_gen.label_atom_id 
_struct_site_gen.label_alt_id 
_struct_site_gen.symmetry 
_struct_site_gen.details 
1  AC1 31 ASN A 23  ? ASN A 23  . ? 1_655 ? 
2  AC1 31 GLY A 30  ? GLY A 30  . ? 1_555 ? 
3  AC1 31 TYR A 31  ? TYR A 31  . ? 1_555 ? 
4  AC1 31 GLY A 32  ? GLY A 32  . ? 1_555 ? 
5  AC1 31 ALA A 35  ? ALA A 35  . ? 1_555 ? 
6  AC1 31 ALA A 36  ? ALA A 36  . ? 1_555 ? 
7  AC1 31 VAL A 63  ? VAL A 63  . ? 1_555 ? 
8  AC1 31 ALA A 64  ? ALA A 64  . ? 1_555 ? 
9  AC1 31 GLY A 65  ? GLY A 65  . ? 1_555 ? 
10 AC1 31 ARG A 66  ? ARG A 66  . ? 1_555 ? 
11 AC1 31 MET A 67  ? MET A 67  . ? 1_555 ? 
12 AC1 31 PRO A 68  ? PRO A 68  . ? 1_555 ? 
13 AC1 31 GLY A 105 ? GLY A 105 . ? 1_555 ? 
14 AC1 31 ALA A 106 ? ALA A 106 . ? 1_555 ? 
15 AC1 31 ASN A 107 ? ASN A 107 . ? 1_555 ? 
16 AC1 31 ASP A 108 ? ASP A 108 . ? 1_555 ? 
17 AC1 31 THR A 109 ? THR A 109 . ? 1_555 ? 
18 AC1 31 LYS A 140 ? LYS A 140 . ? 1_555 ? 
19 AC1 31 ARG A 141 ? ARG A 141 . ? 1_555 ? 
20 AC1 31 SER A 142 ? SER A 142 . ? 1_555 ? 
21 AC1 31 VAL A 145 ? VAL A 145 . ? 1_555 ? 
22 AC1 31 GLY A 146 ? GLY A 146 . ? 1_555 ? 
23 AC1 31 TYR A 147 ? TYR A 147 . ? 1_555 ? 
24 AC1 31 ASP A 166 ? ASP A 166 . ? 1_555 ? 
25 AC1 31 ALA A 167 ? ALA A 167 . ? 1_555 ? 
26 AC1 31 HOH C .   ? HOH A 314 . ? 1_655 ? 
27 AC1 31 HOH C .   ? HOH A 326 . ? 1_555 ? 
28 AC1 31 HOH C .   ? HOH A 353 . ? 1_555 ? 
29 AC1 31 HOH C .   ? HOH A 357 . ? 1_555 ? 
30 AC1 31 HOH C .   ? HOH A 366 . ? 1_555 ? 
31 AC1 31 HOH C .   ? HOH A 442 . ? 1_555 ? 
# 
_pdbx_validate_symm_contact.id                1 
_pdbx_validate_symm_contact.PDB_model_num     1 
_pdbx_validate_symm_contact.auth_atom_id_1    O 
_pdbx_validate_symm_contact.auth_asym_id_1    A 
_pdbx_validate_symm_contact.auth_comp_id_1    HOH 
_pdbx_validate_symm_contact.auth_seq_id_1     343 
_pdbx_validate_symm_contact.PDB_ins_code_1    ? 
_pdbx_validate_symm_contact.label_alt_id_1    ? 
_pdbx_validate_symm_contact.site_symmetry_1   1_555 
_pdbx_validate_symm_contact.auth_atom_id_2    O 
_pdbx_validate_symm_contact.auth_asym_id_2    A 
_pdbx_validate_symm_contact.auth_comp_id_2    HOH 
_pdbx_validate_symm_contact.auth_seq_id_2     450 
_pdbx_validate_symm_contact.PDB_ins_code_2    ? 
_pdbx_validate_symm_contact.label_alt_id_2    ? 
_pdbx_validate_symm_contact.site_symmetry_2   1_556 
_pdbx_validate_symm_contact.dist              2.19 
# 
loop_
_pdbx_validate_rmsd_angle.id 
_pdbx_validate_rmsd_angle.PDB_model_num 
_pdbx_validate_rmsd_angle.auth_atom_id_1 
_pdbx_validate_rmsd_angle.auth_asym_id_1 
_pdbx_validate_rmsd_angle.auth_comp_id_1 
_pdbx_validate_rmsd_angle.auth_seq_id_1 
_pdbx_validate_rmsd_angle.PDB_ins_code_1 
_pdbx_validate_rmsd_angle.label_alt_id_1 
_pdbx_validate_rmsd_angle.auth_atom_id_2 
_pdbx_validate_rmsd_angle.auth_asym_id_2 
_pdbx_validate_rmsd_angle.auth_comp_id_2 
_pdbx_validate_rmsd_angle.auth_seq_id_2 
_pdbx_validate_rmsd_angle.PDB_ins_code_2 
_pdbx_validate_rmsd_angle.label_alt_id_2 
_pdbx_validate_rmsd_angle.auth_atom_id_3 
_pdbx_validate_rmsd_angle.auth_asym_id_3 
_pdbx_validate_rmsd_angle.auth_comp_id_3 
_pdbx_validate_rmsd_angle.auth_seq_id_3 
_pdbx_validate_rmsd_angle.PDB_ins_code_3 
_pdbx_validate_rmsd_angle.label_alt_id_3 
_pdbx_validate_rmsd_angle.angle_value 
_pdbx_validate_rmsd_angle.angle_target_value 
_pdbx_validate_rmsd_angle.angle_deviation 
_pdbx_validate_rmsd_angle.angle_standard_deviation 
_pdbx_validate_rmsd_angle.linker_flag 
1 1 CA A LEU 12  ? ? CB A LEU 12  ? ? CG  A LEU 12  ? ? 129.73 115.30 14.43 2.30 N 
2 1 NE A ARG 141 ? ? CZ A ARG 141 ? ? NH2 A ARG 141 ? ? 116.87 120.30 -3.43 0.50 N 
3 1 CD A ARG 179 ? ? NE A ARG 179 ? ? CZ  A ARG 179 ? ? 140.38 123.60 16.78 1.40 N 
4 1 NE A ARG 179 ? ? CZ A ARG 179 ? ? NH1 A ARG 179 ? ? 126.19 120.30 5.89  0.50 N 
# 
_pdbx_validate_torsion.id              1 
_pdbx_validate_torsion.PDB_model_num   1 
_pdbx_validate_torsion.auth_comp_id    ASN 
_pdbx_validate_torsion.auth_asym_id    A 
_pdbx_validate_torsion.auth_seq_id     107 
_pdbx_validate_torsion.PDB_ins_code    ? 
_pdbx_validate_torsion.label_alt_id    ? 
_pdbx_validate_torsion.phi             -153.03 
_pdbx_validate_torsion.psi             -71.04 
# 
loop_
_pdbx_unobs_or_zero_occ_residues.id 
_pdbx_unobs_or_zero_occ_residues.PDB_model_num 
_pdbx_unobs_or_zero_occ_residues.polymer_flag 
_pdbx_unobs_or_zero_occ_residues.occupancy_flag 
_pdbx_unobs_or_zero_occ_residues.auth_asym_id 
_pdbx_unobs_or_zero_occ_residues.auth_comp_id 
_pdbx_unobs_or_zero_occ_residues.auth_seq_id 
_pdbx_unobs_or_zero_occ_residues.PDB_ins_code 
_pdbx_unobs_or_zero_occ_residues.label_asym_id 
_pdbx_unobs_or_zero_occ_residues.label_comp_id 
_pdbx_unobs_or_zero_occ_residues.label_seq_id 
1 1 Y 1 A MET 1   ? A MET 1   
2 1 Y 1 A GLU 2   ? A GLU 2   
3 1 Y 1 A ILE 3   ? A ILE 3   
4 1 Y 1 A SER 4   ? A SER 4   
5 1 Y 1 A TYR 182 ? A TYR 182 
6 1 Y 1 A GLN 183 ? A GLN 183 
7 1 Y 1 A LYS 184 ? A LYS 184 
# 
loop_
_chem_comp_atom.comp_id 
_chem_comp_atom.atom_id 
_chem_comp_atom.type_symbol 
_chem_comp_atom.pdbx_aromatic_flag 
_chem_comp_atom.pdbx_stereo_config 
_chem_comp_atom.pdbx_ordinal 
ALA N    N N N 1   
ALA CA   C N S 2   
ALA C    C N N 3   
ALA O    O N N 4   
ALA CB   C N N 5   
ALA OXT  O N N 6   
ALA H    H N N 7   
ALA H2   H N N 8   
ALA HA   H N N 9   
ALA HB1  H N N 10  
ALA HB2  H N N 11  
ALA HB3  H N N 12  
ALA HXT  H N N 13  
ARG N    N N N 14  
ARG CA   C N S 15  
ARG C    C N N 16  
ARG O    O N N 17  
ARG CB   C N N 18  
ARG CG   C N N 19  
ARG CD   C N N 20  
ARG NE   N N N 21  
ARG CZ   C N N 22  
ARG NH1  N N N 23  
ARG NH2  N N N 24  
ARG OXT  O N N 25  
ARG H    H N N 26  
ARG H2   H N N 27  
ARG HA   H N N 28  
ARG HB2  H N N 29  
ARG HB3  H N N 30  
ARG HG2  H N N 31  
ARG HG3  H N N 32  
ARG HD2  H N N 33  
ARG HD3  H N N 34  
ARG HE   H N N 35  
ARG HH11 H N N 36  
ARG HH12 H N N 37  
ARG HH21 H N N 38  
ARG HH22 H N N 39  
ARG HXT  H N N 40  
ASN N    N N N 41  
ASN CA   C N S 42  
ASN C    C N N 43  
ASN O    O N N 44  
ASN CB   C N N 45  
ASN CG   C N N 46  
ASN OD1  O N N 47  
ASN ND2  N N N 48  
ASN OXT  O N N 49  
ASN H    H N N 50  
ASN H2   H N N 51  
ASN HA   H N N 52  
ASN HB2  H N N 53  
ASN HB3  H N N 54  
ASN HD21 H N N 55  
ASN HD22 H N N 56  
ASN HXT  H N N 57  
ASP N    N N N 58  
ASP CA   C N S 59  
ASP C    C N N 60  
ASP O    O N N 61  
ASP CB   C N N 62  
ASP CG   C N N 63  
ASP OD1  O N N 64  
ASP OD2  O N N 65  
ASP OXT  O N N 66  
ASP H    H N N 67  
ASP H2   H N N 68  
ASP HA   H N N 69  
ASP HB2  H N N 70  
ASP HB3  H N N 71  
ASP HD2  H N N 72  
ASP HXT  H N N 73  
CYS N    N N N 74  
CYS CA   C N R 75  
CYS C    C N N 76  
CYS O    O N N 77  
CYS CB   C N N 78  
CYS SG   S N N 79  
CYS OXT  O N N 80  
CYS H    H N N 81  
CYS H2   H N N 82  
CYS HA   H N N 83  
CYS HB2  H N N 84  
CYS HB3  H N N 85  
CYS HG   H N N 86  
CYS HXT  H N N 87  
GLN N    N N N 88  
GLN CA   C N S 89  
GLN C    C N N 90  
GLN O    O N N 91  
GLN CB   C N N 92  
GLN CG   C N N 93  
GLN CD   C N N 94  
GLN OE1  O N N 95  
GLN NE2  N N N 96  
GLN OXT  O N N 97  
GLN H    H N N 98  
GLN H2   H N N 99  
GLN HA   H N N 100 
GLN HB2  H N N 101 
GLN HB3  H N N 102 
GLN HG2  H N N 103 
GLN HG3  H N N 104 
GLN HE21 H N N 105 
GLN HE22 H N N 106 
GLN HXT  H N N 107 
GLU N    N N N 108 
GLU CA   C N S 109 
GLU C    C N N 110 
GLU O    O N N 111 
GLU CB   C N N 112 
GLU CG   C N N 113 
GLU CD   C N N 114 
GLU OE1  O N N 115 
GLU OE2  O N N 116 
GLU OXT  O N N 117 
GLU H    H N N 118 
GLU H2   H N N 119 
GLU HA   H N N 120 
GLU HB2  H N N 121 
GLU HB3  H N N 122 
GLU HG2  H N N 123 
GLU HG3  H N N 124 
GLU HE2  H N N 125 
GLU HXT  H N N 126 
GLY N    N N N 127 
GLY CA   C N N 128 
GLY C    C N N 129 
GLY O    O N N 130 
GLY OXT  O N N 131 
GLY H    H N N 132 
GLY H2   H N N 133 
GLY HA2  H N N 134 
GLY HA3  H N N 135 
GLY HXT  H N N 136 
HIS N    N N N 137 
HIS CA   C N S 138 
HIS C    C N N 139 
HIS O    O N N 140 
HIS CB   C N N 141 
HIS CG   C Y N 142 
HIS ND1  N Y N 143 
HIS CD2  C Y N 144 
HIS CE1  C Y N 145 
HIS NE2  N Y N 146 
HIS OXT  O N N 147 
HIS H    H N N 148 
HIS H2   H N N 149 
HIS HA   H N N 150 
HIS HB2  H N N 151 
HIS HB3  H N N 152 
HIS HD1  H N N 153 
HIS HD2  H N N 154 
HIS HE1  H N N 155 
HIS HE2  H N N 156 
HIS HXT  H N N 157 
HOH O    O N N 158 
HOH H1   H N N 159 
HOH H2   H N N 160 
ILE N    N N N 161 
ILE CA   C N S 162 
ILE C    C N N 163 
ILE O    O N N 164 
ILE CB   C N S 165 
ILE CG1  C N N 166 
ILE CG2  C N N 167 
ILE CD1  C N N 168 
ILE OXT  O N N 169 
ILE H    H N N 170 
ILE H2   H N N 171 
ILE HA   H N N 172 
ILE HB   H N N 173 
ILE HG12 H N N 174 
ILE HG13 H N N 175 
ILE HG21 H N N 176 
ILE HG22 H N N 177 
ILE HG23 H N N 178 
ILE HD11 H N N 179 
ILE HD12 H N N 180 
ILE HD13 H N N 181 
ILE HXT  H N N 182 
LEU N    N N N 183 
LEU CA   C N S 184 
LEU C    C N N 185 
LEU O    O N N 186 
LEU CB   C N N 187 
LEU CG   C N N 188 
LEU CD1  C N N 189 
LEU CD2  C N N 190 
LEU OXT  O N N 191 
LEU H    H N N 192 
LEU H2   H N N 193 
LEU HA   H N N 194 
LEU HB2  H N N 195 
LEU HB3  H N N 196 
LEU HG   H N N 197 
LEU HD11 H N N 198 
LEU HD12 H N N 199 
LEU HD13 H N N 200 
LEU HD21 H N N 201 
LEU HD22 H N N 202 
LEU HD23 H N N 203 
LEU HXT  H N N 204 
LYS N    N N N 205 
LYS CA   C N S 206 
LYS C    C N N 207 
LYS O    O N N 208 
LYS CB   C N N 209 
LYS CG   C N N 210 
LYS CD   C N N 211 
LYS CE   C N N 212 
LYS NZ   N N N 213 
LYS OXT  O N N 214 
LYS H    H N N 215 
LYS H2   H N N 216 
LYS HA   H N N 217 
LYS HB2  H N N 218 
LYS HB3  H N N 219 
LYS HG2  H N N 220 
LYS HG3  H N N 221 
LYS HD2  H N N 222 
LYS HD3  H N N 223 
LYS HE2  H N N 224 
LYS HE3  H N N 225 
LYS HZ1  H N N 226 
LYS HZ2  H N N 227 
LYS HZ3  H N N 228 
LYS HXT  H N N 229 
MET N    N N N 230 
MET CA   C N S 231 
MET C    C N N 232 
MET O    O N N 233 
MET CB   C N N 234 
MET CG   C N N 235 
MET SD   S N N 236 
MET CE   C N N 237 
MET OXT  O N N 238 
MET H    H N N 239 
MET H2   H N N 240 
MET HA   H N N 241 
MET HB2  H N N 242 
MET HB3  H N N 243 
MET HG2  H N N 244 
MET HG3  H N N 245 
MET HE1  H N N 246 
MET HE2  H N N 247 
MET HE3  H N N 248 
MET HXT  H N N 249 
NAP PA   P N R 250 
NAP O1A  O N N 251 
NAP O2A  O N N 252 
NAP O5B  O N N 253 
NAP C5B  C N N 254 
NAP C4B  C N R 255 
NAP O4B  O N N 256 
NAP C3B  C N R 257 
NAP O3B  O N N 258 
NAP C2B  C N R 259 
NAP O2B  O N N 260 
NAP C1B  C N R 261 
NAP N9A  N Y N 262 
NAP C8A  C Y N 263 
NAP N7A  N Y N 264 
NAP C5A  C Y N 265 
NAP C6A  C Y N 266 
NAP N6A  N N N 267 
NAP N1A  N Y N 268 
NAP C2A  C Y N 269 
NAP N3A  N Y N 270 
NAP C4A  C Y N 271 
NAP O3   O N N 272 
NAP PN   P N N 273 
NAP O1N  O N N 274 
NAP O2N  O N N 275 
NAP O5D  O N N 276 
NAP C5D  C N N 277 
NAP C4D  C N R 278 
NAP O4D  O N N 279 
NAP C3D  C N S 280 
NAP O3D  O N N 281 
NAP C2D  C N R 282 
NAP O2D  O N N 283 
NAP C1D  C N R 284 
NAP N1N  N Y N 285 
NAP C2N  C Y N 286 
NAP C3N  C Y N 287 
NAP C7N  C N N 288 
NAP O7N  O N N 289 
NAP N7N  N N N 290 
NAP C4N  C Y N 291 
NAP C5N  C Y N 292 
NAP C6N  C Y N 293 
NAP P2B  P N N 294 
NAP O1X  O N N 295 
NAP O2X  O N N 296 
NAP O3X  O N N 297 
NAP HOA2 H N N 298 
NAP H51A H N N 299 
NAP H52A H N N 300 
NAP H4B  H N N 301 
NAP H3B  H N N 302 
NAP HO3A H N N 303 
NAP H2B  H N N 304 
NAP H1B  H N N 305 
NAP H8A  H N N 306 
NAP H61A H N N 307 
NAP H62A H N N 308 
NAP H2A  H N N 309 
NAP H51N H N N 310 
NAP H52N H N N 311 
NAP H4D  H N N 312 
NAP H3D  H N N 313 
NAP HO3N H N N 314 
NAP H2D  H N N 315 
NAP HO2N H N N 316 
NAP H1D  H N N 317 
NAP H2N  H N N 318 
NAP H71N H N N 319 
NAP H72N H N N 320 
NAP H4N  H N N 321 
NAP H5N  H N N 322 
NAP H6N  H N N 323 
NAP HOP2 H N N 324 
NAP HOP3 H N N 325 
PHE N    N N N 326 
PHE CA   C N S 327 
PHE C    C N N 328 
PHE O    O N N 329 
PHE CB   C N N 330 
PHE CG   C Y N 331 
PHE CD1  C Y N 332 
PHE CD2  C Y N 333 
PHE CE1  C Y N 334 
PHE CE2  C Y N 335 
PHE CZ   C Y N 336 
PHE OXT  O N N 337 
PHE H    H N N 338 
PHE H2   H N N 339 
PHE HA   H N N 340 
PHE HB2  H N N 341 
PHE HB3  H N N 342 
PHE HD1  H N N 343 
PHE HD2  H N N 344 
PHE HE1  H N N 345 
PHE HE2  H N N 346 
PHE HZ   H N N 347 
PHE HXT  H N N 348 
PRO N    N N N 349 
PRO CA   C N S 350 
PRO C    C N N 351 
PRO O    O N N 352 
PRO CB   C N N 353 
PRO CG   C N N 354 
PRO CD   C N N 355 
PRO OXT  O N N 356 
PRO H    H N N 357 
PRO HA   H N N 358 
PRO HB2  H N N 359 
PRO HB3  H N N 360 
PRO HG2  H N N 361 
PRO HG3  H N N 362 
PRO HD2  H N N 363 
PRO HD3  H N N 364 
PRO HXT  H N N 365 
SER N    N N N 366 
SER CA   C N S 367 
SER C    C N N 368 
SER O    O N N 369 
SER CB   C N N 370 
SER OG   O N N 371 
SER OXT  O N N 372 
SER H    H N N 373 
SER H2   H N N 374 
SER HA   H N N 375 
SER HB2  H N N 376 
SER HB3  H N N 377 
SER HG   H N N 378 
SER HXT  H N N 379 
THR N    N N N 380 
THR CA   C N S 381 
THR C    C N N 382 
THR O    O N N 383 
THR CB   C N R 384 
THR OG1  O N N 385 
THR CG2  C N N 386 
THR OXT  O N N 387 
THR H    H N N 388 
THR H2   H N N 389 
THR HA   H N N 390 
THR HB   H N N 391 
THR HG1  H N N 392 
THR HG21 H N N 393 
THR HG22 H N N 394 
THR HG23 H N N 395 
THR HXT  H N N 396 
TRP N    N N N 397 
TRP CA   C N S 398 
TRP C    C N N 399 
TRP O    O N N 400 
TRP CB   C N N 401 
TRP CG   C Y N 402 
TRP CD1  C Y N 403 
TRP CD2  C Y N 404 
TRP NE1  N Y N 405 
TRP CE2  C Y N 406 
TRP CE3  C Y N 407 
TRP CZ2  C Y N 408 
TRP CZ3  C Y N 409 
TRP CH2  C Y N 410 
TRP OXT  O N N 411 
TRP H    H N N 412 
TRP H2   H N N 413 
TRP HA   H N N 414 
TRP HB2  H N N 415 
TRP HB3  H N N 416 
TRP HD1  H N N 417 
TRP HE1  H N N 418 
TRP HE3  H N N 419 
TRP HZ2  H N N 420 
TRP HZ3  H N N 421 
TRP HH2  H N N 422 
TRP HXT  H N N 423 
TYR N    N N N 424 
TYR CA   C N S 425 
TYR C    C N N 426 
TYR O    O N N 427 
TYR CB   C N N 428 
TYR CG   C Y N 429 
TYR CD1  C Y N 430 
TYR CD2  C Y N 431 
TYR CE1  C Y N 432 
TYR CE2  C Y N 433 
TYR CZ   C Y N 434 
TYR OH   O N N 435 
TYR OXT  O N N 436 
TYR H    H N N 437 
TYR H2   H N N 438 
TYR HA   H N N 439 
TYR HB2  H N N 440 
TYR HB3  H N N 441 
TYR HD1  H N N 442 
TYR HD2  H N N 443 
TYR HE1  H N N 444 
TYR HE2  H N N 445 
TYR HH   H N N 446 
TYR HXT  H N N 447 
VAL N    N N N 448 
VAL CA   C N S 449 
VAL C    C N N 450 
VAL O    O N N 451 
VAL CB   C N N 452 
VAL CG1  C N N 453 
VAL CG2  C N N 454 
VAL OXT  O N N 455 
VAL H    H N N 456 
VAL H2   H N N 457 
VAL HA   H N N 458 
VAL HB   H N N 459 
VAL HG11 H N N 460 
VAL HG12 H N N 461 
VAL HG13 H N N 462 
VAL HG21 H N N 463 
VAL HG22 H N N 464 
VAL HG23 H N N 465 
VAL HXT  H N N 466 
# 
loop_
_chem_comp_bond.comp_id 
_chem_comp_bond.atom_id_1 
_chem_comp_bond.atom_id_2 
_chem_comp_bond.value_order 
_chem_comp_bond.pdbx_aromatic_flag 
_chem_comp_bond.pdbx_stereo_config 
_chem_comp_bond.pdbx_ordinal 
ALA N   CA   sing N N 1   
ALA N   H    sing N N 2   
ALA N   H2   sing N N 3   
ALA CA  C    sing N N 4   
ALA CA  CB   sing N N 5   
ALA CA  HA   sing N N 6   
ALA C   O    doub N N 7   
ALA C   OXT  sing N N 8   
ALA CB  HB1  sing N N 9   
ALA CB  HB2  sing N N 10  
ALA CB  HB3  sing N N 11  
ALA OXT HXT  sing N N 12  
ARG N   CA   sing N N 13  
ARG N   H    sing N N 14  
ARG N   H2   sing N N 15  
ARG CA  C    sing N N 16  
ARG CA  CB   sing N N 17  
ARG CA  HA   sing N N 18  
ARG C   O    doub N N 19  
ARG C   OXT  sing N N 20  
ARG CB  CG   sing N N 21  
ARG CB  HB2  sing N N 22  
ARG CB  HB3  sing N N 23  
ARG CG  CD   sing N N 24  
ARG CG  HG2  sing N N 25  
ARG CG  HG3  sing N N 26  
ARG CD  NE   sing N N 27  
ARG CD  HD2  sing N N 28  
ARG CD  HD3  sing N N 29  
ARG NE  CZ   sing N N 30  
ARG NE  HE   sing N N 31  
ARG CZ  NH1  sing N N 32  
ARG CZ  NH2  doub N N 33  
ARG NH1 HH11 sing N N 34  
ARG NH1 HH12 sing N N 35  
ARG NH2 HH21 sing N N 36  
ARG NH2 HH22 sing N N 37  
ARG OXT HXT  sing N N 38  
ASN N   CA   sing N N 39  
ASN N   H    sing N N 40  
ASN N   H2   sing N N 41  
ASN CA  C    sing N N 42  
ASN CA  CB   sing N N 43  
ASN CA  HA   sing N N 44  
ASN C   O    doub N N 45  
ASN C   OXT  sing N N 46  
ASN CB  CG   sing N N 47  
ASN CB  HB2  sing N N 48  
ASN CB  HB3  sing N N 49  
ASN CG  OD1  doub N N 50  
ASN CG  ND2  sing N N 51  
ASN ND2 HD21 sing N N 52  
ASN ND2 HD22 sing N N 53  
ASN OXT HXT  sing N N 54  
ASP N   CA   sing N N 55  
ASP N   H    sing N N 56  
ASP N   H2   sing N N 57  
ASP CA  C    sing N N 58  
ASP CA  CB   sing N N 59  
ASP CA  HA   sing N N 60  
ASP C   O    doub N N 61  
ASP C   OXT  sing N N 62  
ASP CB  CG   sing N N 63  
ASP CB  HB2  sing N N 64  
ASP CB  HB3  sing N N 65  
ASP CG  OD1  doub N N 66  
ASP CG  OD2  sing N N 67  
ASP OD2 HD2  sing N N 68  
ASP OXT HXT  sing N N 69  
CYS N   CA   sing N N 70  
CYS N   H    sing N N 71  
CYS N   H2   sing N N 72  
CYS CA  C    sing N N 73  
CYS CA  CB   sing N N 74  
CYS CA  HA   sing N N 75  
CYS C   O    doub N N 76  
CYS C   OXT  sing N N 77  
CYS CB  SG   sing N N 78  
CYS CB  HB2  sing N N 79  
CYS CB  HB3  sing N N 80  
CYS SG  HG   sing N N 81  
CYS OXT HXT  sing N N 82  
GLN N   CA   sing N N 83  
GLN N   H    sing N N 84  
GLN N   H2   sing N N 85  
GLN CA  C    sing N N 86  
GLN CA  CB   sing N N 87  
GLN CA  HA   sing N N 88  
GLN C   O    doub N N 89  
GLN C   OXT  sing N N 90  
GLN CB  CG   sing N N 91  
GLN CB  HB2  sing N N 92  
GLN CB  HB3  sing N N 93  
GLN CG  CD   sing N N 94  
GLN CG  HG2  sing N N 95  
GLN CG  HG3  sing N N 96  
GLN CD  OE1  doub N N 97  
GLN CD  NE2  sing N N 98  
GLN NE2 HE21 sing N N 99  
GLN NE2 HE22 sing N N 100 
GLN OXT HXT  sing N N 101 
GLU N   CA   sing N N 102 
GLU N   H    sing N N 103 
GLU N   H2   sing N N 104 
GLU CA  C    sing N N 105 
GLU CA  CB   sing N N 106 
GLU CA  HA   sing N N 107 
GLU C   O    doub N N 108 
GLU C   OXT  sing N N 109 
GLU CB  CG   sing N N 110 
GLU CB  HB2  sing N N 111 
GLU CB  HB3  sing N N 112 
GLU CG  CD   sing N N 113 
GLU CG  HG2  sing N N 114 
GLU CG  HG3  sing N N 115 
GLU CD  OE1  doub N N 116 
GLU CD  OE2  sing N N 117 
GLU OE2 HE2  sing N N 118 
GLU OXT HXT  sing N N 119 
GLY N   CA   sing N N 120 
GLY N   H    sing N N 121 
GLY N   H2   sing N N 122 
GLY CA  C    sing N N 123 
GLY CA  HA2  sing N N 124 
GLY CA  HA3  sing N N 125 
GLY C   O    doub N N 126 
GLY C   OXT  sing N N 127 
GLY OXT HXT  sing N N 128 
HIS N   CA   sing N N 129 
HIS N   H    sing N N 130 
HIS N   H2   sing N N 131 
HIS CA  C    sing N N 132 
HIS CA  CB   sing N N 133 
HIS CA  HA   sing N N 134 
HIS C   O    doub N N 135 
HIS C   OXT  sing N N 136 
HIS CB  CG   sing N N 137 
HIS CB  HB2  sing N N 138 
HIS CB  HB3  sing N N 139 
HIS CG  ND1  sing Y N 140 
HIS CG  CD2  doub Y N 141 
HIS ND1 CE1  doub Y N 142 
HIS ND1 HD1  sing N N 143 
HIS CD2 NE2  sing Y N 144 
HIS CD2 HD2  sing N N 145 
HIS CE1 NE2  sing Y N 146 
HIS CE1 HE1  sing N N 147 
HIS NE2 HE2  sing N N 148 
HIS OXT HXT  sing N N 149 
HOH O   H1   sing N N 150 
HOH O   H2   sing N N 151 
ILE N   CA   sing N N 152 
ILE N   H    sing N N 153 
ILE N   H2   sing N N 154 
ILE CA  C    sing N N 155 
ILE CA  CB   sing N N 156 
ILE CA  HA   sing N N 157 
ILE C   O    doub N N 158 
ILE C   OXT  sing N N 159 
ILE CB  CG1  sing N N 160 
ILE CB  CG2  sing N N 161 
ILE CB  HB   sing N N 162 
ILE CG1 CD1  sing N N 163 
ILE CG1 HG12 sing N N 164 
ILE CG1 HG13 sing N N 165 
ILE CG2 HG21 sing N N 166 
ILE CG2 HG22 sing N N 167 
ILE CG2 HG23 sing N N 168 
ILE CD1 HD11 sing N N 169 
ILE CD1 HD12 sing N N 170 
ILE CD1 HD13 sing N N 171 
ILE OXT HXT  sing N N 172 
LEU N   CA   sing N N 173 
LEU N   H    sing N N 174 
LEU N   H2   sing N N 175 
LEU CA  C    sing N N 176 
LEU CA  CB   sing N N 177 
LEU CA  HA   sing N N 178 
LEU C   O    doub N N 179 
LEU C   OXT  sing N N 180 
LEU CB  CG   sing N N 181 
LEU CB  HB2  sing N N 182 
LEU CB  HB3  sing N N 183 
LEU CG  CD1  sing N N 184 
LEU CG  CD2  sing N N 185 
LEU CG  HG   sing N N 186 
LEU CD1 HD11 sing N N 187 
LEU CD1 HD12 sing N N 188 
LEU CD1 HD13 sing N N 189 
LEU CD2 HD21 sing N N 190 
LEU CD2 HD22 sing N N 191 
LEU CD2 HD23 sing N N 192 
LEU OXT HXT  sing N N 193 
LYS N   CA   sing N N 194 
LYS N   H    sing N N 195 
LYS N   H2   sing N N 196 
LYS CA  C    sing N N 197 
LYS CA  CB   sing N N 198 
LYS CA  HA   sing N N 199 
LYS C   O    doub N N 200 
LYS C   OXT  sing N N 201 
LYS CB  CG   sing N N 202 
LYS CB  HB2  sing N N 203 
LYS CB  HB3  sing N N 204 
LYS CG  CD   sing N N 205 
LYS CG  HG2  sing N N 206 
LYS CG  HG3  sing N N 207 
LYS CD  CE   sing N N 208 
LYS CD  HD2  sing N N 209 
LYS CD  HD3  sing N N 210 
LYS CE  NZ   sing N N 211 
LYS CE  HE2  sing N N 212 
LYS CE  HE3  sing N N 213 
LYS NZ  HZ1  sing N N 214 
LYS NZ  HZ2  sing N N 215 
LYS NZ  HZ3  sing N N 216 
LYS OXT HXT  sing N N 217 
MET N   CA   sing N N 218 
MET N   H    sing N N 219 
MET N   H2   sing N N 220 
MET CA  C    sing N N 221 
MET CA  CB   sing N N 222 
MET CA  HA   sing N N 223 
MET C   O    doub N N 224 
MET C   OXT  sing N N 225 
MET CB  CG   sing N N 226 
MET CB  HB2  sing N N 227 
MET CB  HB3  sing N N 228 
MET CG  SD   sing N N 229 
MET CG  HG2  sing N N 230 
MET CG  HG3  sing N N 231 
MET SD  CE   sing N N 232 
MET CE  HE1  sing N N 233 
MET CE  HE2  sing N N 234 
MET CE  HE3  sing N N 235 
MET OXT HXT  sing N N 236 
NAP PA  O1A  doub N N 237 
NAP PA  O2A  sing N N 238 
NAP PA  O5B  sing N N 239 
NAP PA  O3   sing N N 240 
NAP O2A HOA2 sing N N 241 
NAP O5B C5B  sing N N 242 
NAP C5B C4B  sing N N 243 
NAP C5B H51A sing N N 244 
NAP C5B H52A sing N N 245 
NAP C4B O4B  sing N N 246 
NAP C4B C3B  sing N N 247 
NAP C4B H4B  sing N N 248 
NAP O4B C1B  sing N N 249 
NAP C3B O3B  sing N N 250 
NAP C3B C2B  sing N N 251 
NAP C3B H3B  sing N N 252 
NAP O3B HO3A sing N N 253 
NAP C2B O2B  sing N N 254 
NAP C2B C1B  sing N N 255 
NAP C2B H2B  sing N N 256 
NAP O2B P2B  sing N N 257 
NAP C1B N9A  sing N N 258 
NAP C1B H1B  sing N N 259 
NAP N9A C8A  sing Y N 260 
NAP N9A C4A  sing Y N 261 
NAP C8A N7A  doub Y N 262 
NAP C8A H8A  sing N N 263 
NAP N7A C5A  sing Y N 264 
NAP C5A C6A  sing Y N 265 
NAP C5A C4A  doub Y N 266 
NAP C6A N6A  sing N N 267 
NAP C6A N1A  doub Y N 268 
NAP N6A H61A sing N N 269 
NAP N6A H62A sing N N 270 
NAP N1A C2A  sing Y N 271 
NAP C2A N3A  doub Y N 272 
NAP C2A H2A  sing N N 273 
NAP N3A C4A  sing Y N 274 
NAP O3  PN   sing N N 275 
NAP PN  O1N  doub N N 276 
NAP PN  O2N  sing N N 277 
NAP PN  O5D  sing N N 278 
NAP O5D C5D  sing N N 279 
NAP C5D C4D  sing N N 280 
NAP C5D H51N sing N N 281 
NAP C5D H52N sing N N 282 
NAP C4D O4D  sing N N 283 
NAP C4D C3D  sing N N 284 
NAP C4D H4D  sing N N 285 
NAP O4D C1D  sing N N 286 
NAP C3D O3D  sing N N 287 
NAP C3D C2D  sing N N 288 
NAP C3D H3D  sing N N 289 
NAP O3D HO3N sing N N 290 
NAP C2D O2D  sing N N 291 
NAP C2D C1D  sing N N 292 
NAP C2D H2D  sing N N 293 
NAP O2D HO2N sing N N 294 
NAP C1D N1N  sing N N 295 
NAP C1D H1D  sing N N 296 
NAP N1N C2N  sing Y N 297 
NAP N1N C6N  doub Y N 298 
NAP C2N C3N  doub Y N 299 
NAP C2N H2N  sing N N 300 
NAP C3N C7N  sing N N 301 
NAP C3N C4N  sing Y N 302 
NAP C7N O7N  doub N N 303 
NAP C7N N7N  sing N N 304 
NAP N7N H71N sing N N 305 
NAP N7N H72N sing N N 306 
NAP C4N C5N  doub Y N 307 
NAP C4N H4N  sing N N 308 
NAP C5N C6N  sing Y N 309 
NAP C5N H5N  sing N N 310 
NAP C6N H6N  sing N N 311 
NAP P2B O1X  doub N N 312 
NAP P2B O2X  sing N N 313 
NAP P2B O3X  sing N N 314 
NAP O2X HOP2 sing N N 315 
NAP O3X HOP3 sing N N 316 
PHE N   CA   sing N N 317 
PHE N   H    sing N N 318 
PHE N   H2   sing N N 319 
PHE CA  C    sing N N 320 
PHE CA  CB   sing N N 321 
PHE CA  HA   sing N N 322 
PHE C   O    doub N N 323 
PHE C   OXT  sing N N 324 
PHE CB  CG   sing N N 325 
PHE CB  HB2  sing N N 326 
PHE CB  HB3  sing N N 327 
PHE CG  CD1  doub Y N 328 
PHE CG  CD2  sing Y N 329 
PHE CD1 CE1  sing Y N 330 
PHE CD1 HD1  sing N N 331 
PHE CD2 CE2  doub Y N 332 
PHE CD2 HD2  sing N N 333 
PHE CE1 CZ   doub Y N 334 
PHE CE1 HE1  sing N N 335 
PHE CE2 CZ   sing Y N 336 
PHE CE2 HE2  sing N N 337 
PHE CZ  HZ   sing N N 338 
PHE OXT HXT  sing N N 339 
PRO N   CA   sing N N 340 
PRO N   CD   sing N N 341 
PRO N   H    sing N N 342 
PRO CA  C    sing N N 343 
PRO CA  CB   sing N N 344 
PRO CA  HA   sing N N 345 
PRO C   O    doub N N 346 
PRO C   OXT  sing N N 347 
PRO CB  CG   sing N N 348 
PRO CB  HB2  sing N N 349 
PRO CB  HB3  sing N N 350 
PRO CG  CD   sing N N 351 
PRO CG  HG2  sing N N 352 
PRO CG  HG3  sing N N 353 
PRO CD  HD2  sing N N 354 
PRO CD  HD3  sing N N 355 
PRO OXT HXT  sing N N 356 
SER N   CA   sing N N 357 
SER N   H    sing N N 358 
SER N   H2   sing N N 359 
SER CA  C    sing N N 360 
SER CA  CB   sing N N 361 
SER CA  HA   sing N N 362 
SER C   O    doub N N 363 
SER C   OXT  sing N N 364 
SER CB  OG   sing N N 365 
SER CB  HB2  sing N N 366 
SER CB  HB3  sing N N 367 
SER OG  HG   sing N N 368 
SER OXT HXT  sing N N 369 
THR N   CA   sing N N 370 
THR N   H    sing N N 371 
THR N   H2   sing N N 372 
THR CA  C    sing N N 373 
THR CA  CB   sing N N 374 
THR CA  HA   sing N N 375 
THR C   O    doub N N 376 
THR C   OXT  sing N N 377 
THR CB  OG1  sing N N 378 
THR CB  CG2  sing N N 379 
THR CB  HB   sing N N 380 
THR OG1 HG1  sing N N 381 
THR CG2 HG21 sing N N 382 
THR CG2 HG22 sing N N 383 
THR CG2 HG23 sing N N 384 
THR OXT HXT  sing N N 385 
TRP N   CA   sing N N 386 
TRP N   H    sing N N 387 
TRP N   H2   sing N N 388 
TRP CA  C    sing N N 389 
TRP CA  CB   sing N N 390 
TRP CA  HA   sing N N 391 
TRP C   O    doub N N 392 
TRP C   OXT  sing N N 393 
TRP CB  CG   sing N N 394 
TRP CB  HB2  sing N N 395 
TRP CB  HB3  sing N N 396 
TRP CG  CD1  doub Y N 397 
TRP CG  CD2  sing Y N 398 
TRP CD1 NE1  sing Y N 399 
TRP CD1 HD1  sing N N 400 
TRP CD2 CE2  doub Y N 401 
TRP CD2 CE3  sing Y N 402 
TRP NE1 CE2  sing Y N 403 
TRP NE1 HE1  sing N N 404 
TRP CE2 CZ2  sing Y N 405 
TRP CE3 CZ3  doub Y N 406 
TRP CE3 HE3  sing N N 407 
TRP CZ2 CH2  doub Y N 408 
TRP CZ2 HZ2  sing N N 409 
TRP CZ3 CH2  sing Y N 410 
TRP CZ3 HZ3  sing N N 411 
TRP CH2 HH2  sing N N 412 
TRP OXT HXT  sing N N 413 
TYR N   CA   sing N N 414 
TYR N   H    sing N N 415 
TYR N   H2   sing N N 416 
TYR CA  C    sing N N 417 
TYR CA  CB   sing N N 418 
TYR CA  HA   sing N N 419 
TYR C   O    doub N N 420 
TYR C   OXT  sing N N 421 
TYR CB  CG   sing N N 422 
TYR CB  HB2  sing N N 423 
TYR CB  HB3  sing N N 424 
TYR CG  CD1  doub Y N 425 
TYR CG  CD2  sing Y N 426 
TYR CD1 CE1  sing Y N 427 
TYR CD1 HD1  sing N N 428 
TYR CD2 CE2  doub Y N 429 
TYR CD2 HD2  sing N N 430 
TYR CE1 CZ   doub Y N 431 
TYR CE1 HE1  sing N N 432 
TYR CE2 CZ   sing Y N 433 
TYR CE2 HE2  sing N N 434 
TYR CZ  OH   sing N N 435 
TYR OH  HH   sing N N 436 
TYR OXT HXT  sing N N 437 
VAL N   CA   sing N N 438 
VAL N   H    sing N N 439 
VAL N   H2   sing N N 440 
VAL CA  C    sing N N 441 
VAL CA  CB   sing N N 442 
VAL CA  HA   sing N N 443 
VAL C   O    doub N N 444 
VAL C   OXT  sing N N 445 
VAL CB  CG1  sing N N 446 
VAL CB  CG2  sing N N 447 
VAL CB  HB   sing N N 448 
VAL CG1 HG11 sing N N 449 
VAL CG1 HG12 sing N N 450 
VAL CG1 HG13 sing N N 451 
VAL CG2 HG21 sing N N 452 
VAL CG2 HG22 sing N N 453 
VAL CG2 HG23 sing N N 454 
VAL OXT HXT  sing N N 455 
# 
_atom_sites.entry_id                    1D4O 
_atom_sites.fract_transf_matrix[1][1]   -0.00751903 
_atom_sites.fract_transf_matrix[1][2]   0.02201491 
_atom_sites.fract_transf_matrix[1][3]   -0.02029230 
_atom_sites.fract_transf_matrix[2][1]   -0.02324880 
_atom_sites.fract_transf_matrix[2][2]   -0.00130317 
_atom_sites.fract_transf_matrix[2][3]   0.01952985 
_atom_sites.fract_transf_matrix[3][1]   0.02000398 
_atom_sites.fract_transf_matrix[3][2]   0.01755699 
_atom_sites.fract_transf_matrix[3][3]   0.00873621 
_atom_sites.fract_transf_vector[1]      0.005155 
_atom_sites.fract_transf_vector[2]      0.771453 
_atom_sites.fract_transf_vector[3]      0.186473 
# 
loop_
_atom_type.symbol 
C 
N 
O 
P 
S 
# 
loop_
_atom_site.group_PDB 
_atom_site.id 
_atom_site.type_symbol 
_atom_site.label_atom_id 
_atom_site.label_alt_id 
_atom_site.label_comp_id 
_atom_site.label_asym_id 
_atom_site.label_entity_id 
_atom_site.label_seq_id 
_atom_site.pdbx_PDB_ins_code 
_atom_site.Cartn_x 
_atom_site.Cartn_y 
_atom_site.Cartn_z 
_atom_site.occupancy 
_atom_site.B_iso_or_equiv 
_atom_site.pdbx_formal_charge 
_atom_site.auth_seq_id 
_atom_site.auth_comp_id 
_atom_site.auth_asym_id 
_atom_site.auth_atom_id 
_atom_site.pdbx_PDB_model_num 
ATOM   1    N N   . GLY A 1 5   ? 0.869   -9.569  -21.410 1.00 69.07 ? 5   GLY A N   1 
ATOM   2    C CA  . GLY A 1 5   ? 1.084   -8.178  -21.020 1.00 55.70 ? 5   GLY A CA  1 
ATOM   3    C C   . GLY A 1 5   ? 2.044   -8.098  -19.844 1.00 44.02 ? 5   GLY A C   1 
ATOM   4    O O   . GLY A 1 5   ? 2.054   -9.033  -19.032 1.00 50.35 ? 5   GLY A O   1 
ATOM   5    N N   . THR A 1 6   ? 2.809   -7.025  -19.739 1.00 41.84 ? 6   THR A N   1 
ATOM   6    C CA  . THR A 1 6   ? 3.903   -6.803  -18.810 1.00 34.02 ? 6   THR A CA  1 
ATOM   7    C C   . THR A 1 6   ? 3.551   -6.781  -17.336 1.00 32.57 ? 6   THR A C   1 
ATOM   8    O O   . THR A 1 6   ? 4.473   -6.908  -16.517 1.00 38.13 ? 6   THR A O   1 
ATOM   9    C CB  . THR A 1 6   ? 4.611   -5.462  -19.150 1.00 40.07 ? 6   THR A CB  1 
ATOM   10   O OG1 . THR A 1 6   ? 4.956   -5.359  -20.543 1.00 51.42 ? 6   THR A OG1 1 
ATOM   11   C CG2 . THR A 1 6   ? 5.919   -5.394  -18.376 1.00 53.50 ? 6   THR A CG2 1 
ATOM   12   N N   . HIS A 1 7   ? 2.352   -6.628  -16.842 1.00 31.05 ? 7   HIS A N   1 
ATOM   13   C CA  . HIS A 1 7   ? 2.019   -6.762  -15.423 1.00 27.40 ? 7   HIS A CA  1 
ATOM   14   C C   . HIS A 1 7   ? 1.025   -7.897  -15.222 1.00 28.32 ? 7   HIS A C   1 
ATOM   15   O O   . HIS A 1 7   ? 0.476   -8.444  -16.170 1.00 28.55 ? 7   HIS A O   1 
ATOM   16   C CB  . HIS A 1 7   ? 1.417   -5.440  -14.893 1.00 27.40 ? 7   HIS A CB  1 
ATOM   17   C CG  . HIS A 1 7   ? 0.148   -5.157  -15.643 1.00 25.70 ? 7   HIS A CG  1 
ATOM   18   N ND1 . HIS A 1 7   ? 0.138   -4.648  -16.919 1.00 31.93 ? 7   HIS A ND1 1 
ATOM   19   C CD2 . HIS A 1 7   ? -1.149  -5.335  -15.311 1.00 26.19 ? 7   HIS A CD2 1 
ATOM   20   C CE1 . HIS A 1 7   ? -1.116  -4.507  -17.338 1.00 29.37 ? 7   HIS A CE1 1 
ATOM   21   N NE2 . HIS A 1 7   ? -1.920  -4.927  -16.377 1.00 27.66 ? 7   HIS A NE2 1 
ATOM   22   N N   . THR A 1 8   ? 0.779   -8.245  -13.958 1.00 26.71 ? 8   THR A N   1 
ATOM   23   C CA  . THR A 1 8   ? -0.199  -9.230  -13.543 1.00 27.07 ? 8   THR A CA  1 
ATOM   24   C C   . THR A 1 8   ? -1.400  -8.525  -12.929 1.00 25.32 ? 8   THR A C   1 
ATOM   25   O O   . THR A 1 8   ? -1.258  -7.678  -12.059 1.00 27.76 ? 8   THR A O   1 
ATOM   26   C CB  . THR A 1 8   ? 0.452   -10.180 -12.521 1.00 28.64 ? 8   THR A CB  1 
ATOM   27   O OG1 . THR A 1 8   ? 1.533   -10.891 -13.130 1.00 34.64 ? 8   THR A OG1 1 
ATOM   28   C CG2 . THR A 1 8   ? -0.566  -11.204 -12.021 1.00 39.50 ? 8   THR A CG2 1 
ATOM   29   N N   . GLU A 1 9   ? -2.605  -8.813  -13.377 1.00 26.72 ? 9   GLU A N   1 
ATOM   30   C CA  . GLU A 1 9   ? -3.829  -8.354  -12.754 1.00 24.78 ? 9   GLU A CA  1 
ATOM   31   C C   . GLU A 1 9   ? -4.452  -9.472  -11.925 1.00 25.70 ? 9   GLU A C   1 
ATOM   32   O O   . GLU A 1 9   ? -4.535  -10.654 -12.365 1.00 30.04 ? 9   GLU A O   1 
ATOM   33   C CB  . GLU A 1 9   ? -4.855  -7.812  -13.762 1.00 27.24 ? 9   GLU A CB  1 
ATOM   34   C CG  . GLU A 1 9   ? -4.390  -6.548  -14.461 1.00 30.97 ? 9   GLU A CG  1 
ATOM   35   C CD  . GLU A 1 9   ? -5.211  -6.063  -15.631 1.00 32.82 ? 9   GLU A CD  1 
ATOM   36   O OE1 . GLU A 1 9   ? -6.419  -6.372  -15.817 1.00 32.59 ? 9   GLU A OE1 1 
ATOM   37   O OE2 . GLU A 1 9   ? -4.645  -5.316  -16.461 1.00 31.69 ? 9   GLU A OE2 1 
ATOM   38   N N   . ILE A 1 10  ? -4.915  -9.115  -10.736 1.00 25.04 ? 10  ILE A N   1 
ATOM   39   C CA  . ILE A 1 10  ? -5.670  -10.050 -9.914  1.00 24.06 ? 10  ILE A CA  1 
ATOM   40   C C   . ILE A 1 10  ? -7.082  -9.519  -9.654  1.00 24.28 ? 10  ILE A C   1 
ATOM   41   O O   . ILE A 1 10  ? -7.369  -8.349  -9.923  1.00 23.77 ? 10  ILE A O   1 
ATOM   42   C CB  . ILE A 1 10  ? -4.996  -10.324 -8.554  1.00 23.65 ? 10  ILE A CB  1 
ATOM   43   C CG1 . ILE A 1 10  ? -4.748  -9.082  -7.690  1.00 21.79 ? 10  ILE A CG1 1 
ATOM   44   C CG2 . ILE A 1 10  ? -3.695  -11.117 -8.781  1.00 24.75 ? 10  ILE A CG2 1 
ATOM   45   C CD1 . ILE A 1 10  ? -4.514  -9.365  -6.200  1.00 25.17 ? 10  ILE A CD1 1 
ATOM   46   N N   . ASN A 1 11  ? -7.919  -10.389 -9.108  1.00 23.20 ? 11  ASN A N   1 
ATOM   47   C CA  . ASN A 1 11  ? -9.297  -10.019 -8.744  1.00 23.95 ? 11  ASN A CA  1 
ATOM   48   C C   . ASN A 1 11  ? -9.393  -9.915  -7.228  1.00 23.88 ? 11  ASN A C   1 
ATOM   49   O O   . ASN A 1 11  ? -8.432  -10.229 -6.502  1.00 22.80 ? 11  ASN A O   1 
ATOM   50   C CB  . ASN A 1 11  ? -10.241 -11.021 -9.428  1.00 24.09 ? 11  ASN A CB  1 
ATOM   51   C CG  . ASN A 1 11  ? -10.046 -12.472 -9.037  1.00 22.54 ? 11  ASN A CG  1 
ATOM   52   O OD1 . ASN A 1 11  ? -9.994  -13.396 -9.884  1.00 26.97 ? 11  ASN A OD1 1 
ATOM   53   N ND2 . ASN A 1 11  ? -9.943  -12.768 -7.753  1.00 21.38 ? 11  ASN A ND2 1 
ATOM   54   N N   . LEU A 1 12  ? -10.549 -9.569  -6.705  1.00 23.47 ? 12  LEU A N   1 
ATOM   55   C CA  . LEU A 1 12  ? -10.782 -9.418  -5.280  1.00 23.56 ? 12  LEU A CA  1 
ATOM   56   C C   . LEU A 1 12  ? -10.586 -10.731 -4.524  1.00 23.30 ? 12  LEU A C   1 
ATOM   57   O O   . LEU A 1 12  ? -10.104 -10.697 -3.391  1.00 22.93 ? 12  LEU A O   1 
ATOM   58   C CB  . LEU A 1 12  ? -12.208 -8.980  -5.067  1.00 26.24 ? 12  LEU A CB  1 
ATOM   59   C CG  . LEU A 1 12  ? -12.749 -7.657  -4.591  1.00 33.79 ? 12  LEU A CG  1 
ATOM   60   C CD1 . LEU A 1 12  ? -11.714 -6.558  -4.388  1.00 30.29 ? 12  LEU A CD1 1 
ATOM   61   C CD2 . LEU A 1 12  ? -13.871 -7.150  -5.532  1.00 27.57 ? 12  LEU A CD2 1 
ATOM   62   N N   . ASP A 1 13  ? -11.016 -11.862 -5.114  1.00 23.27 ? 13  ASP A N   1 
ATOM   63   C CA  . ASP A 1 13  ? -10.872 -13.113 -4.370  1.00 23.37 ? 13  ASP A CA  1 
ATOM   64   C C   . ASP A 1 13  ? -9.407  -13.528 -4.235  1.00 22.44 ? 13  ASP A C   1 
ATOM   65   O O   . ASP A 1 13  ? -8.990  -14.057 -3.195  1.00 24.02 ? 13  ASP A O   1 
ATOM   66   C CB  . ASP A 1 13  ? -11.673 -14.232 -5.061  1.00 24.50 ? 13  ASP A CB  1 
ATOM   67   C CG  . ASP A 1 13  ? -13.163 -13.963 -4.812  1.00 29.20 ? 13  ASP A CG  1 
ATOM   68   O OD1 . ASP A 1 13  ? -13.625 -14.240 -3.672  1.00 38.22 ? 13  ASP A OD1 1 
ATOM   69   O OD2 . ASP A 1 13  ? -13.802 -13.463 -5.751  1.00 32.11 ? 13  ASP A OD2 1 
ATOM   70   N N   . ASN A 1 14  ? -8.624  -13.230 -5.263  1.00 21.88 ? 14  ASN A N   1 
ATOM   71   C CA  . ASN A 1 14  ? -7.176  -13.499 -5.171  1.00 22.68 ? 14  ASN A CA  1 
ATOM   72   C C   . ASN A 1 14  ? -6.589  -12.687 -4.003  1.00 21.37 ? 14  ASN A C   1 
ATOM   73   O O   . ASN A 1 14  ? -5.790  -13.151 -3.202  1.00 23.30 ? 14  ASN A O   1 
ATOM   74   C CB  . ASN A 1 14  ? -6.427  -13.127 -6.442  1.00 22.76 ? 14  ASN A CB  1 
ATOM   75   C CG  . ASN A 1 14  ? -6.850  -13.839 -7.707  1.00 23.33 ? 14  ASN A CG  1 
ATOM   76   O OD1 . ASN A 1 14  ? -6.906  -13.242 -8.810  1.00 24.46 ? 14  ASN A OD1 1 
ATOM   77   N ND2 . ASN A 1 14  ? -7.158  -15.124 -7.616  1.00 25.78 ? 14  ASN A ND2 1 
ATOM   78   N N   . ALA A 1 15  ? -7.050  -11.426 -3.887  1.00 21.97 ? 15  ALA A N   1 
ATOM   79   C CA  . ALA A 1 15  ? -6.532  -10.509 -2.857  1.00 21.40 ? 15  ALA A CA  1 
ATOM   80   C C   . ALA A 1 15  ? -6.917  -11.031 -1.479  1.00 22.15 ? 15  ALA A C   1 
ATOM   81   O O   . ALA A 1 15  ? -6.105  -10.993 -0.553  1.00 23.83 ? 15  ALA A O   1 
ATOM   82   C CB  . ALA A 1 15  ? -7.032  -9.102  -3.039  1.00 24.47 ? 15  ALA A CB  1 
ATOM   83   N N   . ILE A 1 16  ? -8.162  -11.462 -1.356  1.00 23.16 ? 16  ILE A N   1 
ATOM   84   C CA  . ILE A 1 16  ? -8.575  -12.012 -0.051  1.00 22.72 ? 16  ILE A CA  1 
ATOM   85   C C   . ILE A 1 16  ? -7.790  -13.239 0.313   1.00 22.94 ? 16  ILE A C   1 
ATOM   86   O O   . ILE A 1 16  ? -7.418  -13.414 1.490   1.00 23.48 ? 16  ILE A O   1 
ATOM   87   C CB  . ILE A 1 16  ? -10.091 -12.351 -0.064  1.00 25.89 ? 16  ILE A CB  1 
ATOM   88   C CG1 . ILE A 1 16  ? -10.942 -11.090 -0.113  1.00 26.87 ? 16  ILE A CG1 1 
ATOM   89   C CG2 . ILE A 1 16  ? -10.459 -13.275 1.090   1.00 26.54 ? 16  ILE A CG2 1 
ATOM   90   C CD1 . ILE A 1 16  ? -10.858 -10.236 1.137   1.00 27.87 ? 16  ILE A CD1 1 
ATOM   91   N N   . ASP A 1 17  ? -7.536  -14.122 -0.677  1.00 22.48 ? 17  ASP A N   1 
ATOM   92   C CA  . ASP A 1 17  ? -6.750  -15.318 -0.309  1.00 23.94 ? 17  ASP A CA  1 
ATOM   93   C C   . ASP A 1 17  ? -5.338  -14.940 0.083   1.00 24.97 ? 17  ASP A C   1 
ATOM   94   O O   . ASP A 1 17  ? -4.777  -15.566 0.992   1.00 25.51 ? 17  ASP A O   1 
ATOM   95   C CB  . ASP A 1 17  ? -6.719  -16.288 -1.480  1.00 24.68 ? 17  ASP A CB  1 
ATOM   96   C CG  . ASP A 1 17  ? -8.046  -16.989 -1.691  1.00 26.58 ? 17  ASP A CG  1 
ATOM   97   O OD1 . ASP A 1 17  ? -8.283  -17.431 -2.845  1.00 27.05 ? 17  ASP A OD1 1 
ATOM   98   O OD2 . ASP A 1 17  ? -8.827  -17.105 -0.714  1.00 29.98 ? 17  ASP A OD2 1 
ATOM   99   N N   . MET A 1 18  ? -4.728  -13.945 -0.551  1.00 24.07 ? 18  MET A N   1 
ATOM   100  C CA  . MET A 1 18  ? -3.401  -13.460 -0.153  1.00 23.68 ? 18  MET A CA  1 
ATOM   101  C C   . MET A 1 18  ? -3.446  -12.880 1.260   1.00 22.83 ? 18  MET A C   1 
ATOM   102  O O   . MET A 1 18  ? -2.532  -13.146 2.052   1.00 25.00 ? 18  MET A O   1 
ATOM   103  C CB  . MET A 1 18  ? -2.885  -12.414 -1.151  1.00 25.08 ? 18  MET A CB  1 
ATOM   104  C CG  . MET A 1 18  ? -2.576  -13.004 -2.540  1.00 24.52 ? 18  MET A CG  1 
ATOM   105  S SD  . MET A 1 18  ? -2.089  -11.691 -3.699  1.00 26.19 ? 18  MET A SD  1 
ATOM   106  C CE  . MET A 1 18  ? -1.887  -12.623 -5.232  1.00 29.80 ? 18  MET A CE  1 
ATOM   107  N N   . ILE A 1 19  ? -4.477  -12.106 1.612   1.00 22.70 ? 19  ILE A N   1 
ATOM   108  C CA  . ILE A 1 19  ? -4.606  -11.573 2.973   1.00 23.39 ? 19  ILE A CA  1 
ATOM   109  C C   . ILE A 1 19  ? -4.744  -12.698 3.981   1.00 25.55 ? 19  ILE A C   1 
ATOM   110  O O   . ILE A 1 19  ? -4.178  -12.656 5.063   1.00 26.27 ? 19  ILE A O   1 
ATOM   111  C CB  . ILE A 1 19  ? -5.803  -10.596 3.041   1.00 22.93 ? 19  ILE A CB  1 
ATOM   112  C CG1 . ILE A 1 19  ? -5.485  -9.340  2.209   1.00 23.42 ? 19  ILE A CG1 1 
ATOM   113  C CG2 . ILE A 1 19  ? -6.226  -10.230 4.444   1.00 23.54 ? 19  ILE A CG2 1 
ATOM   114  C CD1 . ILE A 1 19  ? -6.706  -8.463  1.959   1.00 28.34 ? 19  ILE A CD1 1 
ATOM   115  N N   . ARG A 1 20  ? -5.504  -13.739 3.605   1.00 29.64 ? 20  ARG A N   1 
ATOM   116  C CA  . ARG A 1 20  ? -5.780  -14.808 4.538   1.00 30.87 ? 20  ARG A CA  1 
ATOM   117  C C   . ARG A 1 20  ? -4.526  -15.596 4.865   1.00 30.48 ? 20  ARG A C   1 
ATOM   118  O O   . ARG A 1 20  ? -4.267  -16.067 5.982   1.00 32.82 ? 20  ARG A O   1 
ATOM   119  C CB  . ARG A 1 20  ? -6.831  -15.718 3.873   1.00 35.19 ? 20  ARG A CB  1 
ATOM   120  C CG  . ARG A 1 20  ? -8.249  -15.311 4.249   1.00 43.68 ? 20  ARG A CG  1 
ATOM   121  C CD  A ARG A 1 20  ? -9.249  -16.419 3.962   0.26 43.56 ? 20  ARG A CD  1 
ATOM   122  C CD  B ARG A 1 20  ? -9.119  -16.574 4.285   0.00 43.66 ? 20  ARG A CD  1 
ATOM   123  N NE  A ARG A 1 20  ? -9.184  -17.494 4.948   0.00 44.62 ? 20  ARG A NE  1 
ATOM   124  N NE  B ARG A 1 20  ? -8.478  -17.602 3.455   0.30 45.03 ? 20  ARG A NE  1 
ATOM   125  C CZ  A ARG A 1 20  ? -10.225 -17.991 5.602   0.57 49.03 ? 20  ARG A CZ  1 
ATOM   126  C CZ  B ARG A 1 20  ? -8.778  -17.767 2.171   0.76 43.22 ? 20  ARG A CZ  1 
ATOM   127  N NH1 A ARG A 1 20  ? -11.439 -17.506 5.379   0.00 49.73 ? 20  ARG A NH1 1 
ATOM   128  N NH1 B ARG A 1 20  ? -9.697  -16.985 1.622   0.12 34.92 ? 20  ARG A NH1 1 
ATOM   129  N NH2 A ARG A 1 20  ? -10.069 -18.972 6.482   0.27 45.17 ? 20  ARG A NH2 1 
ATOM   130  N NH2 B ARG A 1 20  ? -8.170  -18.704 1.459   0.34 39.97 ? 20  ARG A NH2 1 
ATOM   131  N N   . GLU A 1 21  ? -3.708  -15.757 3.831   1.00 29.30 ? 21  GLU A N   1 
ATOM   132  C CA  . GLU A 1 21  ? -2.474  -16.521 3.992   1.00 30.32 ? 21  GLU A CA  1 
ATOM   133  C C   . GLU A 1 21  ? -1.365  -15.736 4.679   1.00 27.00 ? 21  GLU A C   1 
ATOM   134  O O   . GLU A 1 21  ? -0.433  -16.356 5.155   1.00 32.12 ? 21  GLU A O   1 
ATOM   135  C CB  . GLU A 1 21  ? -1.988  -17.021 2.624   1.00 34.29 ? 21  GLU A CB  1 
ATOM   136  C CG  . GLU A 1 21  ? -2.819  -18.203 2.119   1.00 40.43 ? 21  GLU A CG  1 
ATOM   137  C CD  . GLU A 1 21  ? -2.254  -18.869 0.883   1.00 48.65 ? 21  GLU A CD  1 
ATOM   138  O OE1 . GLU A 1 21  ? -1.364  -18.289 0.218   1.00 59.34 ? 21  GLU A OE1 1 
ATOM   139  O OE2 . GLU A 1 21  ? -2.692  -19.999 0.553   1.00 59.75 ? 21  GLU A OE2 1 
ATOM   140  N N   . ALA A 1 22  ? -1.469  -14.411 4.762   1.00 24.55 ? 22  ALA A N   1 
ATOM   141  C CA  . ALA A 1 22  ? -0.460  -13.554 5.383   1.00 22.71 ? 22  ALA A CA  1 
ATOM   142  C C   . ALA A 1 22  ? -0.621  -13.425 6.888   1.00 24.59 ? 22  ALA A C   1 
ATOM   143  O O   . ALA A 1 22  ? -1.710  -13.158 7.393   1.00 27.82 ? 22  ALA A O   1 
ATOM   144  C CB  . ALA A 1 22  ? -0.524  -12.164 4.776   1.00 23.17 ? 22  ALA A CB  1 
ATOM   145  N N   . ASN A 1 23  ? 0.483   -13.604 7.630   1.00 24.45 ? 23  ASN A N   1 
ATOM   146  C CA  . ASN A 1 23  ? 0.509   -13.257 9.056   1.00 22.55 ? 23  ASN A CA  1 
ATOM   147  C C   . ASN A 1 23  ? 0.779   -11.775 9.298   1.00 24.23 ? 23  ASN A C   1 
ATOM   148  O O   . ASN A 1 23  ? 0.276   -11.150 10.259  1.00 25.33 ? 23  ASN A O   1 
ATOM   149  C CB  . ASN A 1 23  ? 1.623   -14.076 9.739   1.00 23.99 ? 23  ASN A CB  1 
ATOM   150  C CG  . ASN A 1 23  ? 1.352   -15.547 9.806   1.00 24.78 ? 23  ASN A CG  1 
ATOM   151  O OD1 . ASN A 1 23  ? 2.281   -16.352 9.908   1.00 26.73 ? 23  ASN A OD1 1 
ATOM   152  N ND2 . ASN A 1 23  ? 0.093   -15.960 9.788   1.00 27.55 ? 23  ASN A ND2 1 
ATOM   153  N N   . SER A 1 24  ? 1.662   -11.227 8.437   1.00 21.66 ? 24  SER A N   1 
ATOM   154  C CA  . SER A 1 24  ? 2.147   -9.855  8.590   1.00 22.12 ? 24  SER A CA  1 
ATOM   155  C C   . SER A 1 24  ? 1.763   -9.083  7.332   1.00 21.21 ? 24  SER A C   1 
ATOM   156  O O   . SER A 1 24  ? 2.036   -9.517  6.194   1.00 21.79 ? 24  SER A O   1 
ATOM   157  C CB  . SER A 1 24  ? 3.677   -9.798  8.802   1.00 21.37 ? 24  SER A CB  1 
ATOM   158  O OG  . SER A 1 24  ? 4.350   -10.519 7.786   1.00 22.65 ? 24  SER A OG  1 
ATOM   159  N N   . ILE A 1 25  ? 1.154   -7.914  7.563   1.00 21.23 ? 25  ILE A N   1 
ATOM   160  C CA  . ILE A 1 25  ? 0.695   -7.039  6.483   1.00 21.21 ? 25  ILE A CA  1 
ATOM   161  C C   . ILE A 1 25  ? 1.156   -5.631  6.764   1.00 20.76 ? 25  ILE A C   1 
ATOM   162  O O   . ILE A 1 25  ? 0.965   -5.142  7.884   1.00 22.33 ? 25  ILE A O   1 
ATOM   163  C CB  . ILE A 1 25  ? -0.840  -7.102  6.368   1.00 20.73 ? 25  ILE A CB  1 
ATOM   164  C CG1 . ILE A 1 25  ? -1.371  -8.534  6.131   1.00 22.85 ? 25  ILE A CG1 1 
ATOM   165  C CG2 . ILE A 1 25  ? -1.327  -6.157  5.290   1.00 22.07 ? 25  ILE A CG2 1 
ATOM   166  C CD1 . ILE A 1 25  ? -2.895  -8.641  6.116   1.00 25.34 ? 25  ILE A CD1 1 
ATOM   167  N N   . ILE A 1 26  ? 1.725   -4.965  5.743   1.00 19.72 ? 26  ILE A N   1 
ATOM   168  C CA  . ILE A 1 26  ? 2.007   -3.547  5.892   1.00 20.11 ? 26  ILE A CA  1 
ATOM   169  C C   . ILE A 1 26  ? 1.213   -2.823  4.808   1.00 19.67 ? 26  ILE A C   1 
ATOM   170  O O   . ILE A 1 26  ? 1.252   -3.256  3.625   1.00 20.02 ? 26  ILE A O   1 
ATOM   171  C CB  . ILE A 1 26  ? 3.497   -3.180  5.742   1.00 22.11 ? 26  ILE A CB  1 
ATOM   172  C CG1 . ILE A 1 26  ? 4.313   -3.705  6.916   1.00 21.13 ? 26  ILE A CG1 1 
ATOM   173  C CG2 . ILE A 1 26  ? 3.649   -1.659  5.602   1.00 21.12 ? 26  ILE A CG2 1 
ATOM   174  C CD1 . ILE A 1 26  ? 5.819   -3.594  6.694   1.00 21.79 ? 26  ILE A CD1 1 
ATOM   175  N N   . ILE A 1 27  ? 0.523   -1.752  5.186   1.00 19.13 ? 27  ILE A N   1 
ATOM   176  C CA  . ILE A 1 27  ? -0.162  -0.905  4.217   1.00 19.06 ? 27  ILE A CA  1 
ATOM   177  C C   . ILE A 1 27  ? 0.667   0.344   4.028   1.00 18.71 ? 27  ILE A C   1 
ATOM   178  O O   . ILE A 1 27  ? 1.013   1.025   5.008   1.00 20.08 ? 27  ILE A O   1 
ATOM   179  C CB  . ILE A 1 27  ? -1.567  -0.525  4.726   1.00 20.01 ? 27  ILE A CB  1 
ATOM   180  C CG1 . ILE A 1 27  ? -2.408  -1.786  4.945   1.00 22.55 ? 27  ILE A CG1 1 
ATOM   181  C CG2 . ILE A 1 27  ? -2.172  0.486   3.792   1.00 21.90 ? 27  ILE A CG2 1 
ATOM   182  C CD1 . ILE A 1 27  ? -3.731  -1.523  5.654   1.00 24.58 ? 27  ILE A CD1 1 
ATOM   183  N N   . THR A 1 28  ? 1.009   0.648   2.760   1.00 19.52 ? 28  THR A N   1 
ATOM   184  C CA  . THR A 1 28  ? 1.709   1.892   2.480   1.00 19.52 ? 28  THR A CA  1 
ATOM   185  C C   . THR A 1 28  ? 0.729   2.804   1.740   1.00 19.45 ? 28  THR A C   1 
ATOM   186  O O   . THR A 1 28  ? 0.462   2.566   0.549   1.00 20.37 ? 28  THR A O   1 
ATOM   187  C CB  . THR A 1 28  ? 2.977   1.706   1.626   1.00 19.40 ? 28  THR A CB  1 
ATOM   188  O OG1 . THR A 1 28  ? 2.735   1.028   0.379   1.00 20.25 ? 28  THR A OG1 1 
ATOM   189  C CG2 . THR A 1 28  ? 3.966   0.806   2.388   1.00 20.62 ? 28  THR A CG2 1 
ATOM   190  N N   . PRO A 1 29  ? 0.161   3.799   2.430   1.00 20.00 ? 29  PRO A N   1 
ATOM   191  C CA  . PRO A 1 29  ? -0.885  4.648   1.848   1.00 20.43 ? 29  PRO A CA  1 
ATOM   192  C C   . PRO A 1 29  ? -0.262  5.833   1.141   1.00 19.33 ? 29  PRO A C   1 
ATOM   193  O O   . PRO A 1 29  ? 0.744   6.375   1.565   1.00 19.90 ? 29  PRO A O   1 
ATOM   194  C CB  . PRO A 1 29  ? -1.636  5.107   3.109   1.00 22.51 ? 29  PRO A CB  1 
ATOM   195  C CG  . PRO A 1 29  ? -0.505  5.341   4.078   1.00 22.92 ? 29  PRO A CG  1 
ATOM   196  C CD  . PRO A 1 29  ? 0.440   4.197   3.821   1.00 21.61 ? 29  PRO A CD  1 
ATOM   197  N N   . GLY A 1 30  ? -0.932  6.293   0.075   1.00 19.52 ? 30  GLY A N   1 
ATOM   198  C CA  . GLY A 1 30  ? -0.513  7.481   -0.620  1.00 20.14 ? 30  GLY A CA  1 
ATOM   199  C C   . GLY A 1 30  ? -1.719  8.331   -1.021  1.00 21.10 ? 30  GLY A C   1 
ATOM   200  O O   . GLY A 1 30  ? -2.844  8.055   -0.596  1.00 20.64 ? 30  GLY A O   1 
ATOM   201  N N   . TYR A 1 31  ? -1.446  9.314   -1.871  1.00 20.18 ? 31  TYR A N   1 
ATOM   202  C CA  . TYR A 1 31  ? -2.498  10.243  -2.259  1.00 20.59 ? 31  TYR A CA  1 
ATOM   203  C C   . TYR A 1 31  ? -3.756  9.558   -2.757  1.00 20.89 ? 31  TYR A C   1 
ATOM   204  O O   . TYR A 1 31  ? -4.862  10.023  -2.426  1.00 23.24 ? 31  TYR A O   1 
ATOM   205  C CB  . TYR A 1 31  ? -1.959  11.238  -3.318  1.00 20.73 ? 31  TYR A CB  1 
ATOM   206  C CG  . TYR A 1 31  ? -3.102  12.187  -3.634  1.00 22.97 ? 31  TYR A CG  1 
ATOM   207  C CD1 . TYR A 1 31  ? -3.667  12.177  -4.896  1.00 27.04 ? 31  TYR A CD1 1 
ATOM   208  C CD2 . TYR A 1 31  ? -3.602  13.065  -2.691  1.00 25.02 ? 31  TYR A CD2 1 
ATOM   209  C CE1 . TYR A 1 31  ? -4.704  13.040  -5.182  1.00 31.18 ? 31  TYR A CE1 1 
ATOM   210  C CE2 . TYR A 1 31  ? -4.644  13.938  -2.968  1.00 29.75 ? 31  TYR A CE2 1 
ATOM   211  C CZ  . TYR A 1 31  ? -5.187  13.908  -4.230  1.00 31.72 ? 31  TYR A CZ  1 
ATOM   212  O OH  . TYR A 1 31  ? -6.232  14.744  -4.567  1.00 38.58 ? 31  TYR A OH  1 
ATOM   213  N N   . GLY A 1 32  ? -3.679  8.495   -3.509  1.00 20.14 ? 32  GLY A N   1 
ATOM   214  C CA  . GLY A 1 32  ? -4.870  7.847   -4.034  1.00 20.70 ? 32  GLY A CA  1 
ATOM   215  C C   . GLY A 1 32  ? -5.850  7.371   -3.008  1.00 20.77 ? 32  GLY A C   1 
ATOM   216  O O   . GLY A 1 32  ? -7.047  7.319   -3.253  1.00 22.25 ? 32  GLY A O   1 
ATOM   217  N N   . LEU A 1 33  ? -5.349  6.991   -1.829  1.00 21.81 ? 33  LEU A N   1 
ATOM   218  C CA  . LEU A 1 33  ? -6.209  6.562   -0.723  1.00 21.29 ? 33  LEU A CA  1 
ATOM   219  C C   . LEU A 1 33  ? -7.148  7.690   -0.300  1.00 21.52 ? 33  LEU A C   1 
ATOM   220  O O   . LEU A 1 33  ? -8.358  7.514   -0.197  1.00 23.33 ? 33  LEU A O   1 
ATOM   221  C CB  . LEU A 1 33  ? -5.331  6.056   0.432   1.00 20.56 ? 33  LEU A CB  1 
ATOM   222  C CG  . LEU A 1 33  ? -6.057  5.413   1.636   1.00 22.38 ? 33  LEU A CG  1 
ATOM   223  C CD1 . LEU A 1 33  ? -5.008  4.595   2.406   1.00 23.66 ? 33  LEU A CD1 1 
ATOM   224  C CD2 . LEU A 1 33  ? -6.667  6.363   2.653   1.00 28.12 ? 33  LEU A CD2 1 
ATOM   225  N N   . CYS A 1 34  ? -6.559  8.829   -0.032  1.00 22.40 ? 34  CYS A N   1 
ATOM   226  C CA  . CYS A 1 34  ? -7.436  9.908   0.480   1.00 23.09 ? 34  CYS A CA  1 
ATOM   227  C C   . CYS A 1 34  ? -8.171  10.598  -0.661  1.00 23.43 ? 34  CYS A C   1 
ATOM   228  O O   . CYS A 1 34  ? -9.287  11.096  -0.399  1.00 23.78 ? 34  CYS A O   1 
ATOM   229  C CB  . CYS A 1 34  ? -6.688  10.844  1.372   1.00 25.78 ? 34  CYS A CB  1 
ATOM   230  S SG  . CYS A 1 34  ? -5.133  11.473  0.789   1.00 28.04 ? 34  CYS A SG  1 
ATOM   231  N N   . ALA A 1 35  ? -7.667  10.589  -1.885  1.00 22.12 ? 35  ALA A N   1 
ATOM   232  C CA  . ALA A 1 35  ? -8.465  11.073  -3.010  1.00 23.02 ? 35  ALA A CA  1 
ATOM   233  C C   . ALA A 1 35  ? -9.800  10.342  -3.073  1.00 23.59 ? 35  ALA A C   1 
ATOM   234  O O   . ALA A 1 35  ? -10.832 10.962  -3.461  1.00 24.53 ? 35  ALA A O   1 
ATOM   235  C CB  . ALA A 1 35  ? -7.781  10.842  -4.344  1.00 23.68 ? 35  ALA A CB  1 
ATOM   236  N N   . ALA A 1 36  ? -9.799  9.049   -2.750  1.00 22.11 ? 36  ALA A N   1 
ATOM   237  C CA  . ALA A 1 36  ? -10.996 8.232   -2.868  1.00 22.12 ? 36  ALA A CA  1 
ATOM   238  C C   . ALA A 1 36  ? -11.798 8.163   -1.571  1.00 21.69 ? 36  ALA A C   1 
ATOM   239  O O   . ALA A 1 36  ? -12.858 7.517   -1.522  1.00 23.56 ? 36  ALA A O   1 
ATOM   240  C CB  . ALA A 1 36  ? -10.569 6.805   -3.298  1.00 25.37 ? 36  ALA A CB  1 
ATOM   241  N N   . LYS A 1 37  ? -11.309 8.806   -0.494  1.00 22.96 ? 37  LYS A N   1 
ATOM   242  C CA  . LYS A 1 37  ? -11.870 8.646   0.838   1.00 23.67 ? 37  LYS A CA  1 
ATOM   243  C C   . LYS A 1 37  ? -11.913 7.201   1.318   1.00 23.08 ? 37  LYS A C   1 
ATOM   244  O O   . LYS A 1 37  ? -12.808 6.694   2.027   1.00 23.96 ? 37  LYS A O   1 
ATOM   245  C CB  . LYS A 1 37  ? -13.287 9.272   0.877   1.00 26.61 ? 37  LYS A CB  1 
ATOM   246  C CG  . LYS A 1 37  ? -13.247 10.791  0.858   1.00 29.78 ? 37  LYS A CG  1 
ATOM   247  C CD  . LYS A 1 37  ? -14.643 11.388  1.049   1.00 40.61 ? 37  LYS A CD  1 
ATOM   248  C CE  . LYS A 1 37  ? -14.630 12.875  0.744   1.00 44.37 ? 37  LYS A CE  1 
ATOM   249  N NZ  . LYS A 1 37  ? -15.755 13.622  1.364   1.00 51.96 ? 37  LYS A NZ  1 
ATOM   250  N N   . ALA A 1 38  ? -10.884 6.422   0.973   1.00 22.51 ? 38  ALA A N   1 
ATOM   251  C CA  . ALA A 1 38  ? -10.802 5.010   1.338   1.00 23.24 ? 38  ALA A CA  1 
ATOM   252  C C   . ALA A 1 38  ? -10.352 4.777   2.776   1.00 22.86 ? 38  ALA A C   1 
ATOM   253  O O   . ALA A 1 38  ? -10.291 3.632   3.216   1.00 21.64 ? 38  ALA A O   1 
ATOM   254  C CB  . ALA A 1 38  ? -9.890  4.257   0.352   1.00 23.02 ? 38  ALA A CB  1 
ATOM   255  N N   . GLN A 1 39  ? -10.038 5.847   3.519   1.00 22.38 ? 39  GLN A N   1 
ATOM   256  C CA  . GLN A 1 39  ? -9.574  5.678   4.878   1.00 22.54 ? 39  GLN A CA  1 
ATOM   257  C C   . GLN A 1 39  ? -10.614 5.001   5.755   1.00 22.42 ? 39  GLN A C   1 
ATOM   258  O O   . GLN A 1 39  ? -10.207 4.280   6.694   1.00 23.85 ? 39  GLN A O   1 
ATOM   259  C CB  . GLN A 1 39  ? -9.117  7.002   5.463   1.00 23.55 ? 39  GLN A CB  1 
ATOM   260  C CG  . GLN A 1 39  ? -10.060 8.178   5.589   1.00 24.55 ? 39  GLN A CG  1 
ATOM   261  C CD  . GLN A 1 39  ? -9.962  9.046   4.340   1.00 23.55 ? 39  GLN A CD  1 
ATOM   262  O OE1 . GLN A 1 39  ? -9.664  8.574   3.241   1.00 22.75 ? 39  GLN A OE1 1 
ATOM   263  N NE2 . GLN A 1 39  ? -10.256 10.327  4.508   1.00 23.97 ? 39  GLN A NE2 1 
ATOM   264  N N   . TYR A 1 40  ? -11.888 5.201   5.452   1.00 22.98 ? 40  TYR A N   1 
ATOM   265  C CA  . TYR A 1 40  ? -12.969 4.695   6.316   1.00 24.45 ? 40  TYR A CA  1 
ATOM   266  C C   . TYR A 1 40  ? -13.083 3.182   6.194   1.00 23.40 ? 40  TYR A C   1 
ATOM   267  O O   . TYR A 1 40  ? -12.979 2.502   7.246   1.00 24.05 ? 40  TYR A O   1 
ATOM   268  C CB  . TYR A 1 40  ? -14.306 5.428   6.005   1.00 24.05 ? 40  TYR A CB  1 
ATOM   269  C CG  . TYR A 1 40  ? -14.094 6.947   6.132   1.00 23.58 ? 40  TYR A CG  1 
ATOM   270  C CD1 . TYR A 1 40  ? -14.034 7.754   5.004   1.00 24.55 ? 40  TYR A CD1 1 
ATOM   271  C CD2 . TYR A 1 40  ? -13.908 7.570   7.367   1.00 24.08 ? 40  TYR A CD2 1 
ATOM   272  C CE1 . TYR A 1 40  ? -13.830 9.123   5.074   1.00 24.53 ? 40  TYR A CE1 1 
ATOM   273  C CE2 . TYR A 1 40  ? -13.695 8.940   7.471   1.00 23.64 ? 40  TYR A CE2 1 
ATOM   274  C CZ  . TYR A 1 40  ? -13.666 9.714   6.316   1.00 25.04 ? 40  TYR A CZ  1 
ATOM   275  O OH  . TYR A 1 40  ? -13.447 11.080  6.379   1.00 26.37 ? 40  TYR A OH  1 
ATOM   276  N N   . PRO A 1 41  ? -13.251 2.605   5.010   1.00 23.10 ? 41  PRO A N   1 
ATOM   277  C CA  . PRO A 1 41  ? -13.273 1.129   4.957   1.00 22.54 ? 41  PRO A CA  1 
ATOM   278  C C   . PRO A 1 41  ? -11.945 0.548   5.419   1.00 24.04 ? 41  PRO A C   1 
ATOM   279  O O   . PRO A 1 41  ? -11.862 -0.534  6.010   1.00 25.12 ? 41  PRO A O   1 
ATOM   280  C CB  . PRO A 1 41  ? -13.492 0.814   3.472   1.00 23.38 ? 41  PRO A CB  1 
ATOM   281  C CG  . PRO A 1 41  ? -13.152 2.076   2.711   1.00 22.76 ? 41  PRO A CG  1 
ATOM   282  C CD  . PRO A 1 41  ? -13.501 3.193   3.683   1.00 23.81 ? 41  PRO A CD  1 
ATOM   283  N N   . ILE A 1 42  ? -10.842 1.246   5.139   1.00 22.15 ? 42  ILE A N   1 
ATOM   284  C CA  . ILE A 1 42  ? -9.564  0.655   5.566   1.00 23.17 ? 42  ILE A CA  1 
ATOM   285  C C   . ILE A 1 42  ? -9.418  0.558   7.064   1.00 24.11 ? 42  ILE A C   1 
ATOM   286  O O   . ILE A 1 42  ? -8.865  -0.421  7.624   1.00 25.06 ? 42  ILE A O   1 
ATOM   287  C CB  . ILE A 1 42  ? -8.448  1.528   4.939   1.00 25.15 ? 42  ILE A CB  1 
ATOM   288  C CG1 . ILE A 1 42  ? -8.432  1.327   3.402   1.00 26.65 ? 42  ILE A CG1 1 
ATOM   289  C CG2 . ILE A 1 42  ? -7.141  1.297   5.657   1.00 26.77 ? 42  ILE A CG2 1 
ATOM   290  C CD1 . ILE A 1 42  ? -7.484  2.286   2.705   1.00 28.01 ? 42  ILE A CD1 1 
ATOM   291  N N   . ALA A 1 43  ? -9.902  1.560   7.798   1.00 24.52 ? 43  ALA A N   1 
ATOM   292  C CA  . ALA A 1 43  ? -9.769  1.464   9.258   1.00 26.63 ? 43  ALA A CA  1 
ATOM   293  C C   . ALA A 1 43  ? -10.568 0.260   9.735   1.00 25.62 ? 43  ALA A C   1 
ATOM   294  O O   . ALA A 1 43  ? -10.140 -0.421  10.665  1.00 27.55 ? 43  ALA A O   1 
ATOM   295  C CB  . ALA A 1 43  ? -10.196 2.761   9.908   1.00 31.34 ? 43  ALA A CB  1 
ATOM   296  N N   . ASP A 1 44  ? -11.709 -0.065  9.115   1.00 25.06 ? 44  ASP A N   1 
ATOM   297  C CA  . ASP A 1 44  ? -12.423 -1.262  9.605   1.00 26.99 ? 44  ASP A CA  1 
ATOM   298  C C   . ASP A 1 44  ? -11.749 -2.559  9.182   1.00 25.36 ? 44  ASP A C   1 
ATOM   299  O O   . ASP A 1 44  ? -11.687 -3.531  9.972   1.00 26.19 ? 44  ASP A O   1 
ATOM   300  C CB  . ASP A 1 44  ? -13.871 -1.213  9.104   1.00 30.97 ? 44  ASP A CB  1 
ATOM   301  C CG  . ASP A 1 44  ? -14.614 -2.425  9.645   1.00 36.78 ? 44  ASP A CG  1 
ATOM   302  O OD1 . ASP A 1 44  ? -15.283 -3.143  8.858   1.00 34.48 ? 44  ASP A OD1 1 
ATOM   303  O OD2 . ASP A 1 44  ? -14.505 -2.625  10.888  1.00 32.35 ? 44  ASP A OD2 1 
ATOM   304  N N   . LEU A 1 45  ? -11.242 -2.600  7.959   1.00 24.45 ? 45  LEU A N   1 
ATOM   305  C CA  . LEU A 1 45  ? -10.487 -3.769  7.492   1.00 24.73 ? 45  LEU A CA  1 
ATOM   306  C C   . LEU A 1 45  ? -9.364  -4.071  8.476   1.00 25.34 ? 45  LEU A C   1 
ATOM   307  O O   . LEU A 1 45  ? -9.128  -5.211  8.894   1.00 27.06 ? 45  LEU A O   1 
ATOM   308  C CB  . LEU A 1 45  ? -9.966  -3.527  6.059   1.00 26.71 ? 45  LEU A CB  1 
ATOM   309  C CG  . LEU A 1 45  ? -9.154  -4.674  5.453   1.00 29.07 ? 45  LEU A CG  1 
ATOM   310  C CD1 . LEU A 1 45  ? -10.081 -5.818  5.050   1.00 31.86 ? 45  LEU A CD1 1 
ATOM   311  C CD2 . LEU A 1 45  ? -8.349  -4.232  4.254   1.00 44.63 ? 45  LEU A CD2 1 
ATOM   312  N N   . VAL A 1 46  ? -8.615  -3.018  8.856   1.00 24.06 ? 46  VAL A N   1 
ATOM   313  C CA  . VAL A 1 46  ? -7.462  -3.240  9.730   1.00 24.92 ? 46  VAL A CA  1 
ATOM   314  C C   . VAL A 1 46  ? -7.925  -3.755  11.087  1.00 24.68 ? 46  VAL A C   1 
ATOM   315  O O   . VAL A 1 46  ? -7.307  -4.655  11.688  1.00 26.32 ? 46  VAL A O   1 
ATOM   316  C CB  . VAL A 1 46  ? -6.587  -1.977  9.854   1.00 27.02 ? 46  VAL A CB  1 
ATOM   317  C CG1 . VAL A 1 46  ? -5.585  -2.151  10.978  1.00 26.92 ? 46  VAL A CG1 1 
ATOM   318  C CG2 . VAL A 1 46  ? -5.909  -1.751  8.501   1.00 25.11 ? 46  VAL A CG2 1 
ATOM   319  N N   . LYS A 1 47  ? -9.029  -3.224  11.599  1.00 25.09 ? 47  LYS A N   1 
ATOM   320  C CA  . LYS A 1 47  ? -9.507  -3.692  12.911  1.00 26.87 ? 47  LYS A CA  1 
ATOM   321  C C   . LYS A 1 47  ? -9.870  -5.167  12.845  1.00 24.97 ? 47  LYS A C   1 
ATOM   322  O O   . LYS A 1 47  ? -9.480  -5.948  13.724  1.00 27.52 ? 47  LYS A O   1 
ATOM   323  C CB  . LYS A 1 47  ? -10.739 -2.905  13.354  1.00 29.21 ? 47  LYS A CB  1 
ATOM   324  C CG  . LYS A 1 47  ? -11.627 -3.653  14.352  1.00 34.36 ? 47  LYS A CG  1 
ATOM   325  C CD  . LYS A 1 47  ? -12.807 -2.731  14.674  1.00 41.94 ? 47  LYS A CD  1 
ATOM   326  C CE  . LYS A 1 47  ? -12.289 -1.529  15.458  1.00 47.28 ? 47  LYS A CE  1 
ATOM   327  N NZ  . LYS A 1 47  ? -12.741 -0.221  14.905  1.00 50.67 ? 47  LYS A NZ  1 
ATOM   328  N N   . MET A 1 48  ? -10.628 -5.566  11.825  1.00 25.38 ? 48  MET A N   1 
ATOM   329  C CA  . MET A 1 48  ? -10.944 -6.990  11.671  1.00 26.28 ? 48  MET A CA  1 
ATOM   330  C C   . MET A 1 48  ? -9.722  -7.874  11.483  1.00 26.58 ? 48  MET A C   1 
ATOM   331  O O   . MET A 1 48  ? -9.607  -8.959  12.059  1.00 29.30 ? 48  MET A O   1 
ATOM   332  C CB  . MET A 1 48  ? -11.873 -7.212  10.479  1.00 25.86 ? 48  MET A CB  1 
ATOM   333  C CG  . MET A 1 48  ? -13.270 -6.653  10.672  1.00 27.84 ? 48  MET A CG  1 
ATOM   334  S SD  . MET A 1 48  ? -14.382 -7.118  9.313   1.00 29.33 ? 48  MET A SD  1 
ATOM   335  C CE  . MET A 1 48  ? -13.722 -6.076  7.991   1.00 29.43 ? 48  MET A CE  1 
ATOM   336  N N   . LEU A 1 49  ? -8.770  -7.453  10.647  1.00 25.55 ? 49  LEU A N   1 
ATOM   337  C CA  . LEU A 1 49  ? -7.618  -8.332  10.464  1.00 25.52 ? 49  LEU A CA  1 
ATOM   338  C C   . LEU A 1 49  ? -6.766  -8.443  11.721  1.00 26.18 ? 49  LEU A C   1 
ATOM   339  O O   . LEU A 1 49  ? -6.179  -9.507  11.990  1.00 28.68 ? 49  LEU A O   1 
ATOM   340  C CB  . LEU A 1 49  ? -6.786  -7.787  9.296   1.00 25.75 ? 49  LEU A CB  1 
ATOM   341  C CG  . LEU A 1 49  ? -7.487  -7.889  7.940   1.00 29.70 ? 49  LEU A CG  1 
ATOM   342  C CD1 . LEU A 1 49  ? -6.663  -7.176  6.855   1.00 26.71 ? 49  LEU A CD1 1 
ATOM   343  C CD2 . LEU A 1 49  ? -7.770  -9.347  7.561   1.00 27.24 ? 49  LEU A CD2 1 
ATOM   344  N N   . SER A 1 50  ? -6.652  -7.365  12.490  1.00 27.08 ? 50  SER A N   1 
ATOM   345  C CA  . SER A 1 50  ? -5.938  -7.398  13.757  1.00 30.30 ? 50  SER A CA  1 
ATOM   346  C C   . SER A 1 50  ? -6.643  -8.340  14.721  1.00 29.54 ? 50  SER A C   1 
ATOM   347  O O   . SER A 1 50  ? -5.984  -9.052  15.472  1.00 30.88 ? 50  SER A O   1 
ATOM   348  C CB  . SER A 1 50  ? -5.808  -5.983  14.347  1.00 33.38 ? 50  SER A CB  1 
ATOM   349  O OG  . SER A 1 50  ? -5.062  -5.200  13.398  1.00 34.15 ? 50  SER A OG  1 
ATOM   350  N N   . GLU A 1 51  ? -7.977  -8.364  14.696  1.00 34.54 ? 51  GLU A N   1 
ATOM   351  C CA  . GLU A 1 51  ? -8.720  -9.260  15.612  1.00 39.31 ? 51  GLU A CA  1 
ATOM   352  C C   . GLU A 1 51  ? -8.493  -10.715 15.249  1.00 41.08 ? 51  GLU A C   1 
ATOM   353  O O   . GLU A 1 51  ? -8.598  -11.622 16.081  1.00 48.04 ? 51  GLU A O   1 
ATOM   354  C CB  . GLU A 1 51  ? -10.199 -8.890  15.580  1.00 36.52 ? 51  GLU A CB  1 
ATOM   355  C CG  . GLU A 1 51  ? -10.572 -7.819  16.598  1.00 44.72 ? 51  GLU A CG  1 
ATOM   356  C CD  . GLU A 1 51  ? -11.948 -7.227  16.391  1.00 54.04 ? 51  GLU A CD  1 
ATOM   357  O OE1 . GLU A 1 51  ? -12.755 -7.813  15.630  1.00 54.94 ? 51  GLU A OE1 1 
ATOM   358  O OE2 . GLU A 1 51  ? -12.239 -6.164  16.993  1.00 62.33 ? 51  GLU A OE2 1 
ATOM   359  N N   . GLN A 1 52  ? -8.153  -10.993 13.995  1.00 39.47 ? 52  GLN A N   1 
ATOM   360  C CA  . GLN A 1 52  ? -7.812  -12.342 13.555  1.00 38.66 ? 52  GLN A CA  1 
ATOM   361  C C   . GLN A 1 52  ? -6.354  -12.663 13.871  1.00 37.18 ? 52  GLN A C   1 
ATOM   362  O O   . GLN A 1 52  ? -5.824  -13.676 13.399  1.00 41.30 ? 52  GLN A O   1 
ATOM   363  C CB  . GLN A 1 52  ? -8.068  -12.479 12.050  1.00 41.47 ? 52  GLN A CB  1 
ATOM   364  C CG  . GLN A 1 52  ? -9.528  -12.374 11.636  1.00 38.07 ? 52  GLN A CG  1 
ATOM   365  C CD  . GLN A 1 52  ? -9.725  -12.269 10.135  1.00 47.32 ? 52  GLN A CD  1 
ATOM   366  O OE1 . GLN A 1 52  ? -10.674 -11.666 9.607   1.00 65.16 ? 52  GLN A OE1 1 
ATOM   367  N NE2 . GLN A 1 52  ? -8.813  -12.888 9.385   1.00 58.77 ? 52  GLN A NE2 1 
ATOM   368  N N   . GLY A 1 53  ? -5.713  -11.799 14.653  1.00 33.74 ? 53  GLY A N   1 
ATOM   369  C CA  . GLY A 1 53  ? -4.368  -12.010 15.143  1.00 35.49 ? 53  GLY A CA  1 
ATOM   370  C C   . GLY A 1 53  ? -3.247  -11.657 14.189  1.00 32.62 ? 53  GLY A C   1 
ATOM   371  O O   . GLY A 1 53  ? -2.060  -11.879 14.474  1.00 33.21 ? 53  GLY A O   1 
ATOM   372  N N   . LYS A 1 54  ? -3.540  -11.111 13.006  1.00 27.41 ? 54  LYS A N   1 
ATOM   373  C CA  . LYS A 1 54  ? -2.500  -10.705 12.088  1.00 24.89 ? 54  LYS A CA  1 
ATOM   374  C C   . LYS A 1 54  ? -1.839  -9.432  12.595  1.00 24.23 ? 54  LYS A C   1 
ATOM   375  O O   . LYS A 1 54  ? -2.471  -8.620  13.269  1.00 26.81 ? 54  LYS A O   1 
ATOM   376  C CB  . LYS A 1 54  ? -3.074  -10.407 10.684  1.00 26.56 ? 54  LYS A CB  1 
ATOM   377  C CG  . LYS A 1 54  ? -3.493  -11.721 9.998   1.00 28.48 ? 54  LYS A CG  1 
ATOM   378  C CD  . LYS A 1 54  ? -4.345  -11.389 8.787   1.00 27.76 ? 54  LYS A CD  1 
ATOM   379  C CE  . LYS A 1 54  ? -5.122  -12.589 8.309   1.00 26.53 ? 54  LYS A CE  1 
ATOM   380  N NZ  . LYS A 1 54  ? -4.270  -13.778 8.038   1.00 29.47 ? 54  LYS A NZ  1 
ATOM   381  N N   . LYS A 1 55  ? -0.565  -9.282  12.262  1.00 24.82 ? 55  LYS A N   1 
ATOM   382  C CA  . LYS A 1 55  ? 0.191   -8.080  12.523  1.00 23.18 ? 55  LYS A CA  1 
ATOM   383  C C   . LYS A 1 55  ? -0.042  -7.130  11.353  1.00 23.62 ? 55  LYS A C   1 
ATOM   384  O O   . LYS A 1 55  ? 0.462   -7.401  10.264  1.00 25.98 ? 55  LYS A O   1 
ATOM   385  C CB  . LYS A 1 55  ? 1.686   -8.408  12.591  1.00 25.27 ? 55  LYS A CB  1 
ATOM   386  C CG  . LYS A 1 55  ? 2.545   -7.188  12.977  1.00 27.56 ? 55  LYS A CG  1 
ATOM   387  C CD  . LYS A 1 55  ? 3.986   -7.718  13.052  1.00 33.75 ? 55  LYS A CD  1 
ATOM   388  C CE  . LYS A 1 55  ? 4.976   -6.681  13.536  1.00 36.06 ? 55  LYS A CE  1 
ATOM   389  N NZ  . LYS A 1 55  ? 6.386   -7.108  13.382  1.00 48.22 ? 55  LYS A NZ  1 
ATOM   390  N N   . VAL A 1 56  ? -0.816  -6.086  11.604  1.00 22.70 ? 56  VAL A N   1 
ATOM   391  C CA  . VAL A 1 56  ? -1.208  -5.143  10.536  1.00 22.34 ? 56  VAL A CA  1 
ATOM   392  C C   . VAL A 1 56  ? -0.748  -3.745  10.950  1.00 21.50 ? 56  VAL A C   1 
ATOM   393  O O   . VAL A 1 56  ? -1.143  -3.224  11.992  1.00 23.53 ? 56  VAL A O   1 
ATOM   394  C CB  . VAL A 1 56  ? -2.704  -5.179  10.223  1.00 23.35 ? 56  VAL A CB  1 
ATOM   395  C CG1 . VAL A 1 56  ? -3.047  -4.305  8.992   1.00 28.18 ? 56  VAL A CG1 1 
ATOM   396  C CG2 . VAL A 1 56  ? -3.180  -6.601  9.934   1.00 25.10 ? 56  VAL A CG2 1 
ATOM   397  N N   . ARG A 1 57  ? 0.096   -3.142  10.092  1.00 20.89 ? 57  ARG A N   1 
ATOM   398  C CA  . ARG A 1 57  ? 0.637   -1.830  10.405  1.00 21.68 ? 57  ARG A CA  1 
ATOM   399  C C   . ARG A 1 57  ? 0.640   -0.974  9.138   1.00 20.25 ? 57  ARG A C   1 
ATOM   400  O O   . ARG A 1 57  ? 0.569   -1.517  8.031   1.00 20.82 ? 57  ARG A O   1 
ATOM   401  C CB  . ARG A 1 57  ? 2.058   -1.866  10.993  1.00 22.98 ? 57  ARG A CB  1 
ATOM   402  C CG  . ARG A 1 57  ? 2.145   -2.793  12.210  1.00 22.11 ? 57  ARG A CG  1 
ATOM   403  C CD  . ARG A 1 57  ? 3.550   -2.899  12.773  1.00 24.19 ? 57  ARG A CD  1 
ATOM   404  N NE  . ARG A 1 57  ? 4.357   -3.635  11.791  1.00 23.83 ? 57  ARG A NE  1 
ATOM   405  C CZ  . ARG A 1 57  ? 5.668   -3.525  11.705  1.00 23.20 ? 57  ARG A CZ  1 
ATOM   406  N NH1 . ARG A 1 57  ? 6.322   -2.737  12.553  1.00 24.96 ? 57  ARG A NH1 1 
ATOM   407  N NH2 . ARG A 1 57  ? 6.314   -4.207  10.768  1.00 24.91 ? 57  ARG A NH2 1 
ATOM   408  N N   . PHE A 1 58  ? 0.700   0.327   9.338   1.00 20.20 ? 58  PHE A N   1 
ATOM   409  C CA  . PHE A 1 58  ? 0.950   1.259   8.241   1.00 20.33 ? 58  PHE A CA  1 
ATOM   410  C C   . PHE A 1 58  ? 2.376   1.785   8.200   1.00 20.26 ? 58  PHE A C   1 
ATOM   411  O O   . PHE A 1 58  ? 2.928   2.116   9.236   1.00 21.99 ? 58  PHE A O   1 
ATOM   412  C CB  . PHE A 1 58  ? 0.081   2.520   8.367   1.00 20.83 ? 58  PHE A CB  1 
ATOM   413  C CG  . PHE A 1 58  ? -1.412  2.204   8.228   1.00 20.12 ? 58  PHE A CG  1 
ATOM   414  C CD1 . PHE A 1 58  ? -2.130  1.622   9.242   1.00 20.68 ? 58  PHE A CD1 1 
ATOM   415  C CD2 . PHE A 1 58  ? -2.067  2.511   7.053   1.00 21.11 ? 58  PHE A CD2 1 
ATOM   416  C CE1 . PHE A 1 58  ? -3.480  1.331   9.111   1.00 22.23 ? 58  PHE A CE1 1 
ATOM   417  C CE2 . PHE A 1 58  ? -3.428  2.262   6.899   1.00 21.92 ? 58  PHE A CE2 1 
ATOM   418  C CZ  . PHE A 1 58  ? -4.143  1.686   7.936   1.00 21.09 ? 58  PHE A CZ  1 
ATOM   419  N N   . GLY A 1 59  ? 2.936   1.903   6.999   1.00 19.73 ? 59  GLY A N   1 
ATOM   420  C CA  . GLY A 1 59  ? 4.256   2.518   6.779   1.00 19.66 ? 59  GLY A CA  1 
ATOM   421  C C   . GLY A 1 59  ? 4.031   3.741   5.915   1.00 19.19 ? 59  GLY A C   1 
ATOM   422  O O   . GLY A 1 59  ? 3.630   3.580   4.777   1.00 20.76 ? 59  GLY A O   1 
ATOM   423  N N   . ILE A 1 60  ? 4.243   4.926   6.494   1.00 19.83 ? 60  ILE A N   1 
ATOM   424  C CA  . ILE A 1 60  ? 3.891   6.152   5.769   1.00 20.73 ? 60  ILE A CA  1 
ATOM   425  C C   . ILE A 1 60  ? 5.135   6.970   5.478   1.00 20.44 ? 60  ILE A C   1 
ATOM   426  O O   . ILE A 1 60  ? 5.900   7.351   6.371   1.00 23.76 ? 60  ILE A O   1 
ATOM   427  C CB  . ILE A 1 60  ? 2.849   7.010   6.503   1.00 21.27 ? 60  ILE A CB  1 
ATOM   428  C CG1 . ILE A 1 60  ? 1.669   6.136   6.984   1.00 23.43 ? 60  ILE A CG1 1 
ATOM   429  C CG2 . ILE A 1 60  ? 2.399   8.136   5.604   1.00 25.48 ? 60  ILE A CG2 1 
ATOM   430  C CD1 . ILE A 1 60  ? 0.465   6.899   7.486   1.00 26.99 ? 60  ILE A CD1 1 
ATOM   431  N N   . HIS A 1 61  ? 5.322   7.289   4.178   1.00 21.12 ? 61  HIS A N   1 
ATOM   432  C CA  . HIS A 1 61  ? 6.404   8.126   3.731   1.00 20.07 ? 61  HIS A CA  1 
ATOM   433  C C   . HIS A 1 61  ? 6.193   9.545   4.243   1.00 20.36 ? 61  HIS A C   1 
ATOM   434  O O   . HIS A 1 61  ? 5.049   10.063  4.233   1.00 20.48 ? 61  HIS A O   1 
ATOM   435  C CB  . HIS A 1 61  ? 6.461   8.163   2.183   1.00 21.17 ? 61  HIS A CB  1 
ATOM   436  C CG  . HIS A 1 61  ? 7.735   8.618   1.570   1.00 22.52 ? 61  HIS A CG  1 
ATOM   437  N ND1 . HIS A 1 61  ? 8.098   9.942   1.530   1.00 23.64 ? 61  HIS A ND1 1 
ATOM   438  C CD2 . HIS A 1 61  ? 8.697   7.898   0.945   1.00 24.08 ? 61  HIS A CD2 1 
ATOM   439  C CE1 . HIS A 1 61  ? 9.255   10.016  0.917   1.00 23.55 ? 61  HIS A CE1 1 
ATOM   440  N NE2 . HIS A 1 61  ? 9.669   8.791   0.549   1.00 23.25 ? 61  HIS A NE2 1 
ATOM   441  N N   . PRO A 1 62  ? 7.238   10.268  4.638   1.00 20.41 ? 62  PRO A N   1 
ATOM   442  C CA  . PRO A 1 62  ? 7.028   11.673  5.063   1.00 20.74 ? 62  PRO A CA  1 
ATOM   443  C C   . PRO A 1 62  ? 6.410   12.576  3.996   1.00 22.66 ? 62  PRO A C   1 
ATOM   444  O O   . PRO A 1 62  ? 5.739   13.543  4.403   1.00 24.15 ? 62  PRO A O   1 
ATOM   445  C CB  . PRO A 1 62  ? 8.455   12.146  5.381   1.00 24.34 ? 62  PRO A CB  1 
ATOM   446  C CG  . PRO A 1 62  ? 9.351   11.165  4.707   1.00 27.57 ? 62  PRO A CG  1 
ATOM   447  C CD  . PRO A 1 62  ? 8.628   9.853   4.746   1.00 22.43 ? 62  PRO A CD  1 
ATOM   448  N N   . VAL A 1 63  ? 6.558   12.275  2.697   1.00 21.67 ? 63  VAL A N   1 
ATOM   449  C CA  . VAL A 1 63  ? 5.945   13.101  1.655   1.00 22.03 ? 63  VAL A CA  1 
ATOM   450  C C   . VAL A 1 63  ? 4.754   12.439  0.975   1.00 21.46 ? 63  VAL A C   1 
ATOM   451  O O   . VAL A 1 63  ? 4.314   12.888  -0.069  1.00 22.37 ? 63  VAL A O   1 
ATOM   452  C CB  . VAL A 1 63  ? 6.965   13.573  0.590   1.00 26.80 ? 63  VAL A CB  1 
ATOM   453  C CG1 . VAL A 1 63  ? 8.179   14.251  1.222   1.00 36.21 ? 63  VAL A CG1 1 
ATOM   454  C CG2 . VAL A 1 63  ? 7.414   12.438  -0.333  1.00 30.68 ? 63  VAL A CG2 1 
ATOM   455  N N   . ALA A 1 64  ? 4.154   11.409  1.568   1.00 21.11 ? 64  ALA A N   1 
ATOM   456  C CA  . ALA A 1 64  ? 2.964   10.789  1.040   1.00 20.49 ? 64  ALA A CA  1 
ATOM   457  C C   . ALA A 1 64  ? 1.865   11.845  0.958   1.00 20.02 ? 64  ALA A C   1 
ATOM   458  O O   . ALA A 1 64  ? 1.778   12.771  1.779   1.00 22.19 ? 64  ALA A O   1 
ATOM   459  C CB  . ALA A 1 64  ? 2.492   9.681   1.969   1.00 22.03 ? 64  ALA A CB  1 
ATOM   460  N N   . GLY A 1 65  ? 1.010   11.721  -0.045  1.00 20.96 ? 65  GLY A N   1 
ATOM   461  C CA  . GLY A 1 65  ? -0.094  12.657  -0.157  1.00 20.77 ? 65  GLY A CA  1 
ATOM   462  C C   . GLY A 1 65  ? 0.263   13.942  -0.870  1.00 20.43 ? 65  GLY A C   1 
ATOM   463  O O   . GLY A 1 65  ? 1.225   14.017  -1.651  1.00 21.67 ? 65  GLY A O   1 
ATOM   464  N N   . ARG A 1 66  ? -0.518  14.990  -0.585  1.00 21.35 ? 66  ARG A N   1 
ATOM   465  C CA  . ARG A 1 66  ? -0.320  16.298  -1.231  1.00 23.57 ? 66  ARG A CA  1 
ATOM   466  C C   . ARG A 1 66  ? -0.168  17.421  -0.208  1.00 23.90 ? 66  ARG A C   1 
ATOM   467  O O   . ARG A 1 66  ? 0.054   18.559  -0.653  1.00 26.78 ? 66  ARG A O   1 
ATOM   468  C CB  . ARG A 1 66  ? -1.456  16.598  -2.215  1.00 23.09 ? 66  ARG A CB  1 
ATOM   469  C CG  . ARG A 1 66  ? -1.466  15.644  -3.398  1.00 22.83 ? 66  ARG A CG  1 
ATOM   470  C CD  . ARG A 1 66  ? -0.291  15.914  -4.398  1.00 22.55 ? 66  ARG A CD  1 
ATOM   471  N NE  . ARG A 1 66  ? -0.563  15.080  -5.567  1.00 22.20 ? 66  ARG A NE  1 
ATOM   472  C CZ  . ARG A 1 66  ? -0.122  13.847  -5.724  1.00 21.35 ? 66  ARG A CZ  1 
ATOM   473  N NH1 . ARG A 1 66  ? 0.640   13.238  -4.821  1.00 22.40 ? 66  ARG A NH1 1 
ATOM   474  N NH2 . ARG A 1 66  ? -0.461  13.180  -6.833  1.00 21.86 ? 66  ARG A NH2 1 
ATOM   475  N N   . MET A 1 67  ? -0.233  17.119  1.086   1.00 23.38 ? 67  MET A N   1 
ATOM   476  C CA  . MET A 1 67  ? -0.015  18.068  2.174   1.00 25.63 ? 67  MET A CA  1 
ATOM   477  C C   . MET A 1 67  ? 0.846   17.354  3.237   1.00 24.69 ? 67  MET A C   1 
ATOM   478  O O   . MET A 1 67  ? 0.782   16.143  3.367   1.00 24.25 ? 67  MET A O   1 
ATOM   479  C CB  . MET A 1 67  ? -1.305  18.548  2.858   1.00 29.23 ? 67  MET A CB  1 
ATOM   480  C CG  . MET A 1 67  ? -2.305  19.306  1.989   1.00 39.24 ? 67  MET A CG  1 
ATOM   481  S SD  . MET A 1 67  ? -1.796  21.034  1.779   1.00 88.49 ? 67  MET A SD  1 
ATOM   482  C CE  . MET A 1 67  ? -3.329  21.797  1.248   1.00 93.45 ? 67  MET A CE  1 
ATOM   483  N N   . PRO A 1 68  ? 1.636   18.105  3.979   1.00 27.43 ? 68  PRO A N   1 
ATOM   484  C CA  . PRO A 1 68  ? 2.559   17.462  4.899   1.00 28.00 ? 68  PRO A CA  1 
ATOM   485  C C   . PRO A 1 68  ? 1.793   16.684  5.979   1.00 26.37 ? 68  PRO A C   1 
ATOM   486  O O   . PRO A 1 68  ? 0.968   17.289  6.681   1.00 28.56 ? 68  PRO A O   1 
ATOM   487  C CB  . PRO A 1 68  ? 3.308   18.644  5.522   1.00 36.18 ? 68  PRO A CB  1 
ATOM   488  C CG  . PRO A 1 68  ? 2.836   19.885  4.848   1.00 36.27 ? 68  PRO A CG  1 
ATOM   489  C CD  . PRO A 1 68  ? 1.670   19.582  3.971   1.00 32.36 ? 68  PRO A CD  1 
ATOM   490  N N   . GLY A 1 69  ? 2.026   15.376  6.094   1.00 25.25 ? 69  GLY A N   1 
ATOM   491  C CA  . GLY A 1 69  ? 1.333   14.597  7.121   1.00 24.17 ? 69  GLY A CA  1 
ATOM   492  C C   . GLY A 1 69  ? -0.108  14.273  6.762   1.00 21.24 ? 69  GLY A C   1 
ATOM   493  O O   . GLY A 1 69  ? -0.852  13.745  7.605   1.00 21.98 ? 69  GLY A O   1 
ATOM   494  N N   . GLN A 1 70  ? -0.538  14.523  5.548   1.00 21.59 ? 70  GLN A N   1 
ATOM   495  C CA  . GLN A 1 70  ? -1.935  14.303  5.161   1.00 22.24 ? 70  GLN A CA  1 
ATOM   496  C C   . GLN A 1 70  ? -2.424  12.903  5.427   1.00 22.59 ? 70  GLN A C   1 
ATOM   497  O O   . GLN A 1 70  ? -3.545  12.769  5.958   1.00 22.65 ? 70  GLN A O   1 
ATOM   498  C CB  . GLN A 1 70  ? -2.101  14.603  3.662   1.00 22.81 ? 70  GLN A CB  1 
ATOM   499  C CG  . GLN A 1 70  ? -3.518  14.428  3.129   1.00 23.77 ? 70  GLN A CG  1 
ATOM   500  C CD  . GLN A 1 70  ? -3.560  14.971  1.700   1.00 26.61 ? 70  GLN A CD  1 
ATOM   501  O OE1 . GLN A 1 70  ? -2.775  14.533  0.853   1.00 26.87 ? 70  GLN A OE1 1 
ATOM   502  N NE2 . GLN A 1 70  ? -4.431  15.935  1.450   1.00 31.82 ? 70  GLN A NE2 1 
ATOM   503  N N   . LEU A 1 71  ? -1.698  11.841  5.078   1.00 20.82 ? 71  LEU A N   1 
ATOM   504  C CA  . LEU A 1 71  ? -2.181  10.482  5.309   1.00 20.79 ? 71  LEU A CA  1 
ATOM   505  C C   . LEU A 1 71  ? -2.262  10.199  6.822   1.00 19.85 ? 71  LEU A C   1 
ATOM   506  O O   . LEU A 1 71  ? -3.169  9.548   7.315   1.00 21.19 ? 71  LEU A O   1 
ATOM   507  C CB  . LEU A 1 71  ? -1.345  9.402   4.599   1.00 21.68 ? 71  LEU A CB  1 
ATOM   508  C CG  . LEU A 1 71  ? -1.728  9.161   3.129   1.00 21.25 ? 71  LEU A CG  1 
ATOM   509  C CD1 . LEU A 1 71  ? -3.171  8.740   2.955   1.00 24.50 ? 71  LEU A CD1 1 
ATOM   510  C CD2 . LEU A 1 71  ? -1.411  10.422  2.301   1.00 23.28 ? 71  LEU A CD2 1 
ATOM   511  N N   . ASN A 1 72  ? -1.321  10.701  7.608   1.00 21.01 ? 72  ASN A N   1 
ATOM   512  C CA  . ASN A 1 72  ? -1.317  10.477  9.058   1.00 21.72 ? 72  ASN A CA  1 
ATOM   513  C C   . ASN A 1 72  ? -2.558  11.099  9.683   1.00 22.10 ? 72  ASN A C   1 
ATOM   514  O O   . ASN A 1 72  ? -3.219  10.465  10.485  1.00 22.64 ? 72  ASN A O   1 
ATOM   515  C CB  . ASN A 1 72  ? -0.071  11.091  9.660   1.00 21.48 ? 72  ASN A CB  1 
ATOM   516  C CG  . ASN A 1 72  ? 1.196   10.427  9.154   1.00 22.01 ? 72  ASN A CG  1 
ATOM   517  O OD1 . ASN A 1 72  ? 1.635   10.658  8.021   1.00 25.06 ? 72  ASN A OD1 1 
ATOM   518  N ND2 . ASN A 1 72  ? 1.755   9.583   10.035  1.00 22.83 ? 72  ASN A ND2 1 
ATOM   519  N N   . VAL A 1 73  ? -2.831  12.356  9.298   1.00 21.83 ? 73  VAL A N   1 
ATOM   520  C CA  . VAL A 1 73  ? -4.000  13.075  9.847   1.00 22.74 ? 73  VAL A CA  1 
ATOM   521  C C   . VAL A 1 73  ? -5.264  12.344  9.443   1.00 21.05 ? 73  VAL A C   1 
ATOM   522  O O   . VAL A 1 73  ? -6.136  12.097  10.323  1.00 21.53 ? 73  VAL A O   1 
ATOM   523  C CB  . VAL A 1 73  ? -3.984  14.514  9.343   1.00 22.20 ? 73  VAL A CB  1 
ATOM   524  C CG1 . VAL A 1 73  ? -5.279  15.241  9.715   1.00 23.74 ? 73  VAL A CG1 1 
ATOM   525  C CG2 . VAL A 1 73  ? -2.789  15.271  9.959   1.00 22.76 ? 73  VAL A CG2 1 
ATOM   526  N N   . LEU A 1 74  ? -5.411  11.986  8.167   1.00 21.61 ? 74  LEU A N   1 
ATOM   527  C CA  . LEU A 1 74  ? -6.706  11.445  7.742   1.00 21.42 ? 74  LEU A CA  1 
ATOM   528  C C   . LEU A 1 74  ? -6.913  10.057  8.298   1.00 22.27 ? 74  LEU A C   1 
ATOM   529  O O   . LEU A 1 74  ? -8.037  9.659   8.619   1.00 22.28 ? 74  LEU A O   1 
ATOM   530  C CB  . LEU A 1 74  ? -6.798  11.485  6.200   1.00 23.51 ? 74  LEU A CB  1 
ATOM   531  C CG  . LEU A 1 74  ? -6.904  12.924  5.690   1.00 26.80 ? 74  LEU A CG  1 
ATOM   532  C CD1 . LEU A 1 74  ? -6.787  13.022  4.169   1.00 26.40 ? 74  LEU A CD1 1 
ATOM   533  C CD2 . LEU A 1 74  ? -8.212  13.577  6.184   1.00 32.26 ? 74  LEU A CD2 1 
ATOM   534  N N   . LEU A 1 75  ? -5.862  9.232   8.430   1.00 21.86 ? 75  LEU A N   1 
ATOM   535  C CA  . LEU A 1 75  ? -6.060  7.914   9.045   1.00 23.26 ? 75  LEU A CA  1 
ATOM   536  C C   . LEU A 1 75  ? -6.381  8.042   10.528  1.00 21.60 ? 75  LEU A C   1 
ATOM   537  O O   . LEU A 1 75  ? -7.229  7.299   11.090  1.00 23.26 ? 75  LEU A O   1 
ATOM   538  C CB  . LEU A 1 75  ? -4.850  7.005   8.755   1.00 23.48 ? 75  LEU A CB  1 
ATOM   539  C CG  . LEU A 1 75  ? -4.706  6.545   7.299   1.00 23.84 ? 75  LEU A CG  1 
ATOM   540  C CD1 . LEU A 1 75  ? -3.304  6.028   6.985   1.00 28.85 ? 75  LEU A CD1 1 
ATOM   541  C CD2 . LEU A 1 75  ? -5.696  5.435   6.931   1.00 24.82 ? 75  LEU A CD2 1 
ATOM   542  N N   . ALA A 1 76  ? -5.756  8.969   11.248  1.00 21.86 ? 76  ALA A N   1 
ATOM   543  C CA  . ALA A 1 76  ? -6.089  9.212   12.658  1.00 22.50 ? 76  ALA A CA  1 
ATOM   544  C C   . ALA A 1 76  ? -7.537  9.647   12.821  1.00 22.41 ? 76  ALA A C   1 
ATOM   545  O O   . ALA A 1 76  ? -8.304  9.092   13.633  1.00 24.62 ? 76  ALA A O   1 
ATOM   546  C CB  . ALA A 1 76  ? -5.153  10.271  13.230  1.00 23.90 ? 76  ALA A CB  1 
ATOM   547  N N   . GLU A 1 77  ? -7.939  10.620  12.004  1.00 21.69 ? 77  GLU A N   1 
ATOM   548  C CA  . GLU A 1 77  ? -9.322  11.119  11.999  1.00 21.79 ? 77  GLU A CA  1 
ATOM   549  C C   . GLU A 1 77  ? -10.272 9.971   11.763  1.00 21.94 ? 77  GLU A C   1 
ATOM   550  O O   . GLU A 1 77  ? -11.338 9.874   12.386  1.00 23.14 ? 77  GLU A O   1 
ATOM   551  C CB  . GLU A 1 77  ? -9.508  12.264  10.966  1.00 21.95 ? 77  GLU A CB  1 
ATOM   552  C CG  . GLU A 1 77  ? -8.890  13.563  11.521  1.00 24.62 ? 77  GLU A CG  1 
ATOM   553  C CD  . GLU A 1 77  ? -9.092  14.798  10.679  1.00 24.91 ? 77  GLU A CD  1 
ATOM   554  O OE1 . GLU A 1 77  ? -8.699  15.876  11.150  1.00 27.41 ? 77  GLU A OE1 1 
ATOM   555  O OE2 . GLU A 1 77  ? -9.627  14.716  9.571   1.00 28.63 ? 77  GLU A OE2 1 
ATOM   556  N N   . ALA A 1 78  ? -9.958  9.008   10.904  1.00 24.26 ? 78  ALA A N   1 
ATOM   557  C CA  . ALA A 1 78  ? -10.846 7.883   10.582  1.00 24.07 ? 78  ALA A CA  1 
ATOM   558  C C   . ALA A 1 78  ? -10.869 6.806   11.662  1.00 23.54 ? 78  ALA A C   1 
ATOM   559  O O   . ALA A 1 78  ? -11.671 5.866   11.592  1.00 25.50 ? 78  ALA A O   1 
ATOM   560  C CB  . ALA A 1 78  ? -10.419 7.222   9.269   1.00 22.78 ? 78  ALA A CB  1 
ATOM   561  N N   . GLY A 1 79  ? -9.999  6.898   12.646  1.00 24.01 ? 79  GLY A N   1 
ATOM   562  C CA  . GLY A 1 79  ? -9.997  5.997   13.777  1.00 24.28 ? 79  GLY A CA  1 
ATOM   563  C C   . GLY A 1 79  ? -8.873  4.984   13.834  1.00 23.88 ? 79  GLY A C   1 
ATOM   564  O O   . GLY A 1 79  ? -8.881  4.107   14.701  1.00 24.48 ? 79  GLY A O   1 
ATOM   565  N N   . VAL A 1 80  ? -7.861  5.079   12.966  1.00 22.84 ? 80  VAL A N   1 
ATOM   566  C CA  . VAL A 1 80  ? -6.742  4.127   13.023  1.00 23.59 ? 80  VAL A CA  1 
ATOM   567  C C   . VAL A 1 80  ? -5.918  4.483   14.255  1.00 22.35 ? 80  VAL A C   1 
ATOM   568  O O   . VAL A 1 80  ? -5.559  5.639   14.470  1.00 24.54 ? 80  VAL A O   1 
ATOM   569  C CB  . VAL A 1 80  ? -5.875  4.207   11.757  1.00 22.49 ? 80  VAL A CB  1 
ATOM   570  C CG1 . VAL A 1 80  ? -4.635  3.341   11.895  1.00 22.78 ? 80  VAL A CG1 1 
ATOM   571  C CG2 . VAL A 1 80  ? -6.658  3.736   10.533  1.00 23.21 ? 80  VAL A CG2 1 
ATOM   572  N N   . PRO A 1 81  ? -5.609  3.522   15.125  1.00 22.91 ? 81  PRO A N   1 
ATOM   573  C CA  . PRO A 1 81  ? -4.829  3.881   16.320  1.00 23.94 ? 81  PRO A CA  1 
ATOM   574  C C   . PRO A 1 81  ? -3.404  4.285   15.929  1.00 23.05 ? 81  PRO A C   1 
ATOM   575  O O   . PRO A 1 81  ? -2.801  3.709   15.012  1.00 24.43 ? 81  PRO A O   1 
ATOM   576  C CB  . PRO A 1 81  ? -4.824  2.619   17.131  1.00 25.27 ? 81  PRO A CB  1 
ATOM   577  C CG  . PRO A 1 81  ? -5.520  1.576   16.365  1.00 28.21 ? 81  PRO A CG  1 
ATOM   578  C CD  . PRO A 1 81  ? -5.958  2.103   15.042  1.00 23.41 ? 81  PRO A CD  1 
ATOM   579  N N   . TYR A 1 82  ? -2.893  5.302   16.632  1.00 22.97 ? 82  TYR A N   1 
ATOM   580  C CA  . TYR A 1 82  ? -1.563  5.823   16.378  1.00 23.18 ? 82  TYR A CA  1 
ATOM   581  C C   . TYR A 1 82  ? -0.509  4.732   16.571  1.00 23.31 ? 82  TYR A C   1 
ATOM   582  O O   . TYR A 1 82  ? 0.504   4.790   15.883  1.00 23.94 ? 82  TYR A O   1 
ATOM   583  C CB  . TYR A 1 82  ? -1.266  7.018   17.313  1.00 23.56 ? 82  TYR A CB  1 
ATOM   584  C CG  . TYR A 1 82  ? -1.951  8.319   16.933  1.00 23.06 ? 82  TYR A CG  1 
ATOM   585  C CD1 . TYR A 1 82  ? -3.018  8.835   17.654  1.00 24.72 ? 82  TYR A CD1 1 
ATOM   586  C CD2 . TYR A 1 82  ? -1.506  9.051   15.831  1.00 21.72 ? 82  TYR A CD2 1 
ATOM   587  C CE1 . TYR A 1 82  ? -3.607  10.013  17.283  1.00 26.88 ? 82  TYR A CE1 1 
ATOM   588  C CE2 . TYR A 1 82  ? -2.091  10.247  15.461  1.00 22.59 ? 82  TYR A CE2 1 
ATOM   589  C CZ  . TYR A 1 82  ? -3.144  10.724  16.193  1.00 23.38 ? 82  TYR A CZ  1 
ATOM   590  O OH  . TYR A 1 82  ? -3.758  11.923  15.842  1.00 26.76 ? 82  TYR A OH  1 
ATOM   591  N N   . ASP A 1 83  ? -0.717  3.779   17.456  1.00 23.24 ? 83  ASP A N   1 
ATOM   592  C CA  . ASP A 1 83  ? 0.352   2.807   17.747  1.00 23.92 ? 83  ASP A CA  1 
ATOM   593  C C   . ASP A 1 83  ? 0.606   1.791   16.628  1.00 24.74 ? 83  ASP A C   1 
ATOM   594  O O   . ASP A 1 83  ? 1.568   1.026   16.795  1.00 26.25 ? 83  ASP A O   1 
ATOM   595  C CB  . ASP A 1 83  ? 0.079   2.131   19.100  1.00 27.17 ? 83  ASP A CB  1 
ATOM   596  C CG  . ASP A 1 83  ? -0.987  1.098   19.151  1.00 32.47 ? 83  ASP A CG  1 
ATOM   597  O OD1 . ASP A 1 83  ? -1.016  0.269   20.087  1.00 47.41 ? 83  ASP A OD1 1 
ATOM   598  O OD2 . ASP A 1 83  ? -1.842  1.116   18.264  1.00 35.07 ? 83  ASP A OD2 1 
ATOM   599  N N   . ILE A 1 84  ? -0.142  1.743   15.526  1.00 22.72 ? 84  ILE A N   1 
ATOM   600  C CA  . ILE A 1 84  ? 0.119   0.852   14.400  1.00 22.40 ? 84  ILE A CA  1 
ATOM   601  C C   . ILE A 1 84  ? 0.522   1.651   13.156  1.00 23.15 ? 84  ILE A C   1 
ATOM   602  O O   . ILE A 1 84  ? 0.636   1.093   12.073  1.00 24.29 ? 84  ILE A O   1 
ATOM   603  C CB  . ILE A 1 84  ? -1.075  -0.072  14.086  1.00 22.59 ? 84  ILE A CB  1 
ATOM   604  C CG1 . ILE A 1 84  ? -2.348  0.661   13.620  1.00 25.49 ? 84  ILE A CG1 1 
ATOM   605  C CG2 . ILE A 1 84  ? -1.360  -0.979  15.274  1.00 25.17 ? 84  ILE A CG2 1 
ATOM   606  C CD1 . ILE A 1 84  ? -3.339  -0.237  12.908  1.00 27.31 ? 84  ILE A CD1 1 
ATOM   607  N N   . VAL A 1 85  ? 0.740   2.952   13.317  1.00 23.02 ? 85  VAL A N   1 
ATOM   608  C CA  . VAL A 1 85  ? 1.164   3.808   12.234  1.00 21.59 ? 85  VAL A CA  1 
ATOM   609  C C   . VAL A 1 85  ? 2.618   4.222   12.450  1.00 22.19 ? 85  VAL A C   1 
ATOM   610  O O   . VAL A 1 85  ? 2.963   4.882   13.436  1.00 23.83 ? 85  VAL A O   1 
ATOM   611  C CB  . VAL A 1 85  ? 0.257   5.063   12.074  1.00 21.83 ? 85  VAL A CB  1 
ATOM   612  C CG1 . VAL A 1 85  ? 0.795   5.964   10.975  1.00 25.11 ? 85  VAL A CG1 1 
ATOM   613  C CG2 . VAL A 1 85  ? -1.182  4.626   11.810  1.00 22.11 ? 85  VAL A CG2 1 
ATOM   614  N N   . LEU A 1 86  ? 3.479   3.774   11.520  1.00 21.01 ? 86  LEU A N   1 
ATOM   615  C CA  . LEU A 1 86  ? 4.917   4.013   11.665  1.00 21.76 ? 86  LEU A CA  1 
ATOM   616  C C   . LEU A 1 86  ? 5.467   4.897   10.544  1.00 20.35 ? 86  LEU A C   1 
ATOM   617  O O   . LEU A 1 86  ? 4.920   4.952   9.436   1.00 22.39 ? 86  LEU A O   1 
ATOM   618  C CB  . LEU A 1 86  ? 5.678   2.690   11.703  1.00 22.93 ? 86  LEU A CB  1 
ATOM   619  C CG  . LEU A 1 86  ? 5.682   1.920   13.019  1.00 23.98 ? 86  LEU A CG  1 
ATOM   620  C CD1 . LEU A 1 86  ? 4.310   1.377   13.375  1.00 28.11 ? 86  LEU A CD1 1 
ATOM   621  C CD2 . LEU A 1 86  ? 6.667   0.742   12.944  1.00 28.19 ? 86  LEU A CD2 1 
ATOM   622  N N   . GLU A 1 87  ? 6.568   5.572   10.842  1.00 20.87 ? 87  GLU A N   1 
ATOM   623  C CA  . GLU A 1 87  ? 7.299   6.346   9.843   1.00 23.19 ? 87  GLU A CA  1 
ATOM   624  C C   . GLU A 1 87  ? 8.130   5.440   8.946   1.00 22.00 ? 87  GLU A C   1 
ATOM   625  O O   . GLU A 1 87  ? 8.537   4.336   9.336   1.00 22.73 ? 87  GLU A O   1 
ATOM   626  C CB  . GLU A 1 87  ? 8.168   7.358   10.622  1.00 25.29 ? 87  GLU A CB  1 
ATOM   627  C CG  . GLU A 1 87  ? 7.317   8.308   11.463  1.00 24.59 ? 87  GLU A CG  1 
ATOM   628  C CD  . GLU A 1 87  ? 8.074   9.310   12.322  1.00 30.21 ? 87  GLU A CD  1 
ATOM   629  O OE1 . GLU A 1 87  ? 7.452   10.074  13.130  1.00 28.29 ? 87  GLU A OE1 1 
ATOM   630  O OE2 . GLU A 1 87  ? 9.334   9.375   12.237  1.00 36.58 ? 87  GLU A OE2 1 
ATOM   631  N N   . MET A 1 88  ? 8.454   5.919   7.742   1.00 23.69 ? 88  MET A N   1 
ATOM   632  C CA  . MET A 1 88  ? 9.295   5.141   6.814   1.00 23.24 ? 88  MET A CA  1 
ATOM   633  C C   . MET A 1 88  ? 10.556  4.557   7.440   1.00 21.59 ? 88  MET A C   1 
ATOM   634  O O   . MET A 1 88  ? 10.815  3.362   7.347   1.00 23.24 ? 88  MET A O   1 
ATOM   635  C CB  . MET A 1 88  ? 9.719   6.068   5.657   1.00 24.56 ? 88  MET A CB  1 
ATOM   636  C CG  . MET A 1 88  ? 10.659  5.454   4.628   1.00 23.77 ? 88  MET A CG  1 
ATOM   637  S SD  . MET A 1 88  ? 10.993  6.526   3.202   1.00 26.99 ? 88  MET A SD  1 
ATOM   638  C CE  . MET A 1 88  ? 11.726  7.929   4.044   1.00 25.16 ? 88  MET A CE  1 
ATOM   639  N N   . ASP A 1 89  ? 11.367  5.399   8.087   1.00 24.80 ? 89  ASP A N   1 
ATOM   640  C CA  . ASP A 1 89  ? 12.633  4.892   8.632   1.00 26.86 ? 89  ASP A CA  1 
ATOM   641  C C   . ASP A 1 89  ? 12.400  4.026   9.874   1.00 28.36 ? 89  ASP A C   1 
ATOM   642  O O   . ASP A 1 89  ? 13.296  3.325   10.334  1.00 32.48 ? 89  ASP A O   1 
ATOM   643  C CB  . ASP A 1 89  ? 13.597  6.038   8.991   1.00 31.11 ? 89  ASP A CB  1 
ATOM   644  C CG  . ASP A 1 89  ? 14.163  6.770   7.793   1.00 34.49 ? 89  ASP A CG  1 
ATOM   645  O OD1 . ASP A 1 89  ? 13.935  6.395   6.620   1.00 39.35 ? 89  ASP A OD1 1 
ATOM   646  O OD2 . ASP A 1 89  ? 14.871  7.778   7.982   1.00 38.64 ? 89  ASP A OD2 1 
ATOM   647  N N   . GLU A 1 90  ? 11.191  4.010   10.439  1.00 23.38 ? 90  GLU A N   1 
ATOM   648  C CA  . GLU A 1 90  ? 10.909  3.069   11.507  1.00 23.72 ? 90  GLU A CA  1 
ATOM   649  C C   . GLU A 1 90  ? 10.538  1.668   11.030  1.00 23.89 ? 90  GLU A C   1 
ATOM   650  O O   . GLU A 1 90  ? 10.658  0.693   11.798  1.00 28.62 ? 90  GLU A O   1 
ATOM   651  C CB  . GLU A 1 90  ? 9.735   3.611   12.344  1.00 24.89 ? 90  GLU A CB  1 
ATOM   652  C CG  . GLU A 1 90  ? 10.086  4.877   13.117  1.00 26.76 ? 90  GLU A CG  1 
ATOM   653  C CD  . GLU A 1 90  ? 8.912   5.264   14.005  1.00 29.86 ? 90  GLU A CD  1 
ATOM   654  O OE1 . GLU A 1 90  ? 7.770   5.311   13.491  1.00 25.47 ? 90  GLU A OE1 1 
ATOM   655  O OE2 . GLU A 1 90  ? 9.168   5.517   15.217  1.00 35.57 ? 90  GLU A OE2 1 
ATOM   656  N N   . ILE A 1 91  ? 10.018  1.544   9.824   1.00 22.75 ? 91  ILE A N   1 
ATOM   657  C CA  . ILE A 1 91  ? 9.453   0.314   9.312   1.00 22.27 ? 91  ILE A CA  1 
ATOM   658  C C   . ILE A 1 91  ? 10.169  -0.249  8.077   1.00 22.22 ? 91  ILE A C   1 
ATOM   659  O O   . ILE A 1 91  ? 9.939   -1.451  7.783   1.00 23.42 ? 91  ILE A O   1 
ATOM   660  C CB  . ILE A 1 91  ? 7.947   0.486   8.999   1.00 22.55 ? 91  ILE A CB  1 
ATOM   661  C CG1 . ILE A 1 91  ? 7.187   -0.855  9.077   1.00 22.77 ? 91  ILE A CG1 1 
ATOM   662  C CG2 . ILE A 1 91  ? 7.750   1.219   7.677   1.00 23.76 ? 91  ILE A CG2 1 
ATOM   663  C CD1 . ILE A 1 91  ? 5.683   -0.632  9.031   1.00 25.63 ? 91  ILE A CD1 1 
ATOM   664  N N   . ASN A 1 92  ? 11.042  0.473   7.376   1.00 20.97 ? 92  ASN A N   1 
ATOM   665  C CA  . ASN A 1 92  ? 11.588  -0.015  6.108   1.00 22.34 ? 92  ASN A CA  1 
ATOM   666  C C   . ASN A 1 92  ? 12.338  -1.320  6.283   1.00 22.45 ? 92  ASN A C   1 
ATOM   667  O O   . ASN A 1 92  ? 12.296  -2.199  5.404   1.00 24.10 ? 92  ASN A O   1 
ATOM   668  C CB  . ASN A 1 92  ? 12.518  1.045   5.505   1.00 22.90 ? 92  ASN A CB  1 
ATOM   669  C CG  . ASN A 1 92  ? 12.174  1.553   4.124   1.00 22.43 ? 92  ASN A CG  1 
ATOM   670  O OD1 . ASN A 1 92  ? 12.725  2.561   3.617   1.00 25.16 ? 92  ASN A OD1 1 
ATOM   671  N ND2 . ASN A 1 92  ? 11.267  0.842   3.468   1.00 21.52 ? 92  ASN A ND2 1 
ATOM   672  N N   . HIS A 1 93  ? 13.035  -1.510  7.400   1.00 23.60 ? 93  HIS A N   1 
ATOM   673  C CA  . HIS A 1 93  ? 13.826  -2.706  7.583   1.00 24.66 ? 93  HIS A CA  1 
ATOM   674  C C   . HIS A 1 93  ? 12.959  -3.953  7.706   1.00 23.31 ? 93  HIS A C   1 
ATOM   675  O O   . HIS A 1 93  ? 13.472  -5.070  7.582   1.00 23.89 ? 93  HIS A O   1 
ATOM   676  C CB  . HIS A 1 93  ? 14.675  -2.522  8.849   1.00 33.36 ? 93  HIS A CB  1 
ATOM   677  C CG  . HIS A 1 93  ? 15.803  -1.555  8.760   1.00 49.44 ? 93  HIS A CG  1 
ATOM   678  N ND1 . HIS A 1 93  ? 16.134  -0.817  7.653   1.00 57.65 ? 93  HIS A ND1 1 
ATOM   679  C CD2 . HIS A 1 93  ? 16.725  -1.204  9.694   1.00 55.26 ? 93  HIS A CD2 1 
ATOM   680  C CE1 . HIS A 1 93  ? 17.185  -0.057  7.901   1.00 61.59 ? 93  HIS A CE1 1 
ATOM   681  N NE2 . HIS A 1 93  ? 17.576  -0.270  9.149   1.00 61.92 ? 93  HIS A NE2 1 
ATOM   682  N N   . ASP A 1 94  ? 11.634  -3.835  7.909   1.00 21.95 ? 94  ASP A N   1 
ATOM   683  C CA  . ASP A 1 94  ? 10.734  -4.941  8.091   1.00 23.01 ? 94  ASP A CA  1 
ATOM   684  C C   . ASP A 1 94  ? 10.208  -5.492  6.774   1.00 22.02 ? 94  ASP A C   1 
ATOM   685  O O   . ASP A 1 94  ? 9.618   -6.604  6.765   1.00 22.07 ? 94  ASP A O   1 
ATOM   686  C CB  . ASP A 1 94  ? 9.559   -4.546  8.997   1.00 25.33 ? 94  ASP A CB  1 
ATOM   687  C CG  . ASP A 1 94  ? 9.986   -4.339  10.450  1.00 28.71 ? 94  ASP A CG  1 
ATOM   688  O OD1 . ASP A 1 94  ? 9.166   -3.807  11.214  1.00 27.75 ? 94  ASP A OD1 1 
ATOM   689  O OD2 . ASP A 1 94  ? 11.146  -4.714  10.779  1.00 32.70 ? 94  ASP A OD2 1 
ATOM   690  N N   . PHE A 1 95  ? 10.355  -4.779  5.646   1.00 20.94 ? 95  PHE A N   1 
ATOM   691  C CA  . PHE A 1 95  ? 9.740   -5.308  4.423   1.00 20.73 ? 95  PHE A CA  1 
ATOM   692  C C   . PHE A 1 95  ? 10.214  -6.717  4.035   1.00 21.04 ? 95  PHE A C   1 
ATOM   693  O O   . PHE A 1 95  ? 9.369   -7.531  3.598   1.00 20.87 ? 95  PHE A O   1 
ATOM   694  C CB  . PHE A 1 95  ? 9.932   -4.335  3.239   1.00 21.07 ? 95  PHE A CB  1 
ATOM   695  C CG  . PHE A 1 95  ? 8.949   -3.153  3.332   1.00 20.14 ? 95  PHE A CG  1 
ATOM   696  C CD1 . PHE A 1 95  ? 9.412   -1.877  3.577   1.00 20.65 ? 95  PHE A CD1 1 
ATOM   697  C CD2 . PHE A 1 95  ? 7.593   -3.394  3.200   1.00 21.44 ? 95  PHE A CD2 1 
ATOM   698  C CE1 . PHE A 1 95  ? 8.541   -0.767  3.690   1.00 20.28 ? 95  PHE A CE1 1 
ATOM   699  C CE2 . PHE A 1 95  ? 6.709   -2.320  3.303   1.00 20.98 ? 95  PHE A CE2 1 
ATOM   700  C CZ  . PHE A 1 95  ? 7.180   -1.041  3.571   1.00 20.31 ? 95  PHE A CZ  1 
ATOM   701  N N   . PRO A 1 96  ? 11.466  -7.130  4.111   1.00 21.17 ? 96  PRO A N   1 
ATOM   702  C CA  . PRO A 1 96  ? 11.878  -8.511  3.788   1.00 22.15 ? 96  PRO A CA  1 
ATOM   703  C C   . PRO A 1 96  ? 11.213  -9.553  4.662   1.00 22.07 ? 96  PRO A C   1 
ATOM   704  O O   . PRO A 1 96  ? 11.153  -10.732 4.244   1.00 24.77 ? 96  PRO A O   1 
ATOM   705  C CB  . PRO A 1 96  ? 13.396  -8.514  4.081   1.00 24.08 ? 96  PRO A CB  1 
ATOM   706  C CG  . PRO A 1 96  ? 13.809  -7.089  3.919   1.00 24.06 ? 96  PRO A CG  1 
ATOM   707  C CD  . PRO A 1 96  ? 12.651  -6.307  4.433   1.00 23.04 ? 96  PRO A CD  1 
ATOM   708  N N   . ASP A 1 97  ? 10.712  -9.168  5.849   1.00 22.15 ? 97  ASP A N   1 
ATOM   709  C CA  . ASP A 1 97  ? 10.020  -10.085 6.749   1.00 23.39 ? 97  ASP A CA  1 
ATOM   710  C C   . ASP A 1 97  ? 8.514   -9.948  6.704   1.00 22.51 ? 97  ASP A C   1 
ATOM   711  O O   . ASP A 1 97  ? 7.773   -10.456 7.565   1.00 27.39 ? 97  ASP A O   1 
ATOM   712  C CB  . ASP A 1 97  ? 10.482  -9.765  8.175   1.00 24.38 ? 97  ASP A CB  1 
ATOM   713  C CG  . ASP A 1 97  ? 11.950  -10.112 8.332   1.00 24.89 ? 97  ASP A CG  1 
ATOM   714  O OD1 . ASP A 1 97  ? 12.367  -11.219 7.930   1.00 26.64 ? 97  ASP A OD1 1 
ATOM   715  O OD2 . ASP A 1 97  ? 12.677  -9.255  8.849   1.00 28.77 ? 97  ASP A OD2 1 
ATOM   716  N N   . THR A 1 98  ? 8.023   -9.280  5.665   1.00 21.34 ? 98  THR A N   1 
ATOM   717  C CA  . THR A 1 98  ? 6.593   -9.040  5.564   1.00 22.15 ? 98  THR A CA  1 
ATOM   718  C C   . THR A 1 98  ? 5.983   -9.928  4.484   1.00 20.69 ? 98  THR A C   1 
ATOM   719  O O   . THR A 1 98  ? 6.487   -9.998  3.335   1.00 22.36 ? 98  THR A O   1 
ATOM   720  C CB  . THR A 1 98  ? 6.324   -7.540  5.296   1.00 21.63 ? 98  THR A CB  1 
ATOM   721  O OG1 . THR A 1 98  ? 6.851   -6.763  6.373   1.00 21.48 ? 98  THR A OG1 1 
ATOM   722  C CG2 . THR A 1 98  ? 4.847   -7.292  5.208   1.00 22.02 ? 98  THR A CG2 1 
ATOM   723  N N   . ASP A 1 99  ? 4.907   -10.598 4.875   1.00 20.95 ? 99  ASP A N   1 
ATOM   724  C CA  . ASP A 1 99  ? 4.213   -11.523 3.987   1.00 20.22 ? 99  ASP A CA  1 
ATOM   725  C C   . ASP A 1 99  ? 3.466   -10.766 2.872   1.00 20.34 ? 99  ASP A C   1 
ATOM   726  O O   . ASP A 1 99  ? 3.441   -11.249 1.746   1.00 22.07 ? 99  ASP A O   1 
ATOM   727  C CB  . ASP A 1 99  ? 3.208   -12.376 4.752   1.00 23.42 ? 99  ASP A CB  1 
ATOM   728  C CG  . ASP A 1 99  ? 3.907   -13.377 5.651   1.00 23.89 ? 99  ASP A CG  1 
ATOM   729  O OD1 . ASP A 1 99  ? 5.042   -13.820 5.369   1.00 25.04 ? 99  ASP A OD1 1 
ATOM   730  O OD2 . ASP A 1 99  ? 3.233   -13.762 6.627   1.00 24.31 ? 99  ASP A OD2 1 
ATOM   731  N N   . LEU A 1 100 ? 2.855   -9.631  3.187   1.00 20.26 ? 100 LEU A N   1 
ATOM   732  C CA  . LEU A 1 100 ? 2.035   -8.939  2.208   1.00 21.00 ? 100 LEU A CA  1 
ATOM   733  C C   . LEU A 1 100 ? 2.101   -7.446  2.415   1.00 20.32 ? 100 LEU A C   1 
ATOM   734  O O   . LEU A 1 100 ? 1.938   -6.951  3.552   1.00 20.76 ? 100 LEU A O   1 
ATOM   735  C CB  . LEU A 1 100 ? 0.596   -9.460  2.374   1.00 20.64 ? 100 LEU A CB  1 
ATOM   736  C CG  . LEU A 1 100 ? -0.468  -8.858  1.470   1.00 21.36 ? 100 LEU A CG  1 
ATOM   737  C CD1 . LEU A 1 100 ? -0.168  -9.164  -0.003  1.00 22.05 ? 100 LEU A CD1 1 
ATOM   738  C CD2 . LEU A 1 100 ? -1.853  -9.366  1.843   1.00 21.71 ? 100 LEU A CD2 1 
ATOM   739  N N   . VAL A 1 101 ? 2.319   -6.730  1.297   1.00 19.01 ? 101 VAL A N   1 
ATOM   740  C CA  . VAL A 1 101 ? 2.235   -5.287  1.331   1.00 18.64 ? 101 VAL A CA  1 
ATOM   741  C C   . VAL A 1 101 ? 1.067   -4.825  0.476   1.00 18.57 ? 101 VAL A C   1 
ATOM   742  O O   . VAL A 1 101 ? 1.001   -5.253  -0.666  1.00 20.33 ? 101 VAL A O   1 
ATOM   743  C CB  . VAL A 1 101 ? 3.525   -4.576  0.850   1.00 19.03 ? 101 VAL A CB  1 
ATOM   744  C CG1 . VAL A 1 101 ? 3.320   -3.040  0.839   1.00 19.25 ? 101 VAL A CG1 1 
ATOM   745  C CG2 . VAL A 1 101 ? 4.664   -4.989  1.759   1.00 20.33 ? 101 VAL A CG2 1 
ATOM   746  N N   . LEU A 1 102 ? 0.196   -4.011  1.090   1.00 18.96 ? 102 LEU A N   1 
ATOM   747  C CA  . LEU A 1 102 ? -0.883  -3.372  0.342   1.00 19.52 ? 102 LEU A CA  1 
ATOM   748  C C   . LEU A 1 102 ? -0.466  -1.943  0.014   1.00 18.93 ? 102 LEU A C   1 
ATOM   749  O O   . LEU A 1 102 ? -0.428  -1.095  0.924   1.00 19.60 ? 102 LEU A O   1 
ATOM   750  C CB  . LEU A 1 102 ? -2.177  -3.443  1.146   1.00 19.70 ? 102 LEU A CB  1 
ATOM   751  C CG  . LEU A 1 102 ? -2.654  -4.801  1.614   1.00 21.64 ? 102 LEU A CG  1 
ATOM   752  C CD1 . LEU A 1 102 ? -3.954  -4.707  2.428   1.00 22.49 ? 102 LEU A CD1 1 
ATOM   753  C CD2 . LEU A 1 102 ? -2.868  -5.736  0.412   1.00 24.02 ? 102 LEU A CD2 1 
ATOM   754  N N   . VAL A 1 103 ? -0.140  -1.666  -1.251  1.00 19.51 ? 103 VAL A N   1 
ATOM   755  C CA  . VAL A 1 103 ? 0.197   -0.321  -1.693  1.00 20.29 ? 103 VAL A CA  1 
ATOM   756  C C   . VAL A 1 103 ? -1.130  0.344   -2.066  1.00 19.72 ? 103 VAL A C   1 
ATOM   757  O O   . VAL A 1 103 ? -1.725  -0.106  -3.049  1.00 20.92 ? 103 VAL A O   1 
ATOM   758  C CB  . VAL A 1 103 ? 1.177   -0.391  -2.879  1.00 20.56 ? 103 VAL A CB  1 
ATOM   759  C CG1 . VAL A 1 103 ? 1.376   1.008   -3.441  1.00 21.81 ? 103 VAL A CG1 1 
ATOM   760  C CG2 . VAL A 1 103 ? 2.513   -1.028  -2.489  1.00 20.81 ? 103 VAL A CG2 1 
ATOM   761  N N   . ILE A 1 104 ? -1.635  1.282   -1.289  1.00 19.71 ? 104 ILE A N   1 
ATOM   762  C CA  . ILE A 1 104 ? -2.987  1.782   -1.538  1.00 20.21 ? 104 ILE A CA  1 
ATOM   763  C C   . ILE A 1 104 ? -2.895  3.252   -1.905  1.00 20.11 ? 104 ILE A C   1 
ATOM   764  O O   . ILE A 1 104 ? -2.713  4.152   -1.091  1.00 20.21 ? 104 ILE A O   1 
ATOM   765  C CB  . ILE A 1 104 ? -3.924  1.563   -0.330  1.00 20.29 ? 104 ILE A CB  1 
ATOM   766  C CG1 . ILE A 1 104 ? -3.935  0.106   0.128   1.00 20.49 ? 104 ILE A CG1 1 
ATOM   767  C CG2 . ILE A 1 104 ? -5.331  2.041   -0.660  1.00 21.64 ? 104 ILE A CG2 1 
ATOM   768  C CD1 . ILE A 1 104 ? -4.948  -0.211  1.201   1.00 22.05 ? 104 ILE A CD1 1 
ATOM   769  N N   . GLY A 1 105 ? -2.945  3.528   -3.210  1.00 20.74 ? 105 GLY A N   1 
ATOM   770  C CA  . GLY A 1 105 ? -2.861  4.871   -3.686  1.00 20.92 ? 105 GLY A CA  1 
ATOM   771  C C   . GLY A 1 105 ? -1.470  5.509   -3.564  1.00 21.75 ? 105 GLY A C   1 
ATOM   772  O O   . GLY A 1 105 ? -1.377  6.732   -3.673  1.00 21.85 ? 105 GLY A O   1 
ATOM   773  N N   . ALA A 1 106 ? -0.417  4.715   -3.333  1.00 21.89 ? 106 ALA A N   1 
ATOM   774  C CA  . ALA A 1 106 ? 0.949   5.226   -3.285  1.00 21.53 ? 106 ALA A CA  1 
ATOM   775  C C   . ALA A 1 106 ? 1.667   4.839   -4.581  1.00 20.17 ? 106 ALA A C   1 
ATOM   776  O O   . ALA A 1 106 ? 1.320   3.817   -5.216  1.00 21.73 ? 106 ALA A O   1 
ATOM   777  C CB  . ALA A 1 106 ? 1.685   4.721   -2.048  1.00 22.00 ? 106 ALA A CB  1 
ATOM   778  N N   . ASN A 1 107 ? 2.667   5.594   -4.993  1.00 20.14 ? 107 ASN A N   1 
ATOM   779  C CA  . ASN A 1 107 ? 3.381   5.285   -6.241  1.00 19.89 ? 107 ASN A CA  1 
ATOM   780  C C   . ASN A 1 107 ? 4.794   5.826   -6.135  1.00 19.92 ? 107 ASN A C   1 
ATOM   781  O O   . ASN A 1 107 ? 5.760   5.053   -5.982  1.00 20.23 ? 107 ASN A O   1 
ATOM   782  C CB  . ASN A 1 107 ? 2.561   5.841   -7.431  1.00 21.43 ? 107 ASN A CB  1 
ATOM   783  C CG  . ASN A 1 107 ? 3.186   5.458   -8.766  1.00 20.99 ? 107 ASN A CG  1 
ATOM   784  O OD1 . ASN A 1 107 ? 4.290   4.898   -8.804  1.00 21.33 ? 107 ASN A OD1 1 
ATOM   785  N ND2 . ASN A 1 107 ? 2.487   5.718   -9.849  1.00 21.35 ? 107 ASN A ND2 1 
ATOM   786  N N   . ASP A 1 108 ? 4.924   7.167   -6.177  1.00 20.70 ? 108 ASP A N   1 
ATOM   787  C CA  . ASP A 1 108 ? 6.244   7.770   -6.037  1.00 21.01 ? 108 ASP A CA  1 
ATOM   788  C C   . ASP A 1 108 ? 6.964   7.333   -4.766  1.00 20.64 ? 108 ASP A C   1 
ATOM   789  O O   . ASP A 1 108 ? 8.183   7.157   -4.735  1.00 21.82 ? 108 ASP A O   1 
ATOM   790  C CB  . ASP A 1 108 ? 6.096   9.311   -6.013  1.00 21.57 ? 108 ASP A CB  1 
ATOM   791  C CG  . ASP A 1 108 ? 5.754   9.896   -7.364  1.00 23.93 ? 108 ASP A CG  1 
ATOM   792  O OD1 . ASP A 1 108 ? 5.714   9.202   -8.401  1.00 21.70 ? 108 ASP A OD1 1 
ATOM   793  O OD2 . ASP A 1 108 ? 5.479   11.120  -7.317  1.00 23.82 ? 108 ASP A OD2 1 
ATOM   794  N N   . THR A 1 109 ? 6.215   7.162   -3.682  1.00 19.89 ? 109 THR A N   1 
ATOM   795  C CA  . THR A 1 109 ? 6.794   6.876   -2.365  1.00 20.37 ? 109 THR A CA  1 
ATOM   796  C C   . THR A 1 109 ? 7.229   5.411   -2.265  1.00 19.91 ? 109 THR A C   1 
ATOM   797  O O   . THR A 1 109 ? 7.848   5.059   -1.235  1.00 20.41 ? 109 THR A O   1 
ATOM   798  C CB  . THR A 1 109 ? 5.870   7.276   -1.183  1.00 20.28 ? 109 THR A CB  1 
ATOM   799  O OG1 . THR A 1 109 ? 4.598   6.644   -1.353  1.00 21.26 ? 109 THR A OG1 1 
ATOM   800  C CG2 . THR A 1 109 ? 5.661   8.791   -1.127  1.00 22.12 ? 109 THR A CG2 1 
ATOM   801  N N   . VAL A 1 110 ? 6.921   4.598   -3.276  1.00 19.47 ? 110 VAL A N   1 
ATOM   802  C CA  . VAL A 1 110 ? 7.262   3.160   -3.288  1.00 20.20 ? 110 VAL A CA  1 
ATOM   803  C C   . VAL A 1 110 ? 7.938   2.790   -4.601  1.00 20.15 ? 110 VAL A C   1 
ATOM   804  O O   . VAL A 1 110 ? 7.958   1.614   -5.019  1.00 21.49 ? 110 VAL A O   1 
ATOM   805  C CB  . VAL A 1 110 ? 6.014   2.294   -3.036  1.00 19.98 ? 110 VAL A CB  1 
ATOM   806  C CG1 . VAL A 1 110 ? 5.403   2.562   -1.660  1.00 20.07 ? 110 VAL A CG1 1 
ATOM   807  C CG2 . VAL A 1 110 ? 4.932   2.518   -4.106  1.00 21.72 ? 110 VAL A CG2 1 
ATOM   808  N N   . ASN A 1 111 ? 8.565   3.760   -5.283  1.00 20.03 ? 111 ASN A N   1 
ATOM   809  C CA  . ASN A 1 111 ? 9.123   3.536   -6.632  1.00 20.34 ? 111 ASN A CA  1 
ATOM   810  C C   . ASN A 1 111 ? 10.566  3.092   -6.560  1.00 20.55 ? 111 ASN A C   1 
ATOM   811  O O   . ASN A 1 111 ? 11.466  3.870   -6.204  1.00 20.34 ? 111 ASN A O   1 
ATOM   812  C CB  . ASN A 1 111 ? 8.981   4.845   -7.428  1.00 21.49 ? 111 ASN A CB  1 
ATOM   813  C CG  . ASN A 1 111 ? 9.377   4.635   -8.907  1.00 22.38 ? 111 ASN A CG  1 
ATOM   814  O OD1 . ASN A 1 111 ? 10.303  3.889   -9.227  1.00 22.07 ? 111 ASN A OD1 1 
ATOM   815  N ND2 . ASN A 1 111 ? 8.675   5.345   -9.799  1.00 22.76 ? 111 ASN A ND2 1 
ATOM   816  N N   . SER A 1 112 ? 10.811  1.823   -6.933  1.00 20.48 ? 112 SER A N   1 
ATOM   817  C CA  . SER A 1 112 ? 12.139  1.219   -6.837  1.00 20.87 ? 112 SER A CA  1 
ATOM   818  C C   . SER A 1 112 ? 13.148  1.852   -7.776  1.00 21.21 ? 112 SER A C   1 
ATOM   819  O O   . SER A 1 112 ? 14.347  1.641   -7.563  1.00 22.30 ? 112 SER A O   1 
ATOM   820  C CB  . SER A 1 112 ? 12.003  -0.292  -7.064  1.00 20.92 ? 112 SER A CB  1 
ATOM   821  O OG  . SER A 1 112 ? 11.646  -0.613  -8.411  1.00 21.57 ? 112 SER A OG  1 
ATOM   822  N N   . ALA A 1 113 ? 12.741  2.582   -8.812  1.00 20.89 ? 113 ALA A N   1 
ATOM   823  C CA  . ALA A 1 113 ? 13.746  3.198   -9.710  1.00 21.63 ? 113 ALA A CA  1 
ATOM   824  C C   . ALA A 1 113 ? 14.598  4.182   -8.930  1.00 21.56 ? 113 ALA A C   1 
ATOM   825  O O   . ALA A 1 113 ? 15.737  4.452   -9.363  1.00 23.00 ? 113 ALA A O   1 
ATOM   826  C CB  . ALA A 1 113 ? 13.094  3.869   -10.898 1.00 23.21 ? 113 ALA A CB  1 
ATOM   827  N N   . ALA A 1 114 ? 14.098  4.701   -7.793  1.00 22.12 ? 114 ALA A N   1 
ATOM   828  C CA  . ALA A 1 114 ? 14.958  5.600   -7.012  1.00 23.34 ? 114 ALA A CA  1 
ATOM   829  C C   . ALA A 1 114 ? 16.211  4.903   -6.515  1.00 22.65 ? 114 ALA A C   1 
ATOM   830  O O   . ALA A 1 114 ? 17.229  5.587   -6.316  1.00 25.07 ? 114 ALA A O   1 
ATOM   831  C CB  . ALA A 1 114 ? 14.194  6.169   -5.827  1.00 25.54 ? 114 ALA A CB  1 
ATOM   832  N N   . GLN A 1 115 ? 16.145  3.601   -6.281  1.00 22.60 ? 115 GLN A N   1 
ATOM   833  C CA  . GLN A 1 115 ? 17.344  2.830   -5.940  1.00 23.27 ? 115 GLN A CA  1 
ATOM   834  C C   . GLN A 1 115 ? 17.930  2.127   -7.149  1.00 23.68 ? 115 GLN A C   1 
ATOM   835  O O   . GLN A 1 115 ? 19.163  1.989   -7.177  1.00 27.19 ? 115 GLN A O   1 
ATOM   836  C CB  . GLN A 1 115 ? 17.010  1.759   -4.902  1.00 23.95 ? 115 GLN A CB  1 
ATOM   837  C CG  . GLN A 1 115 ? 16.520  2.388   -3.606  1.00 25.19 ? 115 GLN A CG  1 
ATOM   838  C CD  . GLN A 1 115 ? 16.337  1.359   -2.505  1.00 26.48 ? 115 GLN A CD  1 
ATOM   839  O OE1 . GLN A 1 115 ? 16.704  0.183   -2.631  1.00 27.38 ? 115 GLN A OE1 1 
ATOM   840  N NE2 . GLN A 1 115 ? 15.765  1.862   -1.421  1.00 24.63 ? 115 GLN A NE2 1 
ATOM   841  N N   . GLU A 1 116 ? 17.146  1.715   -8.135  1.00 23.38 ? 116 GLU A N   1 
ATOM   842  C CA  . GLU A 1 116 ? 17.676  0.847   -9.182  1.00 22.87 ? 116 GLU A CA  1 
ATOM   843  C C   . GLU A 1 116 ? 18.257  1.565   -10.416 1.00 26.70 ? 116 GLU A C   1 
ATOM   844  O O   . GLU A 1 116 ? 18.973  0.894   -11.173 1.00 25.70 ? 116 GLU A O   1 
ATOM   845  C CB  . GLU A 1 116 ? 16.590  -0.104  -9.682  1.00 23.04 ? 116 GLU A CB  1 
ATOM   846  C CG  . GLU A 1 116 ? 16.120  -1.112  -8.668  1.00 23.66 ? 116 GLU A CG  1 
ATOM   847  C CD  . GLU A 1 116 ? 14.764  -1.755  -8.884  1.00 24.28 ? 116 GLU A CD  1 
ATOM   848  O OE1 . GLU A 1 116 ? 13.933  -1.159  -9.600  1.00 25.19 ? 116 GLU A OE1 1 
ATOM   849  O OE2 . GLU A 1 116 ? 14.502  -2.825  -8.278  1.00 24.02 ? 116 GLU A OE2 1 
ATOM   850  N N   . ASP A 1 117 ? 17.922  2.842   -10.643 1.00 23.90 ? 117 ASP A N   1 
ATOM   851  C CA  . ASP A 1 117 ? 18.402  3.503   -11.866 1.00 25.76 ? 117 ASP A CA  1 
ATOM   852  C C   . ASP A 1 117 ? 19.107  4.796   -11.488 1.00 26.56 ? 117 ASP A C   1 
ATOM   853  O O   . ASP A 1 117 ? 18.453  5.772   -11.075 1.00 29.17 ? 117 ASP A O   1 
ATOM   854  C CB  . ASP A 1 117 ? 17.204  3.736   -12.787 1.00 29.36 ? 117 ASP A CB  1 
ATOM   855  C CG  . ASP A 1 117 ? 17.582  4.457   -14.078 1.00 29.20 ? 117 ASP A CG  1 
ATOM   856  O OD1 . ASP A 1 117 ? 18.767  4.790   -14.259 1.00 30.02 ? 117 ASP A OD1 1 
ATOM   857  O OD2 . ASP A 1 117 ? 16.655  4.694   -14.897 1.00 34.68 ? 117 ASP A OD2 1 
ATOM   858  N N   . PRO A 1 118 ? 20.419  4.855   -11.561 1.00 28.38 ? 118 PRO A N   1 
ATOM   859  C CA  . PRO A 1 118 ? 21.150  6.068   -11.158 1.00 31.80 ? 118 PRO A CA  1 
ATOM   860  C C   . PRO A 1 118 ? 20.877  7.267   -12.066 1.00 34.32 ? 118 PRO A C   1 
ATOM   861  O O   . PRO A 1 118 ? 21.162  8.409   -11.683 1.00 40.58 ? 118 PRO A O   1 
ATOM   862  C CB  . PRO A 1 118 ? 22.616  5.668   -11.274 1.00 34.31 ? 118 PRO A CB  1 
ATOM   863  C CG  . PRO A 1 118 ? 22.636  4.179   -11.367 1.00 34.74 ? 118 PRO A CG  1 
ATOM   864  C CD  . PRO A 1 118 ? 21.332  3.768   -12.010 1.00 30.83 ? 118 PRO A CD  1 
ATOM   865  N N   . ASN A 1 119 ? 20.290  7.046   -13.239 1.00 34.71 ? 119 ASN A N   1 
ATOM   866  C CA  . ASN A 1 119 ? 19.906  8.155   -14.126 1.00 37.75 ? 119 ASN A CA  1 
ATOM   867  C C   . ASN A 1 119 ? 18.418  8.463   -14.095 1.00 31.02 ? 119 ASN A C   1 
ATOM   868  O O   . ASN A 1 119 ? 17.915  9.268   -14.905 1.00 37.70 ? 119 ASN A O   1 
ATOM   869  C CB  . ASN A 1 119 ? 20.406  7.824   -15.540 1.00 46.86 ? 119 ASN A CB  1 
ATOM   870  C CG  . ASN A 1 119 ? 21.920  7.695   -15.643 1.00 48.79 ? 119 ASN A CG  1 
ATOM   871  O OD1 . ASN A 1 119 ? 22.701  8.562   -15.223 1.00 59.78 ? 119 ASN A OD1 1 
ATOM   872  N ND2 . ASN A 1 119 ? 22.401  6.593   -16.221 1.00 66.02 ? 119 ASN A ND2 1 
ATOM   873  N N   . SER A 1 120 ? 17.635  7.906   -13.169 1.00 30.06 ? 120 SER A N   1 
ATOM   874  C CA  . SER A 1 120 ? 16.243  8.292   -12.984 1.00 29.33 ? 120 SER A CA  1 
ATOM   875  C C   . SER A 1 120 ? 16.092  9.708   -12.452 1.00 29.48 ? 120 SER A C   1 
ATOM   876  O O   . SER A 1 120 ? 16.972  10.128  -11.713 1.00 30.88 ? 120 SER A O   1 
ATOM   877  C CB  . SER A 1 120 ? 15.587  7.374   -11.941 1.00 28.54 ? 120 SER A CB  1 
ATOM   878  O OG  . SER A 1 120 ? 14.276  7.802   -11.631 1.00 31.87 ? 120 SER A OG  1 
ATOM   879  N N   . ILE A 1 121 ? 14.991  10.403  -12.749 1.00 31.96 ? 121 ILE A N   1 
ATOM   880  C CA  . ILE A 1 121 ? 14.791  11.723  -12.134 1.00 35.27 ? 121 ILE A CA  1 
ATOM   881  C C   . ILE A 1 121 ? 14.664  11.628  -10.619 1.00 33.72 ? 121 ILE A C   1 
ATOM   882  O O   . ILE A 1 121 ? 14.903  12.635  -9.930  1.00 35.29 ? 121 ILE A O   1 
ATOM   883  C CB  . ILE A 1 121 ? 13.516  12.430  -12.640 1.00 42.35 ? 121 ILE A CB  1 
ATOM   884  C CG1 . ILE A 1 121 ? 12.385  12.519  -11.623 1.00 49.85 ? 121 ILE A CG1 1 
ATOM   885  C CG2 . ILE A 1 121 ? 13.064  11.716  -13.906 1.00 49.66 ? 121 ILE A CG2 1 
ATOM   886  C CD1 . ILE A 1 121 ? 11.966  13.905  -11.162 1.00 53.18 ? 121 ILE A CD1 1 
ATOM   887  N N   . ILE A 1 122 ? 14.261  10.453  -10.124 1.00 29.27 ? 122 ILE A N   1 
ATOM   888  C CA  . ILE A 1 122 ? 14.143  10.348  -8.662  1.00 26.38 ? 122 ILE A CA  1 
ATOM   889  C C   . ILE A 1 122 ? 15.299  9.601   -8.049  1.00 26.32 ? 122 ILE A C   1 
ATOM   890  O O   . ILE A 1 122 ? 15.193  9.152   -6.912  1.00 27.22 ? 122 ILE A O   1 
ATOM   891  C CB  . ILE A 1 122 ? 12.789  9.706   -8.293  1.00 26.47 ? 122 ILE A CB  1 
ATOM   892  C CG1 . ILE A 1 122 ? 12.525  8.340   -8.920  1.00 28.18 ? 122 ILE A CG1 1 
ATOM   893  C CG2 . ILE A 1 122 ? 11.624  10.643  -8.647  1.00 27.21 ? 122 ILE A CG2 1 
ATOM   894  C CD1 . ILE A 1 122 ? 11.341  7.592   -8.325  1.00 26.03 ? 122 ILE A CD1 1 
ATOM   895  N N   . ALA A 1 123 ? 16.412  9.461   -8.776  1.00 26.74 ? 123 ALA A N   1 
ATOM   896  C CA  . ALA A 1 123 ? 17.536  8.710   -8.250  1.00 26.14 ? 123 ALA A CA  1 
ATOM   897  C C   . ALA A 1 123 ? 17.978  9.219   -6.892  1.00 27.69 ? 123 ALA A C   1 
ATOM   898  O O   . ALA A 1 123 ? 18.144  10.436  -6.701  1.00 28.78 ? 123 ALA A O   1 
ATOM   899  C CB  . ALA A 1 123 ? 18.741  8.815   -9.199  1.00 28.25 ? 123 ALA A CB  1 
ATOM   900  N N   . GLY A 1 124 ? 18.181  8.315   -5.945  1.00 26.16 ? 124 GLY A N   1 
ATOM   901  C CA  . GLY A 1 124 ? 18.686  8.767   -4.649  1.00 27.80 ? 124 GLY A CA  1 
ATOM   902  C C   . GLY A 1 124 ? 17.611  9.225   -3.685  1.00 28.75 ? 124 GLY A C   1 
ATOM   903  O O   . GLY A 1 124 ? 17.867  9.391   -2.472  1.00 31.33 ? 124 GLY A O   1 
ATOM   904  N N   . MET A 1 125 ? 16.393  9.423   -4.166  1.00 27.37 ? 125 MET A N   1 
ATOM   905  C CA  . MET A 1 125 ? 15.338  9.859   -3.222  1.00 27.21 ? 125 MET A CA  1 
ATOM   906  C C   . MET A 1 125 ? 14.861  8.702   -2.350  1.00 24.46 ? 125 MET A C   1 
ATOM   907  O O   . MET A 1 125 ? 14.751  7.584   -2.850  1.00 23.87 ? 125 MET A O   1 
ATOM   908  C CB  . MET A 1 125 ? 14.213  10.532  -4.008  1.00 27.10 ? 125 MET A CB  1 
ATOM   909  C CG  . MET A 1 125 ? 14.726  11.669  -4.883  1.00 32.18 ? 125 MET A CG  1 
ATOM   910  S SD  . MET A 1 125 ? 13.401  12.540  -5.788  1.00 35.47 ? 125 MET A SD  1 
ATOM   911  C CE  . MET A 1 125 ? 14.419  13.641  -6.771  1.00 36.86 ? 125 MET A CE  1 
ATOM   912  N N   . PRO A 1 126 ? 14.604  8.929   -1.075  1.00 24.60 ? 126 PRO A N   1 
ATOM   913  C CA  . PRO A 1 126 ? 14.220  7.808   -0.198  1.00 23.63 ? 126 PRO A CA  1 
ATOM   914  C C   . PRO A 1 126 ? 12.822  7.274   -0.550  1.00 23.78 ? 126 PRO A C   1 
ATOM   915  O O   . PRO A 1 126 ? 11.904  8.039   -0.843  1.00 22.49 ? 126 PRO A O   1 
ATOM   916  C CB  . PRO A 1 126 ? 14.286  8.424   1.193   1.00 26.55 ? 126 PRO A CB  1 
ATOM   917  C CG  . PRO A 1 126 ? 13.989  9.877   0.975   1.00 28.25 ? 126 PRO A CG  1 
ATOM   918  C CD  . PRO A 1 126 ? 14.620  10.220  -0.356  1.00 28.64 ? 126 PRO A CD  1 
ATOM   919  N N   . VAL A 1 127 ? 12.692  5.940   -0.546  1.00 22.11 ? 127 VAL A N   1 
ATOM   920  C CA  . VAL A 1 127 ? 11.410  5.297   -0.796  1.00 21.00 ? 127 VAL A CA  1 
ATOM   921  C C   . VAL A 1 127 ? 11.151  4.164   0.188   1.00 20.38 ? 127 VAL A C   1 
ATOM   922  O O   . VAL A 1 127 ? 12.070  3.631   0.867   1.00 21.77 ? 127 VAL A O   1 
ATOM   923  C CB  . VAL A 1 127 ? 11.295  4.773   -2.256  1.00 21.24 ? 127 VAL A CB  1 
ATOM   924  C CG1 . VAL A 1 127 ? 11.344  5.952   -3.239  1.00 21.28 ? 127 VAL A CG1 1 
ATOM   925  C CG2 . VAL A 1 127 ? 12.362  3.761   -2.663  1.00 22.42 ? 127 VAL A CG2 1 
ATOM   926  N N   . LEU A 1 128 ? 9.907   3.720   0.242   1.00 19.85 ? 128 LEU A N   1 
ATOM   927  C CA  . LEU A 1 128 ? 9.527   2.539   1.023   1.00 20.25 ? 128 LEU A CA  1 
ATOM   928  C C   . LEU A 1 128 ? 9.833   1.290   0.204   1.00 19.85 ? 128 LEU A C   1 
ATOM   929  O O   . LEU A 1 128 ? 9.363   1.161   -0.961  1.00 20.95 ? 128 LEU A O   1 
ATOM   930  C CB  . LEU A 1 128 ? 8.038   2.586   1.372   1.00 20.09 ? 128 LEU A CB  1 
ATOM   931  C CG  . LEU A 1 128 ? 7.673   3.653   2.408   1.00 21.53 ? 128 LEU A CG  1 
ATOM   932  C CD1 . LEU A 1 128 ? 6.251   4.143   2.172   1.00 22.49 ? 128 LEU A CD1 1 
ATOM   933  C CD2 . LEU A 1 128 ? 7.785   3.049   3.826   1.00 22.26 ? 128 LEU A CD2 1 
ATOM   934  N N   . GLU A 1 129 ? 10.579  0.335   0.766   1.00 20.19 ? 129 GLU A N   1 
ATOM   935  C CA  . GLU A 1 129 ? 11.121  -0.819  0.015   1.00 20.23 ? 129 GLU A CA  1 
ATOM   936  C C   . GLU A 1 129 ? 10.173  -1.995  -0.138  1.00 20.76 ? 129 GLU A C   1 
ATOM   937  O O   . GLU A 1 129 ? 10.479  -3.151  0.179   1.00 20.99 ? 129 GLU A O   1 
ATOM   938  C CB  . GLU A 1 129 ? 12.414  -1.241  0.715   1.00 20.75 ? 129 GLU A CB  1 
ATOM   939  C CG  . GLU A 1 129 ? 13.492  -0.147  0.554   1.00 22.67 ? 129 GLU A CG  1 
ATOM   940  C CD  . GLU A 1 129 ? 14.801  -0.459  1.238   1.00 22.47 ? 129 GLU A CD  1 
ATOM   941  O OE1 . GLU A 1 129 ? 14.920  -1.499  1.920   1.00 26.43 ? 129 GLU A OE1 1 
ATOM   942  O OE2 . GLU A 1 129 ? 15.733  0.370   1.134   1.00 26.59 ? 129 GLU A OE2 1 
ATOM   943  N N   . VAL A 1 130 ? 8.988   -1.715  -0.674  1.00 20.67 ? 130 VAL A N   1 
ATOM   944  C CA  . VAL A 1 130 ? 7.880   -2.674  -0.602  1.00 19.89 ? 130 VAL A CA  1 
ATOM   945  C C   . VAL A 1 130 ? 8.158   -3.912  -1.432  1.00 20.13 ? 130 VAL A C   1 
ATOM   946  O O   . VAL A 1 130 ? 7.656   -4.999  -1.101  1.00 20.57 ? 130 VAL A O   1 
ATOM   947  C CB  . VAL A 1 130 ? 6.569   -2.022  -1.101  1.00 19.28 ? 130 VAL A CB  1 
ATOM   948  C CG1 . VAL A 1 130 ? 6.203   -0.808  -0.220  1.00 20.41 ? 130 VAL A CG1 1 
ATOM   949  C CG2 . VAL A 1 130 ? 6.645   -1.654  -2.580  1.00 20.01 ? 130 VAL A CG2 1 
ATOM   950  N N   . TRP A 1 131 ? 8.988   -3.797  -2.479  1.00 19.70 ? 131 TRP A N   1 
ATOM   951  C CA  . TRP A 1 131 ? 9.277   -4.902  -3.411  1.00 20.20 ? 131 TRP A CA  1 
ATOM   952  C C   . TRP A 1 131 ? 10.110  -5.993  -2.746  1.00 20.80 ? 131 TRP A C   1 
ATOM   953  O O   . TRP A 1 131 ? 10.270  -7.071  -3.348  1.00 22.26 ? 131 TRP A O   1 
ATOM   954  C CB  . TRP A 1 131 ? 9.961   -4.419  -4.705  1.00 20.47 ? 131 TRP A CB  1 
ATOM   955  C CG  . TRP A 1 131 ? 11.262  -3.727  -4.420  1.00 20.21 ? 131 TRP A CG  1 
ATOM   956  C CD1 . TRP A 1 131 ? 12.474  -4.392  -4.446  1.00 22.48 ? 131 TRP A CD1 1 
ATOM   957  C CD2 . TRP A 1 131 ? 11.572  -2.381  -4.066  1.00 20.79 ? 131 TRP A CD2 1 
ATOM   958  N NE1 . TRP A 1 131 ? 13.497  -3.493  -4.137  1.00 22.81 ? 131 TRP A NE1 1 
ATOM   959  C CE2 . TRP A 1 131 ? 12.954  -2.253  -3.900  1.00 22.15 ? 131 TRP A CE2 1 
ATOM   960  C CE3 . TRP A 1 131 ? 10.808  -1.232  -3.883  1.00 22.09 ? 131 TRP A CE3 1 
ATOM   961  C CZ2 . TRP A 1 131 ? 13.601  -1.077  -3.553  1.00 20.77 ? 131 TRP A CZ2 1 
ATOM   962  C CZ3 . TRP A 1 131 ? 11.432  -0.052  -3.541  1.00 21.37 ? 131 TRP A CZ3 1 
ATOM   963  C CH2 . TRP A 1 131 ? 12.826  0.042   -3.377  1.00 21.93 ? 131 TRP A CH2 1 
ATOM   964  N N   . LYS A 1 132 ? 10.637  -5.768  -1.565  1.00 20.69 ? 132 LYS A N   1 
ATOM   965  C CA  . LYS A 1 132 ? 11.398  -6.773  -0.834  1.00 20.59 ? 132 LYS A CA  1 
ATOM   966  C C   . LYS A 1 132 ? 10.497  -7.735  -0.060  1.00 21.61 ? 132 LYS A C   1 
ATOM   967  O O   . LYS A 1 132 ? 10.999  -8.730  0.482   1.00 22.08 ? 132 LYS A O   1 
ATOM   968  C CB  . LYS A 1 132 ? 12.425  -6.094  0.088   1.00 21.86 ? 132 LYS A CB  1 
ATOM   969  C CG  . LYS A 1 132 ? 13.483  -5.357  -0.729  1.00 22.48 ? 132 LYS A CG  1 
ATOM   970  C CD  . LYS A 1 132 ? 14.548  -4.735  0.171   1.00 22.68 ? 132 LYS A CD  1 
ATOM   971  C CE  . LYS A 1 132 ? 15.543  -3.909  -0.622  1.00 24.22 ? 132 LYS A CE  1 
ATOM   972  N NZ  . LYS A 1 132 ? 16.590  -3.361  0.271   1.00 26.42 ? 132 LYS A NZ  1 
ATOM   973  N N   . SER A 1 133 ? 9.206   -7.441  0.048   1.00 20.68 ? 133 SER A N   1 
ATOM   974  C CA  . SER A 1 133 ? 8.285   -8.332  0.722   1.00 21.52 ? 133 SER A CA  1 
ATOM   975  C C   . SER A 1 133 ? 7.928   -9.559  -0.133  1.00 20.82 ? 133 SER A C   1 
ATOM   976  O O   . SER A 1 133 ? 8.297   -9.649  -1.303  1.00 21.84 ? 133 SER A O   1 
ATOM   977  C CB  . SER A 1 133 ? 6.995   -7.586  1.058   1.00 21.88 ? 133 SER A CB  1 
ATOM   978  O OG  . SER A 1 133 ? 6.316   -7.210  -0.147  1.00 24.54 ? 133 SER A OG  1 
ATOM   979  N N   . LYS A 1 134 ? 7.194   -10.506 0.459   1.00 20.78 ? 134 LYS A N   1 
ATOM   980  C CA  . LYS A 1 134 ? 6.912   -11.729 -0.308  1.00 21.47 ? 134 LYS A CA  1 
ATOM   981  C C   . LYS A 1 134 ? 5.939   -11.506 -1.446  1.00 21.03 ? 134 LYS A C   1 
ATOM   982  O O   . LYS A 1 134 ? 6.041   -12.104 -2.508  1.00 22.32 ? 134 LYS A O   1 
ATOM   983  C CB  . LYS A 1 134 ? 6.347   -12.819 0.622   1.00 23.58 ? 134 LYS A CB  1 
ATOM   984  C CG  . LYS A 1 134 ? 7.258   -13.187 1.754   1.00 27.92 ? 134 LYS A CG  1 
ATOM   985  C CD  . LYS A 1 134 ? 8.455   -14.021 1.321   1.00 28.82 ? 134 LYS A CD  1 
ATOM   986  C CE  . LYS A 1 134 ? 9.354   -14.407 2.491   1.00 28.61 ? 134 LYS A CE  1 
ATOM   987  N NZ  . LYS A 1 134 ? 9.640   -13.273 3.433   1.00 29.44 ? 134 LYS A NZ  1 
ATOM   988  N N   . GLN A 1 135 ? 4.954   -10.624 -1.220  1.00 21.03 ? 135 GLN A N   1 
ATOM   989  C CA  . GLN A 1 135 ? 3.891   -10.342 -2.161  1.00 20.58 ? 135 GLN A CA  1 
ATOM   990  C C   . GLN A 1 135 ? 3.456   -8.888  -2.023  1.00 19.98 ? 135 GLN A C   1 
ATOM   991  O O   . GLN A 1 135 ? 3.274   -8.473  -0.863  1.00 20.87 ? 135 GLN A O   1 
ATOM   992  C CB  . GLN A 1 135 ? 2.643   -11.199 -1.883  1.00 21.80 ? 135 GLN A CB  1 
ATOM   993  C CG  . GLN A 1 135 ? 1.467   -10.960 -2.807  1.00 22.81 ? 135 GLN A CG  1 
ATOM   994  C CD  . GLN A 1 135 ? 1.712   -11.477 -4.216  1.00 23.57 ? 135 GLN A CD  1 
ATOM   995  O OE1 . GLN A 1 135 ? 1.968   -12.651 -4.479  1.00 25.82 ? 135 GLN A OE1 1 
ATOM   996  N NE2 . GLN A 1 135 ? 1.654   -10.561 -5.171  1.00 22.56 ? 135 GLN A NE2 1 
ATOM   997  N N   . VAL A 1 136 ? 3.299   -8.195  -3.139  1.00 19.07 ? 136 VAL A N   1 
ATOM   998  C CA  . VAL A 1 136 ? 2.841   -6.804  -3.159  1.00 19.82 ? 136 VAL A CA  1 
ATOM   999  C C   . VAL A 1 136 ? 1.528   -6.813  -3.939  1.00 19.36 ? 136 VAL A C   1 
ATOM   1000 O O   . VAL A 1 136 ? 1.438   -7.477  -4.969  1.00 20.88 ? 136 VAL A O   1 
ATOM   1001 C CB  . VAL A 1 136 ? 3.849   -5.844  -3.816  1.00 20.23 ? 136 VAL A CB  1 
ATOM   1002 C CG1 . VAL A 1 136 ? 3.331   -4.401  -3.854  1.00 24.71 ? 136 VAL A CG1 1 
ATOM   1003 C CG2 . VAL A 1 136 ? 5.211   -5.870  -3.099  1.00 21.58 ? 136 VAL A CG2 1 
ATOM   1004 N N   . ILE A 1 137 ? 0.543   -6.081  -3.443  1.00 19.56 ? 137 ILE A N   1 
ATOM   1005 C CA  . ILE A 1 137 ? -0.668  -5.782  -4.185  1.00 19.80 ? 137 ILE A CA  1 
ATOM   1006 C C   . ILE A 1 137 ? -0.747  -4.253  -4.328  1.00 19.19 ? 137 ILE A C   1 
ATOM   1007 O O   . ILE A 1 137 ? -0.679  -3.559  -3.297  1.00 20.58 ? 137 ILE A O   1 
ATOM   1008 C CB  . ILE A 1 137 ? -1.953  -6.300  -3.511  1.00 19.55 ? 137 ILE A CB  1 
ATOM   1009 C CG1 . ILE A 1 137 ? -1.975  -7.823  -3.348  1.00 20.74 ? 137 ILE A CG1 1 
ATOM   1010 C CG2 . ILE A 1 137 ? -3.136  -5.794  -4.333  1.00 21.86 ? 137 ILE A CG2 1 
ATOM   1011 C CD1 . ILE A 1 137 ? -3.168  -8.305  -2.538  1.00 23.15 ? 137 ILE A CD1 1 
ATOM   1012 N N   . VAL A 1 138 ? -0.796  -3.757  -5.571  1.00 19.13 ? 138 VAL A N   1 
ATOM   1013 C CA  . VAL A 1 138 ? -0.902  -2.326  -5.788  1.00 19.35 ? 138 VAL A CA  1 
ATOM   1014 C C   . VAL A 1 138 ? -2.336  -1.992  -6.186  1.00 19.60 ? 138 VAL A C   1 
ATOM   1015 O O   . VAL A 1 138 ? -2.864  -2.537  -7.179  1.00 20.87 ? 138 VAL A O   1 
ATOM   1016 C CB  . VAL A 1 138 ? 0.064   -1.837  -6.891  1.00 20.76 ? 138 VAL A CB  1 
ATOM   1017 C CG1 . VAL A 1 138 ? -0.152  -0.345  -7.157  1.00 21.57 ? 138 VAL A CG1 1 
ATOM   1018 C CG2 . VAL A 1 138 ? 1.537   -2.121  -6.538  1.00 20.30 ? 138 VAL A CG2 1 
ATOM   1019 N N   . MET A 1 139 ? -2.945  -1.096  -5.421  1.00 19.80 ? 139 MET A N   1 
ATOM   1020 C CA  . MET A 1 139 ? -4.325  -0.655  -5.638  1.00 21.19 ? 139 MET A CA  1 
ATOM   1021 C C   . MET A 1 139 ? -4.282  0.771   -6.156  1.00 21.90 ? 139 MET A C   1 
ATOM   1022 O O   . MET A 1 139 ? -3.913  1.694   -5.406  1.00 22.59 ? 139 MET A O   1 
ATOM   1023 C CB  . MET A 1 139 ? -5.167  -0.691  -4.370  1.00 22.78 ? 139 MET A CB  1 
ATOM   1024 C CG  . MET A 1 139 ? -5.248  -2.033  -3.667  1.00 27.94 ? 139 MET A CG  1 
ATOM   1025 S SD  . MET A 1 139 ? -6.336  -1.955  -2.224  1.00 26.64 ? 139 MET A SD  1 
ATOM   1026 C CE  . MET A 1 139 ? -5.717  -3.305  -1.228  1.00 31.93 ? 139 MET A CE  1 
ATOM   1027 N N   . LYS A 1 140 ? -4.648  0.929   -7.421  1.00 20.54 ? 140 LYS A N   1 
ATOM   1028 C CA  . LYS A 1 140 ? -4.744  2.230   -8.108  1.00 21.03 ? 140 LYS A CA  1 
ATOM   1029 C C   . LYS A 1 140 ? -5.611  1.965   -9.336  1.00 21.74 ? 140 LYS A C   1 
ATOM   1030 O O   . LYS A 1 140 ? -5.994  0.812   -9.585  1.00 20.90 ? 140 LYS A O   1 
ATOM   1031 C CB  . LYS A 1 140 ? -3.384  2.816   -8.446  1.00 21.67 ? 140 LYS A CB  1 
ATOM   1032 C CG  . LYS A 1 140 ? -2.494  1.933   -9.319  1.00 22.19 ? 140 LYS A CG  1 
ATOM   1033 C CD  . LYS A 1 140 ? -1.063  2.424   -9.311  1.00 21.63 ? 140 LYS A CD  1 
ATOM   1034 C CE  . LYS A 1 140 ? -0.829  3.813   -9.852  1.00 22.38 ? 140 LYS A CE  1 
ATOM   1035 N NZ  . LYS A 1 140 ? -1.212  3.925   -11.298 1.00 24.10 ? 140 LYS A NZ  1 
ATOM   1036 N N   . ARG A 1 141 ? -5.964  2.993   -10.106 1.00 21.20 ? 141 ARG A N   1 
ATOM   1037 C CA  . ARG A 1 141 ? -6.927  2.772   -11.185 1.00 21.64 ? 141 ARG A CA  1 
ATOM   1038 C C   . ARG A 1 141 ? -6.287  2.258   -12.480 1.00 21.85 ? 141 ARG A C   1 
ATOM   1039 O O   . ARG A 1 141 ? -7.022  1.595   -13.234 1.00 23.50 ? 141 ARG A O   1 
ATOM   1040 C CB  . ARG A 1 141 ? -7.709  4.078   -11.445 1.00 21.28 ? 141 ARG A CB  1 
ATOM   1041 C CG  . ARG A 1 141 ? -8.468  4.540   -10.211 1.00 21.80 ? 141 ARG A CG  1 
ATOM   1042 C CD  . ARG A 1 141 ? -8.985  5.970   -10.294 1.00 22.32 ? 141 ARG A CD  1 
ATOM   1043 N NE  . ARG A 1 141 ? -7.832  6.889   -10.490 1.00 22.33 ? 141 ARG A NE  1 
ATOM   1044 C CZ  . ARG A 1 141 ? -8.019  8.192   -10.572 1.00 24.04 ? 141 ARG A CZ  1 
ATOM   1045 N NH1 . ARG A 1 141 ? -9.250  8.741   -10.463 1.00 24.90 ? 141 ARG A NH1 1 
ATOM   1046 N NH2 . ARG A 1 141 ? -6.939  8.943   -10.756 1.00 24.04 ? 141 ARG A NH2 1 
ATOM   1047 N N   . SER A 1 142 ? -5.021  2.549   -12.716 1.00 23.36 ? 142 SER A N   1 
ATOM   1048 C CA  . SER A 1 142 ? -4.357  2.262   -13.976 1.00 24.13 ? 142 SER A CA  1 
ATOM   1049 C C   . SER A 1 142 ? -2.880  1.912   -13.766 1.00 23.59 ? 142 SER A C   1 
ATOM   1050 O O   . SER A 1 142 ? -2.451  1.833   -12.636 1.00 23.21 ? 142 SER A O   1 
ATOM   1051 C CB  . SER A 1 142 ? -4.469  3.468   -14.938 1.00 26.08 ? 142 SER A CB  1 
ATOM   1052 O OG  . SER A 1 142 ? -3.611  4.524   -14.502 1.00 24.05 ? 142 SER A OG  1 
ATOM   1053 N N   . LEU A 1 143 ? -2.148  1.726   -14.849 1.00 23.94 ? 143 LEU A N   1 
ATOM   1054 C CA  . LEU A 1 143 ? -0.697  1.563   -14.814 1.00 25.98 ? 143 LEU A CA  1 
ATOM   1055 C C   . LEU A 1 143 ? -0.011  2.915   -14.894 1.00 25.38 ? 143 LEU A C   1 
ATOM   1056 O O   . LEU A 1 143 ? 1.203   2.961   -15.109 1.00 27.42 ? 143 LEU A O   1 
ATOM   1057 C CB  . LEU A 1 143 ? -0.263  0.602   -15.934 1.00 24.85 ? 143 LEU A CB  1 
ATOM   1058 C CG  . LEU A 1 143 ? -0.295  -0.901  -15.522 1.00 26.20 ? 143 LEU A CG  1 
ATOM   1059 C CD1 . LEU A 1 143 ? 0.711   -1.320  -14.459 1.00 27.18 ? 143 LEU A CD1 1 
ATOM   1060 C CD2 . LEU A 1 143 ? -1.687  -1.302  -15.026 1.00 27.00 ? 143 LEU A CD2 1 
ATOM   1061 N N   . GLY A 1 144 ? -0.726  4.027   -14.711 1.00 24.80 ? 144 GLY A N   1 
ATOM   1062 C CA  . GLY A 1 144 ? -0.177  5.341   -14.903 1.00 25.63 ? 144 GLY A CA  1 
ATOM   1063 C C   . GLY A 1 144 ? 0.625   5.976   -13.786 1.00 23.25 ? 144 GLY A C   1 
ATOM   1064 O O   . GLY A 1 144 ? 0.773   5.494   -12.656 1.00 23.83 ? 144 GLY A O   1 
ATOM   1065 N N   . VAL A 1 145 ? 1.199   7.154   -14.054 1.00 23.42 ? 145 VAL A N   1 
ATOM   1066 C CA  . VAL A 1 145 ? 2.122   7.817   -13.161 1.00 23.87 ? 145 VAL A CA  1 
ATOM   1067 C C   . VAL A 1 145 ? 1.471   8.485   -11.957 1.00 23.30 ? 145 VAL A C   1 
ATOM   1068 O O   . VAL A 1 145 ? 0.252   8.590   -11.836 1.00 24.98 ? 145 VAL A O   1 
ATOM   1069 C CB  . VAL A 1 145 ? 2.919   8.930   -13.881 1.00 26.40 ? 145 VAL A CB  1 
ATOM   1070 C CG1 . VAL A 1 145 ? 3.693   8.315   -15.026 1.00 29.07 ? 145 VAL A CG1 1 
ATOM   1071 C CG2 . VAL A 1 145 ? 2.028   10.070  -14.372 1.00 28.25 ? 145 VAL A CG2 1 
ATOM   1072 N N   . GLY A 1 146 ? 2.361   8.900   -11.057 1.00 24.23 ? 146 GLY A N   1 
ATOM   1073 C CA  . GLY A 1 146 ? 1.969   9.721   -9.908  1.00 24.86 ? 146 GLY A CA  1 
ATOM   1074 C C   . GLY A 1 146 ? 2.499   11.147  -10.088 1.00 24.61 ? 146 GLY A C   1 
ATOM   1075 O O   . GLY A 1 146 ? 2.782   11.563  -11.196 1.00 24.44 ? 146 GLY A O   1 
ATOM   1076 N N   . TYR A 1 147 ? 2.663   11.883  -8.991  1.00 22.94 ? 147 TYR A N   1 
ATOM   1077 C CA  . TYR A 1 147 ? 3.108   13.254  -9.042  1.00 23.32 ? 147 TYR A CA  1 
ATOM   1078 C C   . TYR A 1 147 ? 4.364   13.497  -9.875  1.00 23.86 ? 147 TYR A C   1 
ATOM   1079 O O   . TYR A 1 147 ? 4.402   14.458  -10.650 1.00 26.45 ? 147 TYR A O   1 
ATOM   1080 C CB  . TYR A 1 147 ? 3.403   13.768  -7.641  1.00 25.84 ? 147 TYR A CB  1 
ATOM   1081 C CG  . TYR A 1 147 ? 3.765   15.216  -7.454  1.00 23.87 ? 147 TYR A CG  1 
ATOM   1082 C CD1 . TYR A 1 147 ? 2.806   16.194  -7.225  1.00 27.91 ? 147 TYR A CD1 1 
ATOM   1083 C CD2 . TYR A 1 147 ? 5.088   15.627  -7.464  1.00 25.12 ? 147 TYR A CD2 1 
ATOM   1084 C CE1 . TYR A 1 147 ? 3.165   17.490  -7.041  1.00 29.23 ? 147 TYR A CE1 1 
ATOM   1085 C CE2 . TYR A 1 147 ? 5.480   16.940  -7.281  1.00 26.92 ? 147 TYR A CE2 1 
ATOM   1086 C CZ  . TYR A 1 147 ? 4.482   17.883  -7.068  1.00 31.00 ? 147 TYR A CZ  1 
ATOM   1087 O OH  . TYR A 1 147 ? 4.768   19.224  -6.877  1.00 39.80 ? 147 TYR A OH  1 
ATOM   1088 N N   . ALA A 1 148 ? 5.366   12.626  -9.697  1.00 25.10 ? 148 ALA A N   1 
ATOM   1089 C CA  . ALA A 1 148 ? 6.664   12.877  -10.345 1.00 26.05 ? 148 ALA A CA  1 
ATOM   1090 C C   . ALA A 1 148 ? 6.670   12.539  -11.825 1.00 25.89 ? 148 ALA A C   1 
ATOM   1091 O O   . ALA A 1 148 ? 7.666   12.830  -12.502 1.00 29.48 ? 148 ALA A O   1 
ATOM   1092 C CB  . ALA A 1 148 ? 7.728   12.083  -9.604  1.00 27.92 ? 148 ALA A CB  1 
ATOM   1093 N N   . ALA A 1 149 ? 5.595   11.955  -12.345 1.00 25.47 ? 149 ALA A N   1 
ATOM   1094 C CA  . ALA A 1 149 ? 5.474   11.663  -13.776 1.00 26.15 ? 149 ALA A CA  1 
ATOM   1095 C C   . ALA A 1 149 ? 6.519   10.678  -14.257 1.00 26.37 ? 149 ALA A C   1 
ATOM   1096 O O   . ALA A 1 149 ? 7.077   10.750  -15.378 1.00 29.10 ? 149 ALA A O   1 
ATOM   1097 C CB  . ALA A 1 149 ? 5.468   12.993  -14.560 1.00 29.19 ? 149 ALA A CB  1 
ATOM   1098 N N   . VAL A 1 150 ? 6.802   9.637   -13.479 1.00 24.34 ? 150 VAL A N   1 
ATOM   1099 C CA  . VAL A 1 150 ? 7.703   8.577   -13.973 1.00 25.91 ? 150 VAL A CA  1 
ATOM   1100 C C   . VAL A 1 150 ? 7.078   7.204   -13.850 1.00 24.62 ? 150 VAL A C   1 
ATOM   1101 O O   . VAL A 1 150 ? 6.244   6.993   -12.931 1.00 25.43 ? 150 VAL A O   1 
ATOM   1102 C CB  . VAL A 1 150 ? 9.028   8.649   -13.192 1.00 27.84 ? 150 VAL A CB  1 
ATOM   1103 C CG1 . VAL A 1 150 ? 9.786   9.920   -13.544 1.00 33.98 ? 150 VAL A CG1 1 
ATOM   1104 C CG2 . VAL A 1 150 ? 8.843   8.566   -11.672 1.00 27.34 ? 150 VAL A CG2 1 
ATOM   1105 N N   . ASP A 1 151 ? 7.489   6.228   -14.682 1.00 25.03 ? 151 ASP A N   1 
ATOM   1106 C CA  . ASP A 1 151 ? 7.042   4.834   -14.532 1.00 22.91 ? 151 ASP A CA  1 
ATOM   1107 C C   . ASP A 1 151 ? 7.610   4.199   -13.256 1.00 21.69 ? 151 ASP A C   1 
ATOM   1108 O O   . ASP A 1 151 ? 8.633   4.622   -12.730 1.00 24.58 ? 151 ASP A O   1 
ATOM   1109 C CB  . ASP A 1 151 ? 7.472   4.026   -15.761 1.00 25.16 ? 151 ASP A CB  1 
ATOM   1110 C CG  . ASP A 1 151 ? 6.720   2.721   -15.913 1.00 26.62 ? 151 ASP A CG  1 
ATOM   1111 O OD1 . ASP A 1 151 ? 7.244   1.859   -16.663 1.00 28.73 ? 151 ASP A OD1 1 
ATOM   1112 O OD2 . ASP A 1 151 ? 5.642   2.501   -15.311 1.00 26.16 ? 151 ASP A OD2 1 
ATOM   1113 N N   . ASN A 1 152 ? 6.934   3.207   -12.707 1.00 22.32 ? 152 ASN A N   1 
ATOM   1114 C CA  . ASN A 1 152 ? 7.326   2.528   -11.473 1.00 21.99 ? 152 ASN A CA  1 
ATOM   1115 C C   . ASN A 1 152 ? 7.592   1.052   -11.743 1.00 21.80 ? 152 ASN A C   1 
ATOM   1116 O O   . ASN A 1 152 ? 6.675   0.250   -12.011 1.00 21.54 ? 152 ASN A O   1 
ATOM   1117 C CB  . ASN A 1 152 ? 6.235   2.726   -10.401 1.00 22.87 ? 152 ASN A CB  1 
ATOM   1118 C CG  . ASN A 1 152 ? 6.711   2.216   -9.051  1.00 20.70 ? 152 ASN A CG  1 
ATOM   1119 O OD1 . ASN A 1 152 ? 7.603   1.374   -8.917  1.00 21.53 ? 152 ASN A OD1 1 
ATOM   1120 N ND2 . ASN A 1 152 ? 6.102   2.776   -7.980  1.00 20.89 ? 152 ASN A ND2 1 
ATOM   1121 N N   . PRO A 1 153 ? 8.860   0.644   -11.700 1.00 21.56 ? 153 PRO A N   1 
ATOM   1122 C CA  . PRO A 1 153 ? 9.207   -0.753  -11.995 1.00 21.79 ? 153 PRO A CA  1 
ATOM   1123 C C   . PRO A 1 153 ? 8.429   -1.735  -11.122 1.00 20.89 ? 153 PRO A C   1 
ATOM   1124 O O   . PRO A 1 153 ? 8.240   -2.875  -11.570 1.00 21.19 ? 153 PRO A O   1 
ATOM   1125 C CB  . PRO A 1 153 ? 10.688  -0.829  -11.618 1.00 23.72 ? 153 PRO A CB  1 
ATOM   1126 C CG  . PRO A 1 153 ? 11.197  0.575   -11.829 1.00 21.58 ? 153 PRO A CG  1 
ATOM   1127 C CD  . PRO A 1 153 ? 10.048  1.449   -11.374 1.00 22.36 ? 153 PRO A CD  1 
ATOM   1128 N N   . ILE A 1 154 ? 8.003   -1.371  -9.906  1.00 20.91 ? 154 ILE A N   1 
ATOM   1129 C CA  . ILE A 1 154 ? 7.372   -2.425  -9.090  1.00 20.39 ? 154 ILE A CA  1 
ATOM   1130 C C   . ILE A 1 154 ? 6.114   -2.976  -9.764  1.00 20.90 ? 154 ILE A C   1 
ATOM   1131 O O   . ILE A 1 154 ? 5.728   -4.107  -9.466  1.00 21.01 ? 154 ILE A O   1 
ATOM   1132 C CB  . ILE A 1 154 ? 7.035   -1.993  -7.654  1.00 20.95 ? 154 ILE A CB  1 
ATOM   1133 C CG1 . ILE A 1 154 ? 5.787   -1.094  -7.515  1.00 20.60 ? 154 ILE A CG1 1 
ATOM   1134 C CG2 . ILE A 1 154 ? 8.228   -1.308  -7.017  1.00 20.15 ? 154 ILE A CG2 1 
ATOM   1135 C CD1 . ILE A 1 154 ? 5.396   -0.777  -6.071  1.00 21.97 ? 154 ILE A CD1 1 
ATOM   1136 N N   . PHE A 1 155 ? 5.489   -2.236  -10.693 1.00 21.19 ? 155 PHE A N   1 
ATOM   1137 C CA  . PHE A 1 155 ? 4.255   -2.762  -11.290 1.00 21.16 ? 155 PHE A CA  1 
ATOM   1138 C C   . PHE A 1 155 ? 4.502   -4.002  -12.153 1.00 20.42 ? 155 PHE A C   1 
ATOM   1139 O O   . PHE A 1 155 ? 3.514   -4.720  -12.435 1.00 22.00 ? 155 PHE A O   1 
ATOM   1140 C CB  . PHE A 1 155 ? 3.572   -1.709  -12.174 1.00 22.81 ? 155 PHE A CB  1 
ATOM   1141 C CG  . PHE A 1 155 ? 3.210   -0.380  -11.506 1.00 21.42 ? 155 PHE A CG  1 
ATOM   1142 C CD1 . PHE A 1 155 ? 3.097   -0.252  -10.141 1.00 21.61 ? 155 PHE A CD1 1 
ATOM   1143 C CD2 . PHE A 1 155 ? 2.982   0.725   -12.323 1.00 22.12 ? 155 PHE A CD2 1 
ATOM   1144 C CE1 . PHE A 1 155 ? 2.736   0.983   -9.579  1.00 21.69 ? 155 PHE A CE1 1 
ATOM   1145 C CE2 . PHE A 1 155 ? 2.615   1.929   -11.765 1.00 23.42 ? 155 PHE A CE2 1 
ATOM   1146 C CZ  . PHE A 1 155 ? 2.479   2.077   -10.391 1.00 22.63 ? 155 PHE A CZ  1 
ATOM   1147 N N   . TYR A 1 156 ? 5.742   -4.254  -12.567 1.00 21.10 ? 156 TYR A N   1 
ATOM   1148 C CA  . TYR A 1 156 ? 6.092   -5.340  -13.520 1.00 20.64 ? 156 TYR A CA  1 
ATOM   1149 C C   . TYR A 1 156 ? 6.986   -6.380  -12.893 1.00 20.95 ? 156 TYR A C   1 
ATOM   1150 O O   . TYR A 1 156 ? 7.477   -7.305  -13.563 1.00 22.67 ? 156 TYR A O   1 
ATOM   1151 C CB  . TYR A 1 156 ? 6.764   -4.748  -14.799 1.00 22.85 ? 156 TYR A CB  1 
ATOM   1152 C CG  . TYR A 1 156 ? 6.109   -3.407  -15.128 1.00 21.61 ? 156 TYR A CG  1 
ATOM   1153 C CD1 . TYR A 1 156 ? 4.872   -3.314  -15.749 1.00 22.89 ? 156 TYR A CD1 1 
ATOM   1154 C CD2 . TYR A 1 156 ? 6.723   -2.213  -14.770 1.00 24.50 ? 156 TYR A CD2 1 
ATOM   1155 C CE1 . TYR A 1 156 ? 4.247   -2.116  -16.048 1.00 22.30 ? 156 TYR A CE1 1 
ATOM   1156 C CE2 . TYR A 1 156 ? 6.109   -0.986  -15.051 1.00 24.32 ? 156 TYR A CE2 1 
ATOM   1157 C CZ  . TYR A 1 156 ? 4.876   -0.963  -15.684 1.00 22.18 ? 156 TYR A CZ  1 
ATOM   1158 O OH  . TYR A 1 156 ? 4.286   0.262   -15.957 1.00 23.95 ? 156 TYR A OH  1 
ATOM   1159 N N   . LYS A 1 157 ? 7.235   -6.250  -11.593 1.00 21.01 ? 157 LYS A N   1 
ATOM   1160 C CA  . LYS A 1 157 ? 8.062   -7.228  -10.872 1.00 21.01 ? 157 LYS A CA  1 
ATOM   1161 C C   . LYS A 1 157 ? 7.295   -8.519  -10.688 1.00 21.29 ? 157 LYS A C   1 
ATOM   1162 O O   . LYS A 1 157 ? 6.067   -8.537  -10.638 1.00 22.26 ? 157 LYS A O   1 
ATOM   1163 C CB  . LYS A 1 157 ? 8.498   -6.598  -9.525  1.00 20.18 ? 157 LYS A CB  1 
ATOM   1164 C CG  . LYS A 1 157 ? 9.693   -5.665  -9.650  1.00 19.34 ? 157 LYS A CG  1 
ATOM   1165 C CD  . LYS A 1 157 ? 10.088  -5.087  -8.304  1.00 20.30 ? 157 LYS A CD  1 
ATOM   1166 C CE  . LYS A 1 157 ? 11.096  -3.951  -8.353  1.00 21.33 ? 157 LYS A CE  1 
ATOM   1167 N NZ  . LYS A 1 157 ? 12.366  -4.401  -8.948  1.00 24.36 ? 157 LYS A NZ  1 
ATOM   1168 N N   . PRO A 1 158 ? 7.966   -9.658  -10.564 1.00 22.20 ? 158 PRO A N   1 
ATOM   1169 C CA  . PRO A 1 158 ? 7.259   -10.930 -10.437 1.00 22.49 ? 158 PRO A CA  1 
ATOM   1170 C C   . PRO A 1 158 ? 6.467   -11.123 -9.145  1.00 21.74 ? 158 PRO A C   1 
ATOM   1171 O O   . PRO A 1 158 ? 5.510   -11.912 -9.174  1.00 24.26 ? 158 PRO A O   1 
ATOM   1172 C CB  . PRO A 1 158 ? 8.387   -11.998 -10.445 1.00 24.42 ? 158 PRO A CB  1 
ATOM   1173 C CG  . PRO A 1 158 ? 9.651   -11.265 -10.308 1.00 32.94 ? 158 PRO A CG  1 
ATOM   1174 C CD  . PRO A 1 158 ? 9.437   -9.809  -10.559 1.00 25.42 ? 158 PRO A CD  1 
ATOM   1175 N N   . ASN A 1 159 ? 6.791   -10.396 -8.088  1.00 21.28 ? 159 ASN A N   1 
ATOM   1176 C CA  . ASN A 1 159 ? 6.032   -10.535 -6.831  1.00 21.29 ? 159 ASN A CA  1 
ATOM   1177 C C   . ASN A 1 159 ? 5.005   -9.397  -6.649  1.00 21.17 ? 159 ASN A C   1 
ATOM   1178 O O   . ASN A 1 159 ? 4.500   -9.186  -5.517  1.00 21.64 ? 159 ASN A O   1 
ATOM   1179 C CB  . ASN A 1 159 ? 6.960   -10.572 -5.626  1.00 21.55 ? 159 ASN A CB  1 
ATOM   1180 C CG  . ASN A 1 159 ? 7.817   -9.336  -5.436  1.00 20.98 ? 159 ASN A CG  1 
ATOM   1181 O OD1 . ASN A 1 159 ? 8.190   -8.704  -6.415  1.00 21.50 ? 159 ASN A OD1 1 
ATOM   1182 N ND2 . ASN A 1 159 ? 8.133   -8.982  -4.178  1.00 21.90 ? 159 ASN A ND2 1 
ATOM   1183 N N   . THR A 1 160 ? 4.655   -8.675  -7.726  1.00 20.04 ? 160 THR A N   1 
ATOM   1184 C CA  . THR A 1 160 ? 3.593   -7.668  -7.669  1.00 21.78 ? 160 THR A CA  1 
ATOM   1185 C C   . THR A 1 160 ? 2.362   -8.091  -8.475  1.00 19.77 ? 160 THR A C   1 
ATOM   1186 O O   . THR A 1 160 ? 2.548   -8.526  -9.626  1.00 22.17 ? 160 THR A O   1 
ATOM   1187 C CB  . THR A 1 160 ? 4.044   -6.341  -8.281  1.00 20.94 ? 160 THR A CB  1 
ATOM   1188 O OG1 . THR A 1 160 ? 5.104   -5.817  -7.479  1.00 21.08 ? 160 THR A OG1 1 
ATOM   1189 C CG2 . THR A 1 160 ? 2.950   -5.284  -8.227  1.00 21.33 ? 160 THR A CG2 1 
ATOM   1190 N N   . ALA A 1 161 ? 1.205   -7.890  -7.833  1.00 19.79 ? 161 ALA A N   1 
ATOM   1191 C CA  . ALA A 1 161 ? -0.071  -8.044  -8.505  1.00 20.46 ? 161 ALA A CA  1 
ATOM   1192 C C   . ALA A 1 161 ? -0.775  -6.699  -8.486  1.00 21.49 ? 161 ALA A C   1 
ATOM   1193 O O   . ALA A 1 161 ? -0.771  -5.991  -7.439  1.00 21.20 ? 161 ALA A O   1 
ATOM   1194 C CB  . ALA A 1 161 ? -0.934  -9.110  -7.825  1.00 25.32 ? 161 ALA A CB  1 
ATOM   1195 N N   . MET A 1 162 ? -1.383  -6.310  -9.598  1.00 21.24 ? 162 MET A N   1 
ATOM   1196 C CA  . MET A 1 162 ? -2.174  -5.095  -9.675  1.00 20.60 ? 162 MET A CA  1 
ATOM   1197 C C   . MET A 1 162 ? -3.638  -5.422  -9.393  1.00 21.32 ? 162 MET A C   1 
ATOM   1198 O O   . MET A 1 162 ? -4.203  -6.325  -10.057 1.00 22.89 ? 162 MET A O   1 
ATOM   1199 C CB  . MET A 1 162 ? -2.069  -4.464  -11.057 1.00 22.93 ? 162 MET A CB  1 
ATOM   1200 C CG  . MET A 1 162 ? -0.649  -4.187  -11.517 1.00 22.34 ? 162 MET A CG  1 
ATOM   1201 S SD  . MET A 1 162 ? 0.305   -3.040  -10.527 1.00 22.06 ? 162 MET A SD  1 
ATOM   1202 C CE  . MET A 1 162 ? -0.630  -1.509  -10.635 1.00 24.14 ? 162 MET A CE  1 
ATOM   1203 N N   . LEU A 1 163 ? -4.222  -4.705  -8.442  1.00 21.83 ? 163 LEU A N   1 
ATOM   1204 C CA  . LEU A 1 163 ? -5.673  -4.817  -8.135  1.00 21.76 ? 163 LEU A CA  1 
ATOM   1205 C C   . LEU A 1 163 ? -6.297  -3.508  -8.586  1.00 22.85 ? 163 LEU A C   1 
ATOM   1206 O O   . LEU A 1 163 ? -6.281  -2.540  -7.795  1.00 22.28 ? 163 LEU A O   1 
ATOM   1207 C CB  . LEU A 1 163 ? -5.874  -5.113  -6.645  1.00 22.42 ? 163 LEU A CB  1 
ATOM   1208 C CG  . LEU A 1 163 ? -7.314  -5.350  -6.171  1.00 21.93 ? 163 LEU A CG  1 
ATOM   1209 C CD1 . LEU A 1 163 ? -7.954  -6.548  -6.851  1.00 25.96 ? 163 LEU A CD1 1 
ATOM   1210 C CD2 . LEU A 1 163 ? -7.334  -5.536  -4.644  1.00 22.77 ? 163 LEU A CD2 1 
ATOM   1211 N N   . LEU A 1 164 ? -6.748  -3.470  -9.846  1.00 21.87 ? 164 LEU A N   1 
ATOM   1212 C CA  . LEU A 1 164 ? -7.051  -2.169  -10.433 1.00 22.03 ? 164 LEU A CA  1 
ATOM   1213 C C   . LEU A 1 164 ? -8.463  -1.715  -10.087 1.00 21.31 ? 164 LEU A C   1 
ATOM   1214 O O   . LEU A 1 164 ? -9.426  -2.488  -10.169 1.00 25.36 ? 164 LEU A O   1 
ATOM   1215 C CB  . LEU A 1 164 ? -6.829  -2.222  -11.948 1.00 23.16 ? 164 LEU A CB  1 
ATOM   1216 C CG  . LEU A 1 164 ? -5.417  -2.545  -12.443 1.00 22.70 ? 164 LEU A CG  1 
ATOM   1217 C CD1 . LEU A 1 164 ? -5.430  -2.704  -13.972 1.00 26.90 ? 164 LEU A CD1 1 
ATOM   1218 C CD2 . LEU A 1 164 ? -4.395  -1.502  -12.016 1.00 23.90 ? 164 LEU A CD2 1 
ATOM   1219 N N   . GLY A 1 165 ? -8.637  -0.451  -9.749  1.00 21.56 ? 165 GLY A N   1 
ATOM   1220 C CA  . GLY A 1 165 ? -9.932  0.149   -9.467  1.00 21.66 ? 165 GLY A CA  1 
ATOM   1221 C C   . GLY A 1 165 ? -9.739  1.391   -8.607  1.00 21.20 ? 165 GLY A C   1 
ATOM   1222 O O   . GLY A 1 165 ? -8.683  1.640   -8.025  1.00 21.69 ? 165 GLY A O   1 
ATOM   1223 N N   . ASP A 1 166 ? -10.829 2.167   -8.493  1.00 20.71 ? 166 ASP A N   1 
ATOM   1224 C CA  . ASP A 1 166 ? -10.884 3.264   -7.514  1.00 21.52 ? 166 ASP A CA  1 
ATOM   1225 C C   . ASP A 1 166 ? -10.594 2.697   -6.111  1.00 21.86 ? 166 ASP A C   1 
ATOM   1226 O O   . ASP A 1 166 ? -11.122 1.640   -5.778  1.00 22.40 ? 166 ASP A O   1 
ATOM   1227 C CB  . ASP A 1 166 ? -12.250 3.943   -7.536  1.00 24.18 ? 166 ASP A CB  1 
ATOM   1228 C CG  . ASP A 1 166 ? -12.467 4.942   -6.399  1.00 23.46 ? 166 ASP A CG  1 
ATOM   1229 O OD1 . ASP A 1 166 ? -12.126 6.115   -6.659  1.00 25.58 ? 166 ASP A OD1 1 
ATOM   1230 O OD2 . ASP A 1 166 ? -12.920 4.567   -5.294  1.00 23.98 ? 166 ASP A OD2 1 
ATOM   1231 N N   . ALA A 1 167 ? -9.815  3.397   -5.301  1.00 21.00 ? 167 ALA A N   1 
ATOM   1232 C CA  . ALA A 1 167 ? -9.380  2.793   -4.026  1.00 20.29 ? 167 ALA A CA  1 
ATOM   1233 C C   . ALA A 1 167 ? -10.535 2.542   -3.068  1.00 22.02 ? 167 ALA A C   1 
ATOM   1234 O O   . ALA A 1 167 ? -10.449 1.590   -2.277  1.00 22.65 ? 167 ALA A O   1 
ATOM   1235 C CB  . ALA A 1 167 ? -8.307  3.615   -3.333  1.00 20.85 ? 167 ALA A CB  1 
ATOM   1236 N N   . LYS A 1 168 ? -11.552 3.394   -3.079  1.00 22.69 ? 168 LYS A N   1 
ATOM   1237 C CA  . LYS A 1 168 ? -12.645 3.147   -2.110  1.00 22.84 ? 168 LYS A CA  1 
ATOM   1238 C C   . LYS A 1 168 ? -13.540 2.013   -2.614  1.00 22.50 ? 168 LYS A C   1 
ATOM   1239 O O   . LYS A 1 168 ? -14.018 1.208   -1.819  1.00 23.92 ? 168 LYS A O   1 
ATOM   1240 C CB  . LYS A 1 168 ? -13.469 4.409   -1.873  1.00 25.79 ? 168 LYS A CB  1 
ATOM   1241 C CG  . LYS A 1 168 ? -14.485 4.197   -0.743  1.00 29.61 ? 168 LYS A CG  1 
ATOM   1242 C CD  . LYS A 1 168 ? -15.314 5.450   -0.525  1.00 36.04 ? 168 LYS A CD  1 
ATOM   1243 C CE  . LYS A 1 168 ? -16.430 5.163   0.471   1.00 40.63 ? 168 LYS A CE  1 
ATOM   1244 N NZ  . LYS A 1 168 ? -17.417 4.177   -0.037  1.00 51.97 ? 168 LYS A NZ  1 
ATOM   1245 N N   . LYS A 1 169 ? -13.774 1.920   -3.930  1.00 23.37 ? 169 LYS A N   1 
ATOM   1246 C CA  . LYS A 1 169 ? -14.558 0.773   -4.437  1.00 24.06 ? 169 LYS A CA  1 
ATOM   1247 C C   . LYS A 1 169 ? -13.873 -0.537  -4.059  1.00 22.88 ? 169 LYS A C   1 
ATOM   1248 O O   . LYS A 1 169 ? -14.458 -1.524  -3.616  1.00 23.68 ? 169 LYS A O   1 
ATOM   1249 C CB  . LYS A 1 169 ? -14.735 0.821   -5.965  1.00 26.48 ? 169 LYS A CB  1 
ATOM   1250 C CG  . LYS A 1 169 ? -15.342 2.048   -6.610  1.00 36.22 ? 169 LYS A CG  1 
ATOM   1251 C CD  . LYS A 1 169 ? -14.996 2.072   -8.108  1.00 41.98 ? 169 LYS A CD  1 
ATOM   1252 C CE  . LYS A 1 169 ? -14.196 0.855   -8.548  1.00 49.80 ? 169 LYS A CE  1 
ATOM   1253 N NZ  . LYS A 1 169 ? -13.270 1.128   -9.703  1.00 36.10 ? 169 LYS A NZ  1 
ATOM   1254 N N   . THR A 1 170 ? -12.550 -0.558  -4.270  1.00 22.03 ? 170 THR A N   1 
ATOM   1255 C CA  . THR A 1 170 ? -11.825 -1.803  -3.962  1.00 21.95 ? 170 THR A CA  1 
ATOM   1256 C C   . THR A 1 170 ? -11.833 -2.113  -2.483  1.00 22.13 ? 170 THR A C   1 
ATOM   1257 O O   . THR A 1 170 ? -12.027 -3.225  -2.069  1.00 22.27 ? 170 THR A O   1 
ATOM   1258 C CB  . THR A 1 170 ? -10.363 -1.682  -4.461  1.00 22.58 ? 170 THR A CB  1 
ATOM   1259 O OG1 . THR A 1 170 ? -10.417 -1.640  -5.897  1.00 22.98 ? 170 THR A OG1 1 
ATOM   1260 C CG2 . THR A 1 170 ? -9.510  -2.853  -4.039  1.00 24.42 ? 170 THR A CG2 1 
ATOM   1261 N N   . CYS A 1 171 ? -11.542 -1.085  -1.656  1.00 21.43 ? 171 CYS A N   1 
ATOM   1262 C CA  . CYS A 1 171 ? -11.439 -1.358  -0.213  1.00 21.69 ? 171 CYS A CA  1 
ATOM   1263 C C   . CYS A 1 171 ? -12.793 -1.618  0.415   1.00 21.76 ? 171 CYS A C   1 
ATOM   1264 O O   . CYS A 1 171 ? -12.887 -2.391  1.377   1.00 23.90 ? 171 CYS A O   1 
ATOM   1265 C CB  . CYS A 1 171 ? -10.720 -0.186  0.462   1.00 23.40 ? 171 CYS A CB  1 
ATOM   1266 S SG  . CYS A 1 171 ? -8.951  -0.149  0.150   1.00 25.14 ? 171 CYS A SG  1 
ATOM   1267 N N   . ASP A 1 172 ? -13.855 -0.954  -0.095  1.00 22.80 ? 172 ASP A N   1 
ATOM   1268 C CA  . ASP A 1 172 ? -15.182 -1.320  0.404   1.00 23.31 ? 172 ASP A CA  1 
ATOM   1269 C C   . ASP A 1 172 ? -15.459 -2.801  0.153   1.00 23.80 ? 172 ASP A C   1 
ATOM   1270 O O   . ASP A 1 172 ? -16.033 -3.507  0.977   1.00 23.41 ? 172 ASP A O   1 
ATOM   1271 C CB  . ASP A 1 172 ? -16.277 -0.521  -0.334  1.00 25.37 ? 172 ASP A CB  1 
ATOM   1272 C CG  . ASP A 1 172 ? -16.473 0.901   0.158   1.00 24.52 ? 172 ASP A CG  1 
ATOM   1273 O OD1 . ASP A 1 172 ? -17.135 1.680   -0.561  1.00 27.55 ? 172 ASP A OD1 1 
ATOM   1274 O OD2 . ASP A 1 172 ? -15.948 1.261   1.215   1.00 27.84 ? 172 ASP A OD2 1 
ATOM   1275 N N   . ALA A 1 173 ? -15.088 -3.293  -1.018  1.00 23.88 ? 173 ALA A N   1 
ATOM   1276 C CA  . ALA A 1 173 ? -15.366 -4.662  -1.419  1.00 24.57 ? 173 ALA A CA  1 
ATOM   1277 C C   . ALA A 1 173 ? -14.523 -5.650  -0.618  1.00 24.24 ? 173 ALA A C   1 
ATOM   1278 O O   . ALA A 1 173 ? -14.993 -6.688  -0.181  1.00 26.32 ? 173 ALA A O   1 
ATOM   1279 C CB  . ALA A 1 173 ? -15.171 -4.870  -2.921  1.00 23.64 ? 173 ALA A CB  1 
ATOM   1280 N N   . LEU A 1 174 ? -13.245 -5.321  -0.400  1.00 23.81 ? 174 LEU A N   1 
ATOM   1281 C CA  . LEU A 1 174 ? -12.411 -6.132  0.466   1.00 24.91 ? 174 LEU A CA  1 
ATOM   1282 C C   . LEU A 1 174 ? -12.926 -6.123  1.911   1.00 24.98 ? 174 LEU A C   1 
ATOM   1283 O O   . LEU A 1 174 ? -12.956 -7.162  2.539   1.00 25.00 ? 174 LEU A O   1 
ATOM   1284 C CB  . LEU A 1 174 ? -10.975 -5.638  0.480   1.00 24.55 ? 174 LEU A CB  1 
ATOM   1285 C CG  . LEU A 1 174 ? -10.201 -5.745  -0.842  1.00 23.28 ? 174 LEU A CG  1 
ATOM   1286 C CD1 . LEU A 1 174 ? -8.876  -5.008  -0.744  1.00 25.36 ? 174 LEU A CD1 1 
ATOM   1287 C CD2 . LEU A 1 174 ? -9.997  -7.215  -1.214  1.00 27.34 ? 174 LEU A CD2 1 
ATOM   1288 N N   . GLN A 1 175 ? -13.346 -4.971  2.458   1.00 24.28 ? 175 GLN A N   1 
ATOM   1289 C CA  . GLN A 1 175 ? -13.968 -4.968  3.791   1.00 24.50 ? 175 GLN A CA  1 
ATOM   1290 C C   . GLN A 1 175 ? -15.152 -5.931  3.848   1.00 24.36 ? 175 GLN A C   1 
ATOM   1291 O O   . GLN A 1 175 ? -15.330 -6.718  4.776   1.00 26.27 ? 175 GLN A O   1 
ATOM   1292 C CB  . GLN A 1 175 ? -14.410 -3.537  4.144   1.00 26.45 ? 175 GLN A CB  1 
ATOM   1293 C CG  . GLN A 1 175 ? -15.202 -3.451  5.459   1.00 28.93 ? 175 GLN A CG  1 
ATOM   1294 C CD  . GLN A 1 175 ? -15.839 -2.091  5.652   1.00 33.07 ? 175 GLN A CD  1 
ATOM   1295 O OE1 . GLN A 1 175 ? -16.163 -1.658  6.771   1.00 40.97 ? 175 GLN A OE1 1 
ATOM   1296 N NE2 . GLN A 1 175 ? -16.009 -1.384  4.531   1.00 37.64 ? 175 GLN A NE2 1 
ATOM   1297 N N   . ALA A 1 176 ? -16.031 -5.864  2.834   1.00 25.26 ? 176 ALA A N   1 
ATOM   1298 C CA  . ALA A 1 176 ? -17.196 -6.769  2.814   1.00 24.75 ? 176 ALA A CA  1 
ATOM   1299 C C   . ALA A 1 176 ? -16.769 -8.232  2.839   1.00 27.81 ? 176 ALA A C   1 
ATOM   1300 O O   . ALA A 1 176 ? -17.348 -9.082  3.532   1.00 30.12 ? 176 ALA A O   1 
ATOM   1301 C CB  . ALA A 1 176 ? -18.045 -6.460  1.587   1.00 26.77 ? 176 ALA A CB  1 
ATOM   1302 N N   . LYS A 1 177 ? -15.772 -8.585  2.039   1.00 25.74 ? 177 LYS A N   1 
ATOM   1303 C CA  . LYS A 1 177 ? -15.389 -9.995  1.930   1.00 25.81 ? 177 LYS A CA  1 
ATOM   1304 C C   . LYS A 1 177 ? -14.726 -10.438 3.226   1.00 26.09 ? 177 LYS A C   1 
ATOM   1305 O O   . LYS A 1 177 ? -14.846 -11.593 3.671   1.00 27.84 ? 177 LYS A O   1 
ATOM   1306 C CB  . LYS A 1 177 ? -14.509 -10.233 0.704   1.00 27.94 ? 177 LYS A CB  1 
ATOM   1307 C CG  . LYS A 1 177 ? -15.243 -10.154 -0.652  1.00 31.65 ? 177 LYS A CG  1 
ATOM   1308 C CD  . LYS A 1 177 ? -14.302 -10.531 -1.778  1.00 36.45 ? 177 LYS A CD  1 
ATOM   1309 C CE  . LYS A 1 177 ? -14.953 -10.921 -3.074  1.00 44.84 ? 177 LYS A CE  1 
ATOM   1310 N NZ  . LYS A 1 177 ? -15.447 -12.331 -3.091  1.00 52.63 ? 177 LYS A NZ  1 
ATOM   1311 N N   . VAL A 1 178 ? -13.969 -9.569  3.889   1.00 24.92 ? 178 VAL A N   1 
ATOM   1312 C CA  . VAL A 1 178 ? -13.390 -9.995  5.170   1.00 26.54 ? 178 VAL A CA  1 
ATOM   1313 C C   . VAL A 1 178 ? -14.454 -10.125 6.246   1.00 27.99 ? 178 VAL A C   1 
ATOM   1314 O O   . VAL A 1 178 ? -14.364 -11.046 7.082   1.00 31.61 ? 178 VAL A O   1 
ATOM   1315 C CB  . VAL A 1 178 ? -12.284 -9.002  5.619   1.00 26.60 ? 178 VAL A CB  1 
ATOM   1316 C CG1 . VAL A 1 178 ? -11.853 -9.222  7.047   1.00 30.49 ? 178 VAL A CG1 1 
ATOM   1317 C CG2 . VAL A 1 178 ? -11.088 -9.133  4.673   1.00 29.45 ? 178 VAL A CG2 1 
ATOM   1318 N N   . ARG A 1 179 ? -15.441 -9.244  6.296   1.00 27.45 ? 179 ARG A N   1 
ATOM   1319 C CA  . ARG A 1 179 ? -16.569 -9.263  7.230   1.00 29.76 ? 179 ARG A CA  1 
ATOM   1320 C C   . ARG A 1 179 ? -17.368 -10.552 7.116   1.00 34.60 ? 179 ARG A C   1 
ATOM   1321 O O   . ARG A 1 179 ? -17.889 -11.036 8.114   1.00 34.95 ? 179 ARG A O   1 
ATOM   1322 C CB  . ARG A 1 179 ? -17.475 -8.061  6.994   1.00 37.05 ? 179 ARG A CB  1 
ATOM   1323 C CG  . ARG A 1 179 ? -18.718 -7.786  7.790   1.00 43.14 ? 179 ARG A CG  1 
ATOM   1324 C CD  . ARG A 1 179 ? -19.157 -6.328  7.568   1.00 55.48 ? 179 ARG A CD  1 
ATOM   1325 N NE  . ARG A 1 179 ? -20.567 -6.155  7.325   1.00 63.41 ? 179 ARG A NE  1 
ATOM   1326 C CZ  . ARG A 1 179 ? -21.530 -5.283  7.529   1.00 64.97 ? 179 ARG A CZ  1 
ATOM   1327 N NH1 . ARG A 1 179 ? -21.408 -4.106  8.132   1.00 70.55 ? 179 ARG A NH1 1 
ATOM   1328 N NH2 . ARG A 1 179 ? -22.758 -5.587  7.093   1.00 67.45 ? 179 ARG A NH2 1 
ATOM   1329 N N   . GLU A 1 180 ? -17.440 -11.159 5.938   1.00 37.67 ? 180 GLU A N   1 
ATOM   1330 C CA  . GLU A 1 180 ? -17.988 -12.495 5.756   1.00 42.29 ? 180 GLU A CA  1 
ATOM   1331 C C   . GLU A 1 180 ? -17.379 -13.517 6.721   1.00 46.76 ? 180 GLU A C   1 
ATOM   1332 O O   . GLU A 1 180 ? -18.003 -14.527 7.038   1.00 47.35 ? 180 GLU A O   1 
ATOM   1333 C CB  . GLU A 1 180 ? -17.720 -12.997 4.334   1.00 43.46 ? 180 GLU A CB  1 
ATOM   1334 C CG  . GLU A 1 180 ? -18.539 -12.326 3.252   1.00 49.07 ? 180 GLU A CG  1 
ATOM   1335 C CD  . GLU A 1 180 ? -18.809 -13.212 2.047   1.00 53.45 ? 180 GLU A CD  1 
ATOM   1336 O OE1 . GLU A 1 180 ? -19.323 -14.342 2.201   1.00 64.74 ? 180 GLU A OE1 1 
ATOM   1337 O OE2 . GLU A 1 180 ? -18.516 -12.773 0.908   1.00 46.97 ? 180 GLU A OE2 1 
ATOM   1338 N N   . SER A 1 181 ? -16.152 -13.278 7.161   1.00 56.42 ? 181 SER A N   1 
ATOM   1339 C CA  . SER A 1 181 ? -15.401 -14.121 8.082   1.00 61.62 ? 181 SER A CA  1 
ATOM   1340 C C   . SER A 1 181 ? -14.771 -15.289 7.321   1.00 63.71 ? 181 SER A C   1 
ATOM   1341 O O   . SER A 1 181 ? -14.126 -15.037 6.292   1.00 73.30 ? 181 SER A O   1 
ATOM   1342 C CB  . SER A 1 181 ? -16.274 -14.618 9.233   1.00 64.70 ? 181 SER A CB  1 
ATOM   1343 O OG  . SER A 1 181 ? -16.637 -13.544 10.089  1.00 73.65 ? 181 SER A OG  1 
HETATM 1344 P PA  . NAP B 2 .   ? 1.739   9.611   -6.036  1.00 9.48  ? 201 NAP A PA  1 
HETATM 1345 O O1A . NAP B 2 .   ? 3.014   8.884   -6.018  1.00 13.41 ? 201 NAP A O1A 1 
HETATM 1346 O O2A . NAP B 2 .   ? 1.615   10.982  -6.486  1.00 12.15 ? 201 NAP A O2A 1 
HETATM 1347 O O5B . NAP B 2 .   ? 0.662   8.663   -6.805  1.00 11.86 ? 201 NAP A O5B 1 
HETATM 1348 C C5B . NAP B 2 .   ? -0.825  8.672   -6.438  1.00 15.36 ? 201 NAP A C5B 1 
HETATM 1349 C C4B . NAP B 2 .   ? -1.264  7.892   -7.552  1.00 15.07 ? 201 NAP A C4B 1 
HETATM 1350 O O4B . NAP B 2 .   ? -2.611  7.401   -6.852  1.00 15.59 ? 201 NAP A O4B 1 
HETATM 1351 C C3B . NAP B 2 .   ? -2.039  7.969   -8.528  1.00 16.22 ? 201 NAP A C3B 1 
HETATM 1352 O O3B . NAP B 2 .   ? -0.898  7.439   -9.103  1.00 20.43 ? 201 NAP A O3B 1 
HETATM 1353 C C2B . NAP B 2 .   ? -3.206  7.419   -9.203  1.00 13.26 ? 201 NAP A C2B 1 
HETATM 1354 O O2B . NAP B 2 .   ? -2.961  6.498   -10.049 1.00 10.94 ? 201 NAP A O2B 1 
HETATM 1355 C C1B . NAP B 2 .   ? -3.538  6.891   -7.892  1.00 13.04 ? 201 NAP A C1B 1 
HETATM 1356 N N9A . NAP B 2 .   ? -4.843  7.521   -7.445  1.00 11.27 ? 201 NAP A N9A 1 
HETATM 1357 C C8A . NAP B 2 .   ? -5.388  8.821   -7.461  1.00 10.68 ? 201 NAP A C8A 1 
HETATM 1358 N N7A . NAP B 2 .   ? -6.673  8.847   -7.198  1.00 10.52 ? 201 NAP A N7A 1 
HETATM 1359 C C5A . NAP B 2 .   ? -7.023  7.524   -7.003  1.00 10.35 ? 201 NAP A C5A 1 
HETATM 1360 C C6A . NAP B 2 .   ? -8.266  6.882   -6.708  1.00 9.94  ? 201 NAP A C6A 1 
HETATM 1361 N N6A . NAP B 2 .   ? -9.399  7.563   -6.572  1.00 10.78 ? 201 NAP A N6A 1 
HETATM 1362 N N1A . NAP B 2 .   ? -8.270  5.509   -6.576  1.00 9.26  ? 201 NAP A N1A 1 
HETATM 1363 C C2A . NAP B 2 .   ? -7.127  4.801   -6.722  1.00 10.50 ? 201 NAP A C2A 1 
HETATM 1364 N N3A . NAP B 2 .   ? -5.921  5.324   -7.010  1.00 9.65  ? 201 NAP A N3A 1 
HETATM 1365 C C4A . NAP B 2 .   ? -5.932  6.703   -7.139  1.00 10.67 ? 201 NAP A C4A 1 
HETATM 1366 O O3  . NAP B 2 .   ? 1.411   9.472   -4.466  1.00 9.85  ? 201 NAP A O3  1 
HETATM 1367 P PN  . NAP B 2 .   ? 2.373   9.234   -3.160  1.00 9.07  ? 201 NAP A PN  1 
HETATM 1368 O O1N . NAP B 2 .   ? 2.911   7.853   -3.255  1.00 8.91  ? 201 NAP A O1N 1 
HETATM 1369 O O2N . NAP B 2 .   ? 1.490   9.571   -2.008  1.00 8.17  ? 201 NAP A O2N 1 
HETATM 1370 O O5D . NAP B 2 .   ? 3.565   10.314  -3.148  1.00 8.57  ? 201 NAP A O5D 1 
HETATM 1371 C C5D . NAP B 2 .   ? 3.356   11.750  -3.022  1.00 10.43 ? 201 NAP A C5D 1 
HETATM 1372 C C4D . NAP B 2 .   ? 4.038   12.446  -4.218  1.00 10.42 ? 201 NAP A C4D 1 
HETATM 1373 O O4D . NAP B 2 .   ? 3.680   13.842  -4.317  1.00 11.80 ? 201 NAP A O4D 1 
HETATM 1374 C C3D . NAP B 2 .   ? 5.584   12.475  -4.156  1.00 11.06 ? 201 NAP A C3D 1 
HETATM 1375 O O3D . NAP B 2 .   ? 6.240   12.559  -5.442  1.00 11.50 ? 201 NAP A O3D 1 
HETATM 1376 C C2D . NAP B 2 .   ? 5.881   13.696  -3.359  1.00 11.74 ? 201 NAP A C2D 1 
HETATM 1377 O O2D . NAP B 2 .   ? 7.179   14.209  -3.529  1.00 11.57 ? 201 NAP A O2D 1 
HETATM 1378 C C1D . NAP B 2 .   ? 4.801   14.646  -3.933  1.00 11.27 ? 201 NAP A C1D 1 
HETATM 1379 N N1N . NAP B 2 .   ? 4.503   15.779  -3.046  1.00 12.18 ? 201 NAP A N1N 1 
HETATM 1380 C C2N . NAP B 2 .   ? 3.967   15.523  -1.769  1.00 12.25 ? 201 NAP A C2N 1 
HETATM 1381 C C3N . NAP B 2 .   ? 3.714   16.678  -0.951  1.00 13.12 ? 201 NAP A C3N 1 
HETATM 1382 C C7N . NAP B 2 .   ? 3.162   16.559  0.387   1.00 13.49 ? 201 NAP A C7N 1 
HETATM 1383 O O7N . NAP B 2 .   ? 2.945   17.557  1.086   1.00 14.37 ? 201 NAP A O7N 1 
HETATM 1384 N N7N . NAP B 2 .   ? 2.871   15.355  0.915   1.00 12.09 ? 201 NAP A N7N 1 
HETATM 1385 C C4N . NAP B 2 .   ? 4.003   17.961  -1.459  1.00 14.13 ? 201 NAP A C4N 1 
HETATM 1386 C C5N . NAP B 2 .   ? 4.517   18.175  -2.688  1.00 14.37 ? 201 NAP A C5N 1 
HETATM 1387 C C6N . NAP B 2 .   ? 4.766   17.086  -3.486  1.00 13.79 ? 201 NAP A C6N 1 
HETATM 1388 P P2B . NAP B 2 .   ? -4.200  6.180   -11.008 1.00 10.77 ? 201 NAP A P2B 1 
HETATM 1389 O O1X . NAP B 2 .   ? -4.528  7.424   -11.775 1.00 10.37 ? 201 NAP A O1X 1 
HETATM 1390 O O2X . NAP B 2 .   ? -3.667  5.071   -11.779 1.00 10.39 ? 201 NAP A O2X 1 
HETATM 1391 O O3X . NAP B 2 .   ? -5.258  5.781   -10.083 1.00 9.67  ? 201 NAP A O3X 1 
HETATM 1392 O O   . HOH C 3 .   ? 5.185   9.006   -11.075 1.00 23.40 ? 301 HOH A O   1 
HETATM 1393 O O   . HOH C 3 .   ? 7.461   -5.885  -5.910  1.00 22.87 ? 302 HOH A O   1 
HETATM 1394 O O   . HOH C 3 .   ? 6.288   6.700   -9.430  1.00 22.67 ? 303 HOH A O   1 
HETATM 1395 O O   . HOH C 3 .   ? -7.924  -0.619  -6.473  1.00 21.81 ? 304 HOH A O   1 
HETATM 1396 O O   . HOH C 3 .   ? 5.597   -6.428  8.856   1.00 23.85 ? 305 HOH A O   1 
HETATM 1397 O O   . HOH C 3 .   ? 1.758   7.404   14.432  1.00 24.00 ? 306 HOH A O   1 
HETATM 1398 O O   . HOH C 3 .   ? -3.405  7.285   13.925  1.00 25.01 ? 307 HOH A O   1 
HETATM 1399 O O   . HOH C 3 .   ? -13.441 10.524  10.828  1.00 22.17 ? 308 HOH A O   1 
HETATM 1400 O O   . HOH C 3 .   ? 4.141   5.210   -12.236 1.00 23.32 ? 309 HOH A O   1 
HETATM 1401 O O   . HOH C 3 .   ? -10.314 10.989  7.444   1.00 25.92 ? 310 HOH A O   1 
HETATM 1402 O O   . HOH C 3 .   ? 7.545   9.144   15.614  1.00 28.07 ? 311 HOH A O   1 
HETATM 1403 O O   . HOH C 3 .   ? -1.935  8.307   11.734  1.00 23.28 ? 312 HOH A O   1 
HETATM 1404 O O   . HOH C 3 .   ? -7.227  -5.974  -11.304 1.00 29.30 ? 313 HOH A O   1 
HETATM 1405 O O   . HOH C 3 .   ? 4.817   -14.946 8.787   1.00 25.76 ? 314 HOH A O   1 
HETATM 1406 O O   . HOH C 3 .   ? 15.101  6.779   3.966   1.00 37.15 ? 315 HOH A O   1 
HETATM 1407 O O   . HOH C 3 .   ? -13.918 5.426   10.106  1.00 26.48 ? 316 HOH A O   1 
HETATM 1408 O O   . HOH C 3 .   ? 4.064   7.715   9.971   1.00 24.27 ? 317 HOH A O   1 
HETATM 1409 O O   . HOH C 3 .   ? 14.339  4.968   2.272   1.00 29.46 ? 318 HOH A O   1 
HETATM 1410 O O   . HOH C 3 .   ? -16.148 -14.619 -5.907  1.00 28.04 ? 319 HOH A O   1 
HETATM 1411 O O   . HOH C 3 .   ? 3.488   4.190   -14.972 1.00 27.86 ? 320 HOH A O   1 
HETATM 1412 O O   . HOH C 3 .   ? 0.232   17.481  9.499   1.00 30.02 ? 321 HOH A O   1 
HETATM 1413 O O   . HOH C 3 .   ? -5.119  -0.551  19.326  1.00 54.80 ? 322 HOH A O   1 
HETATM 1414 O O   . HOH C 3 .   ? 1.138   11.735  4.970   1.00 29.77 ? 323 HOH A O   1 
HETATM 1415 O O   . HOH C 3 .   ? -7.466  -1.012  14.610  1.00 33.63 ? 324 HOH A O   1 
HETATM 1416 O O   . HOH C 3 .   ? 19.292  5.432   -8.085  1.00 36.87 ? 325 HOH A O   1 
HETATM 1417 O O   . HOH C 3 .   ? 7.860   16.448  -1.683  1.00 39.41 ? 326 HOH A O   1 
HETATM 1418 O O   . HOH C 3 .   ? 13.102  -6.809  -7.541  1.00 27.94 ? 327 HOH A O   1 
HETATM 1419 O O   . HOH C 3 .   ? 2.122   13.565  -13.094 1.00 36.95 ? 328 HOH A O   1 
HETATM 1420 O O   . HOH C 3 .   ? -14.909 8.040   -2.928  1.00 34.12 ? 329 HOH A O   1 
HETATM 1421 O O   . HOH C 3 .   ? 5.749   6.762   14.642  1.00 25.02 ? 330 HOH A O   1 
HETATM 1422 O O   . HOH C 3 .   ? 10.551  -11.460 1.093   1.00 35.71 ? 331 HOH A O   1 
HETATM 1423 O O   . HOH C 3 .   ? 3.208   13.881  3.966   1.00 30.92 ? 332 HOH A O   1 
HETATM 1424 O O   . HOH C 3 .   ? 10.810  9.537   -4.855  1.00 40.01 ? 333 HOH A O   1 
HETATM 1425 O O   . HOH C 3 .   ? 2.770   1.267   -18.117 1.00 43.70 ? 334 HOH A O   1 
HETATM 1426 O O   . HOH C 3 .   ? -9.530  1.002   -12.874 1.00 31.07 ? 335 HOH A O   1 
HETATM 1427 O O   . HOH C 3 .   ? -18.231 -2.515  2.446   1.00 38.45 ? 336 HOH A O   1 
HETATM 1428 O O   . HOH C 3 .   ? 3.309   4.513   16.132  1.00 30.03 ? 337 HOH A O   1 
HETATM 1429 O O   . HOH C 3 .   ? -10.086 12.213  2.204   1.00 30.07 ? 338 HOH A O   1 
HETATM 1430 O O   . HOH C 3 .   ? 5.336   -1.846  15.359  1.00 29.01 ? 339 HOH A O   1 
HETATM 1431 O O   . HOH C 3 .   ? 5.056   -9.813  -13.465 1.00 45.81 ? 340 HOH A O   1 
HETATM 1432 O O   . HOH C 3 .   ? -0.638  13.276  12.360  1.00 31.73 ? 341 HOH A O   1 
HETATM 1433 O O   . HOH C 3 .   ? -13.221 -11.984 -7.659  1.00 31.81 ? 342 HOH A O   1 
HETATM 1434 O O   . HOH C 3 .   ? 4.463   6.616   17.541  1.00 27.15 ? 343 HOH A O   1 
HETATM 1435 O O   . HOH C 3 .   ? 13.692  -9.634  0.466   1.00 33.49 ? 344 HOH A O   1 
HETATM 1436 O O   . HOH C 3 .   ? -11.881 7.337   -9.097  1.00 37.06 ? 345 HOH A O   1 
HETATM 1437 O O   . HOH C 3 .   ? 12.863  6.266   -13.643 1.00 41.43 ? 346 HOH A O   1 
HETATM 1438 O O   . HOH C 3 .   ? 3.621   6.382   1.798   1.00 25.10 ? 347 HOH A O   1 
HETATM 1439 O O   . HOH C 3 .   ? -7.396  7.517   15.752  1.00 34.15 ? 348 HOH A O   1 
HETATM 1440 O O   . HOH C 3 .   ? -9.080  14.558  -4.633  1.00 31.88 ? 349 HOH A O   1 
HETATM 1441 O O   . HOH C 3 .   ? 9.626   0.342   -15.378 1.00 30.39 ? 350 HOH A O   1 
HETATM 1442 O O   . HOH C 3 .   ? -2.648  4.009   19.744  1.00 32.82 ? 351 HOH A O   1 
HETATM 1443 O O   . HOH C 3 .   ? 11.415  -14.913 5.081   1.00 31.61 ? 352 HOH A O   1 
HETATM 1444 O O   . HOH C 3 .   ? -2.120  8.056   -13.298 1.00 33.88 ? 353 HOH A O   1 
HETATM 1445 O O   . HOH C 3 .   ? 6.468   -10.350 15.217  1.00 51.04 ? 354 HOH A O   1 
HETATM 1446 O O   . HOH C 3 .   ? 0.341   8.061   -16.905 1.00 32.58 ? 355 HOH A O   1 
HETATM 1447 O O   . HOH C 3 .   ? 2.025   16.201  -11.077 1.00 41.99 ? 356 HOH A O   1 
HETATM 1448 O O   . HOH C 3 .   ? -7.100  11.544  -8.066  1.00 29.81 ? 357 HOH A O   1 
HETATM 1449 O O   . HOH C 3 .   ? 21.391  6.175   -4.050  1.00 38.04 ? 358 HOH A O   1 
HETATM 1450 O O   . HOH C 3 .   ? 11.545  7.983   11.736  1.00 53.31 ? 359 HOH A O   1 
HETATM 1451 O O   . HOH C 3 .   ? 14.379  -8.565  -3.368  1.00 54.12 ? 360 HOH A O   1 
HETATM 1452 O O   . HOH C 3 .   ? 1.922   -6.689  -11.725 1.00 36.08 ? 361 HOH A O   1 
HETATM 1453 O O   . HOH C 3 .   ? 1.823   8.342   19.420  1.00 32.23 ? 362 HOH A O   1 
HETATM 1454 O O   . HOH C 3 .   ? 18.399  -1.746  -4.095  1.00 54.22 ? 363 HOH A O   1 
HETATM 1455 O O   . HOH C 3 .   ? -17.099 -1.902  -3.820  1.00 29.87 ? 364 HOH A O   1 
HETATM 1456 O O   . HOH C 3 .   ? -3.186  -8.941  15.887  1.00 44.39 ? 365 HOH A O   1 
HETATM 1457 O O   . HOH C 3 .   ? -6.100  7.206   -13.913 1.00 32.20 ? 366 HOH A O   1 
HETATM 1458 O O   . HOH C 3 .   ? 18.219  -0.352  1.045   1.00 44.83 ? 367 HOH A O   1 
HETATM 1459 O O   . HOH C 3 .   ? -0.740  -18.452 8.822   1.00 46.00 ? 368 HOH A O   1 
HETATM 1460 O O   . HOH C 3 .   ? 2.280   20.583  0.383   1.00 36.10 ? 369 HOH A O   1 
HETATM 1461 O O   . HOH C 3 .   ? 1.774   -14.791 -2.995  1.00 38.37 ? 370 HOH A O   1 
HETATM 1462 O O   . HOH C 3 .   ? 11.632  7.323   16.222  1.00 46.79 ? 371 HOH A O   1 
HETATM 1463 O O   . HOH C 3 .   ? 9.830   15.880  4.683   1.00 47.88 ? 372 HOH A O   1 
HETATM 1464 O O   . HOH C 3 .   ? 3.056   -5.596  16.457  1.00 47.92 ? 373 HOH A O   1 
HETATM 1465 O O   . HOH C 3 .   ? -6.354  -14.193 -11.386 1.00 37.87 ? 374 HOH A O   1 
HETATM 1466 O O   . HOH C 3 .   ? 13.268  -2.041  11.225  1.00 57.85 ? 375 HOH A O   1 
HETATM 1467 O O   . HOH C 3 .   ? 14.491  3.605   -14.435 1.00 34.96 ? 376 HOH A O   1 
HETATM 1468 O O   . HOH C 3 .   ? 16.571  5.668   -2.876  1.00 32.78 ? 377 HOH A O   1 
HETATM 1469 O O   . HOH C 3 .   ? -19.896 -2.386  7.139   1.00 53.86 ? 378 HOH A O   1 
HETATM 1470 O O   . HOH C 3 .   ? 0.228   19.264  -5.322  1.00 35.58 ? 379 HOH A O   1 
HETATM 1471 O O   . HOH C 3 .   ? 22.130  1.337   -8.742  1.00 51.75 ? 380 HOH A O   1 
HETATM 1472 O O   . HOH C 3 .   ? -12.184 -8.345  -8.927  1.00 39.32 ? 381 HOH A O   1 
HETATM 1473 O O   . HOH C 3 .   ? -3.040  -10.826 -15.537 1.00 43.61 ? 382 HOH A O   1 
HETATM 1474 O O   . HOH C 3 .   ? 2.640   -11.580 -8.097  1.00 35.44 ? 383 HOH A O   1 
HETATM 1475 O O   . HOH C 3 .   ? 13.915  10.815  14.043  1.00 49.94 ? 384 HOH A O   1 
HETATM 1476 O O   . HOH C 3 .   ? 10.835  8.377   7.974   1.00 32.95 ? 385 HOH A O   1 
HETATM 1477 O O   . HOH C 3 .   ? 10.661  -13.390 -12.403 1.00 46.71 ? 386 HOH A O   1 
HETATM 1478 O O   . HOH C 3 .   ? -13.116 -8.106  19.447  1.00 54.90 ? 387 HOH A O   1 
HETATM 1479 O O   . HOH C 3 .   ? 6.167   7.559   -18.056 1.00 48.07 ? 388 HOH A O   1 
HETATM 1480 O O   . HOH C 3 .   ? 13.124  11.480  4.650   1.00 41.41 ? 389 HOH A O   1 
HETATM 1481 O O   . HOH C 3 .   ? 3.213   -5.457  9.886   1.00 23.72 ? 390 HOH A O   1 
HETATM 1482 O O   . HOH C 3 .   ? 3.974   7.764   12.814  1.00 24.81 ? 391 HOH A O   1 
HETATM 1483 O O   . HOH C 3 .   ? 9.916   9.345   16.976  1.00 31.88 ? 392 HOH A O   1 
HETATM 1484 O O   . HOH C 3 .   ? 0.426   9.029   12.668  1.00 24.94 ? 393 HOH A O   1 
HETATM 1485 O O   . HOH C 3 .   ? 1.991   8.993   16.756  1.00 25.67 ? 394 HOH A O   1 
HETATM 1486 O O   . HOH C 3 .   ? -16.159 12.446  5.562   1.00 40.60 ? 395 HOH A O   1 
HETATM 1487 O O   . HOH C 3 .   ? -9.157  13.119  -6.988  1.00 29.55 ? 396 HOH A O   1 
HETATM 1488 O O   . HOH C 3 .   ? 11.215  4.728   -14.093 1.00 39.66 ? 397 HOH A O   1 
HETATM 1489 O O   . HOH C 3 .   ? 10.911  -8.819  -7.345  1.00 33.31 ? 398 HOH A O   1 
HETATM 1490 O O   . HOH C 3 .   ? -10.892 -17.613 -3.589  1.00 26.92 ? 399 HOH A O   1 
HETATM 1491 O O   . HOH C 3 .   ? -11.505 13.507  -3.513  1.00 44.13 ? 400 HOH A O   1 
HETATM 1492 O O   . HOH C 3 .   ? -8.089  -5.803  -13.602 1.00 45.30 ? 401 HOH A O   1 
HETATM 1493 O O   . HOH C 3 .   ? 19.170  5.264   -2.874  1.00 46.57 ? 402 HOH A O   1 
HETATM 1494 O O   . HOH C 3 .   ? 0.880   15.337  11.414  1.00 37.60 ? 403 HOH A O   1 
HETATM 1495 O O   . HOH C 3 .   ? -8.395  0.678   12.622  1.00 29.30 ? 404 HOH A O   1 
HETATM 1496 O O   . HOH C 3 .   ? 15.369  4.596   -0.562  1.00 30.77 ? 405 HOH A O   1 
HETATM 1497 O O   . HOH C 3 .   ? 10.832  -13.684 7.502   1.00 32.48 ? 406 HOH A O   1 
HETATM 1498 O O   . HOH C 3 .   ? 6.989   -8.328  10.223  1.00 42.00 ? 407 HOH A O   1 
HETATM 1499 O O   . HOH C 3 .   ? -18.296 -3.360  -1.664  1.00 35.97 ? 408 HOH A O   1 
HETATM 1500 O O   . HOH C 3 .   ? 12.733  9.914   6.331   1.00 38.70 ? 409 HOH A O   1 
HETATM 1501 O O   . HOH C 3 .   ? 2.691   -1.512  15.718  1.00 33.98 ? 410 HOH A O   1 
HETATM 1502 O O   . HOH C 3 .   ? 2.699   -13.754 1.091   1.00 30.39 ? 411 HOH A O   1 
HETATM 1503 O O   . HOH C 3 .   ? -11.716 -17.099 -0.308  1.00 54.57 ? 412 HOH A O   1 
HETATM 1504 O O   . HOH C 3 .   ? -0.420  -15.651 -1.105  1.00 44.64 ? 413 HOH A O   1 
HETATM 1505 O O   . HOH C 3 .   ? 8.383   21.268  -1.005  1.00 45.35 ? 414 HOH A O   1 
HETATM 1506 O O   . HOH C 3 .   ? -2.626  -15.383 10.062  1.00 44.96 ? 415 HOH A O   1 
HETATM 1507 O O   . HOH C 3 .   ? 6.243   16.428  -11.451 1.00 44.92 ? 416 HOH A O   1 
HETATM 1508 O O   . HOH C 3 .   ? 21.281  4.303   -15.593 1.00 42.25 ? 417 HOH A O   1 
HETATM 1509 O O   . HOH C 3 .   ? -2.110  3.223   -18.237 1.00 55.53 ? 418 HOH A O   1 
HETATM 1510 O O   . HOH C 3 .   ? 3.692   3.224   20.649  1.00 49.17 ? 419 HOH A O   1 
HETATM 1511 O O   . HOH C 3 .   ? -1.163  3.248   -6.095  1.00 39.50 ? 420 HOH A O   1 
HETATM 1512 O O   . HOH C 3 .   ? -3.915  -15.876 -4.383  1.00 47.98 ? 421 HOH A O   1 
HETATM 1513 O O   . HOH C 3 .   ? 18.028  -1.527  -0.923  1.00 42.86 ? 422 HOH A O   1 
HETATM 1514 O O   . HOH C 3 .   ? 19.405  -1.002  -6.145  1.00 38.82 ? 423 HOH A O   1 
HETATM 1515 O O   . HOH C 3 .   ? -20.940 -6.081  4.368   1.00 41.60 ? 424 HOH A O   1 
HETATM 1516 O O   . HOH C 3 .   ? 10.801  -12.457 -2.216  1.00 42.57 ? 425 HOH A O   1 
HETATM 1517 O O   . HOH C 3 .   ? -22.721 -6.327  12.198  1.00 62.98 ? 426 HOH A O   1 
HETATM 1518 O O   . HOH C 3 .   ? 1.646   -14.043 -6.969  1.00 44.31 ? 427 HOH A O   1 
HETATM 1519 O O   . HOH C 3 .   ? -15.032 1.451   -11.442 1.00 47.00 ? 428 HOH A O   1 
HETATM 1520 O O   . HOH C 3 .   ? -10.067 -5.252  -9.872  1.00 44.52 ? 429 HOH A O   1 
HETATM 1521 O O   . HOH C 3 .   ? 20.402  10.818  -2.729  1.00 54.04 ? 430 HOH A O   1 
HETATM 1522 O O   . HOH C 3 .   ? -12.403 5.115   -11.134 1.00 39.47 ? 431 HOH A O   1 
HETATM 1523 O O   . HOH C 3 .   ? 16.191  -5.387  6.634   1.00 44.19 ? 432 HOH A O   1 
HETATM 1524 O O   . HOH C 3 .   ? 16.298  -4.118  -4.739  1.00 41.17 ? 433 HOH A O   1 
HETATM 1525 O O   . HOH C 3 .   ? -12.856 -16.415 -2.366  1.00 35.16 ? 434 HOH A O   1 
HETATM 1526 O O   . HOH C 3 .   ? 0.386   -13.385 0.087   1.00 53.67 ? 435 HOH A O   1 
HETATM 1527 O O   . HOH C 3 .   ? 8.131   8.733   7.426   1.00 40.50 ? 436 HOH A O   1 
HETATM 1528 O O   . HOH C 3 .   ? -14.157 2.782   9.460   1.00 43.38 ? 437 HOH A O   1 
HETATM 1529 O O   . HOH C 3 .   ? 2.133   16.326  14.045  1.00 33.80 ? 438 HOH A O   1 
HETATM 1530 O O   . HOH C 3 .   ? 5.992   23.067  -7.829  1.00 48.13 ? 439 HOH A O   1 
HETATM 1531 O O   . HOH C 3 .   ? 9.452   6.867   -16.674 1.00 36.15 ? 440 HOH A O   1 
HETATM 1532 O O   . HOH C 3 .   ? -3.553  1.135   -17.401 1.00 42.41 ? 441 HOH A O   1 
HETATM 1533 O O   . HOH C 3 .   ? 8.255   14.315  -6.057  1.00 38.18 ? 442 HOH A O   1 
HETATM 1534 O O   . HOH C 3 .   ? 4.841   6.026   20.300  1.00 42.56 ? 443 HOH A O   1 
HETATM 1535 O O   . HOH C 3 .   ? -20.110 -8.536  4.460   1.00 41.55 ? 444 HOH A O   1 
HETATM 1536 O O   . HOH C 3 .   ? 13.693  9.156   -14.933 1.00 38.47 ? 445 HOH A O   1 
HETATM 1537 O O   . HOH C 3 .   ? 13.154  -12.029 2.672   1.00 47.82 ? 446 HOH A O   1 
HETATM 1538 O O   . HOH C 3 .   ? -5.936  -10.251 18.018  1.00 62.49 ? 447 HOH A O   1 
HETATM 1539 O O   . HOH C 3 .   ? 12.100  13.911  6.116   1.00 52.87 ? 448 HOH A O   1 
HETATM 1540 O O   . HOH C 3 .   ? 16.160  3.438   2.449   1.00 48.99 ? 449 HOH A O   1 
HETATM 1541 O O   . HOH C 3 .   ? -11.168 -18.501 -5.632  1.00 19.21 ? 450 HOH A O   1 
HETATM 1542 O O   . HOH C 3 .   ? -4.458  5.831   19.190  1.00 34.73 ? 451 HOH A O   1 
HETATM 1543 O O   . HOH C 3 .   ? -5.386  -2.314  15.230  1.00 41.29 ? 452 HOH A O   1 
HETATM 1544 O O   . HOH C 3 .   ? 3.470   12.447  12.857  1.00 27.79 ? 453 HOH A O   1 
HETATM 1545 O O   . HOH C 3 .   ? 1.032   -11.914 13.601  1.00 39.16 ? 454 HOH A O   1 
HETATM 1546 O O   . HOH C 3 .   ? -7.310  9.757   17.166  1.00 43.27 ? 455 HOH A O   1 
HETATM 1547 O O   . HOH C 3 .   ? 20.342  -1.305  -10.796 1.00 32.91 ? 456 HOH A O   1 
HETATM 1548 O O   . HOH C 3 .   ? -12.831 -1.742  -7.640  1.00 40.08 ? 457 HOH A O   1 
HETATM 1549 O O   . HOH C 3 .   ? 13.832  -3.262  3.453   1.00 26.41 ? 458 HOH A O   1 
HETATM 1550 O O   . HOH C 3 .   ? 9.348   10.355  -3.304  1.00 42.42 ? 459 HOH A O   1 
HETATM 1551 O O   . HOH C 3 .   ? 7.644   -13.304 5.423   1.00 26.32 ? 460 HOH A O   1 
HETATM 1552 O O   . HOH C 3 .   ? 8.801   -15.213 -11.755 1.00 34.88 ? 461 HOH A O   1 
HETATM 1553 O O   . HOH C 3 .   ? -15.076 -10.553 10.969  1.00 50.98 ? 462 HOH A O   1 
HETATM 1554 O O   . HOH C 3 .   ? 4.171   5.419   -17.167 1.00 52.49 ? 463 HOH A O   1 
HETATM 1555 O O   . HOH C 3 .   ? 11.637  12.320  2.565   1.00 49.76 ? 464 HOH A O   1 
HETATM 1556 O O   . HOH C 3 .   ? -14.627 -6.736  14.339  1.00 59.11 ? 465 HOH A O   1 
HETATM 1557 O O   . HOH C 3 .   ? 3.332   -15.565 -1.192  1.00 44.29 ? 466 HOH A O   1 
HETATM 1558 O O   . HOH C 3 .   ? 4.874   10.215  13.404  1.00 26.99 ? 467 HOH A O   1 
HETATM 1559 O O   . HOH C 3 .   ? 8.991   2.572   -18.505 1.00 39.85 ? 468 HOH A O   1 
HETATM 1560 O O   . HOH C 3 .   ? 19.621  2.566   -1.468  1.00 46.72 ? 469 HOH A O   1 
HETATM 1561 O O   . HOH C 3 .   ? 16.378  -4.167  4.559   1.00 48.32 ? 470 HOH A O   1 
HETATM 1562 O O   . HOH C 3 .   ? -10.013 -3.593  -13.733 1.00 54.17 ? 471 HOH A O   1 
HETATM 1563 O O   . HOH C 3 .   ? 8.033   17.782  -5.082  1.00 59.60 ? 472 HOH A O   1 
HETATM 1564 O O   . HOH C 3 .   ? -4.684  17.578  -1.248  1.00 46.37 ? 473 HOH A O   1 
HETATM 1565 O O   . HOH C 3 .   ? 6.364   -8.667  -15.556 1.00 40.94 ? 474 HOH A O   1 
HETATM 1566 O O   . HOH C 3 .   ? -16.231 -10.442 -5.835  1.00 45.77 ? 475 HOH A O   1 
HETATM 1567 O O   . HOH C 3 .   ? 0.777   -14.150 13.198  1.00 48.02 ? 476 HOH A O   1 
HETATM 1568 O O   . HOH C 3 .   ? 1.623   -3.950  15.763  1.00 45.65 ? 477 HOH A O   1 
HETATM 1569 O O   . HOH C 3 .   ? 11.373  10.411  -2.082  1.00 40.13 ? 478 HOH A O   1 
HETATM 1570 O O   . HOH C 3 .   ? -2.226  -14.145 20.355  1.00 60.95 ? 479 HOH A O   1 
HETATM 1571 O O   . HOH C 3 .   ? 13.990  1.093   9.032   1.00 42.72 ? 480 HOH A O   1 
HETATM 1572 O O   . HOH C 3 .   ? 0.983   11.525  13.504  1.00 26.10 ? 481 HOH A O   1 
HETATM 1573 O O   . HOH C 3 .   ? -0.537  -7.328  -18.902 1.00 46.80 ? 482 HOH A O   1 
HETATM 1574 O O   . HOH C 3 .   ? 4.478   9.267   15.795  1.00 26.14 ? 483 HOH A O   1 
HETATM 1575 O O   . HOH C 3 .   ? -12.721 12.144  8.793   1.00 28.63 ? 484 HOH A O   1 
HETATM 1576 O O   . HOH C 3 .   ? 7.567   6.263   17.015  1.00 30.13 ? 485 HOH A O   1 
# 
